data_6LMX
#
_entry.id   6LMX
#
_cell.length_a   1.00
_cell.length_b   1.00
_cell.length_c   1.00
_cell.angle_alpha   90.00
_cell.angle_beta   90.00
_cell.angle_gamma   90.00
#
_symmetry.space_group_name_H-M   'P 1'
#
_entity_poly.entity_id   1
_entity_poly.type   'polypeptide(L)'
_entity_poly.pdbx_seq_one_letter_code
;MDKFRMMFQFLQSNQESFMNGICGIMALASAQMYSSFEFSCPCMPEYNYTYGIGLLIIPPIWFFLLGFVLNNNVSVLAEE
WKRPTGRRTKDPSVLRYMLCSITQRSLIAPAVWVSVTLMDGKSFLCAFSINLDIEKFGNASLVIGMTETEKLKFLARIPC
KDLFEDNEVRVAATRYIKCISQACGWMFLLMMTFTAFLIRAIRPCFTQASYRQEAYWAQYRANEDQLFQRTAEVHSRVLA
ANNVRRFFGFVALNKDDEELIANFPVEGTQPRPQWNAITGVYLYRENQGLPLYSRLHKWAQGLAGNGAAPDNVEMALLPS
ENLYFQ
;
_entity_poly.pdbx_strand_id   A,B,C,D,E,F,G,H,I
#
# COMPACT_ATOMS: atom_id res chain seq x y z
N GLY A 21 -13.03 6.40 24.13
CA GLY A 21 -13.30 5.77 25.41
C GLY A 21 -14.04 4.46 25.26
N ILE A 22 -14.69 4.01 26.34
CA ILE A 22 -15.52 2.81 26.22
C ILE A 22 -16.82 3.12 25.50
N CYS A 23 -17.28 4.37 25.55
CA CYS A 23 -18.55 4.68 24.91
C CYS A 23 -18.33 5.13 23.48
N GLY A 24 -17.10 5.44 23.12
CA GLY A 24 -16.78 5.59 21.72
C GLY A 24 -16.73 4.25 21.01
N ILE A 25 -16.26 3.21 21.70
CA ILE A 25 -16.17 1.92 21.03
C ILE A 25 -17.52 1.20 21.08
N MET A 26 -18.36 1.49 22.07
CA MET A 26 -19.69 0.90 22.08
C MET A 26 -20.63 1.59 21.12
N ALA A 27 -20.44 2.88 20.85
CA ALA A 27 -21.23 3.49 19.80
C ALA A 27 -20.81 2.97 18.45
N LEU A 28 -19.53 2.66 18.27
CA LEU A 28 -19.08 2.12 17.01
C LEU A 28 -19.47 0.66 16.86
N ALA A 29 -19.52 -0.08 17.97
CA ALA A 29 -19.89 -1.49 17.88
C ALA A 29 -21.39 -1.68 17.69
N SER A 30 -22.19 -0.74 18.18
CA SER A 30 -23.63 -0.85 18.00
C SER A 30 -24.02 -0.59 16.56
N ALA A 31 -23.37 0.36 15.91
CA ALA A 31 -23.60 0.56 14.50
C ALA A 31 -23.00 -0.55 13.67
N GLN A 32 -21.97 -1.22 14.21
CA GLN A 32 -21.32 -2.28 13.44
C GLN A 32 -22.02 -3.61 13.58
N MET A 33 -22.67 -3.86 14.73
CA MET A 33 -23.51 -5.05 14.80
C MET A 33 -24.74 -4.92 13.94
N TYR A 34 -25.23 -3.71 13.72
CA TYR A 34 -26.38 -3.57 12.84
C TYR A 34 -26.00 -3.86 11.41
N SER A 35 -24.79 -3.48 11.00
CA SER A 35 -24.39 -3.73 9.63
C SER A 35 -24.12 -5.19 9.38
N SER A 36 -23.63 -5.93 10.37
CA SER A 36 -23.33 -7.33 10.16
C SER A 36 -24.45 -8.26 10.58
N PHE A 37 -25.47 -7.76 11.26
CA PHE A 37 -26.68 -8.53 11.48
C PHE A 37 -27.40 -8.69 10.16
N GLU A 38 -27.89 -9.87 9.88
CA GLU A 38 -28.67 -10.05 8.66
C GLU A 38 -30.12 -10.18 9.09
N PHE A 39 -30.91 -9.20 8.72
CA PHE A 39 -32.28 -9.13 9.14
C PHE A 39 -33.07 -10.23 8.46
N SER A 40 -33.72 -11.05 9.23
CA SER A 40 -34.40 -12.21 8.69
C SER A 40 -35.83 -12.30 9.14
N CYS A 41 -36.60 -11.27 8.86
CA CYS A 41 -38.00 -11.08 9.20
C CYS A 41 -38.83 -12.26 8.77
N PRO A 42 -39.57 -12.94 9.66
CA PRO A 42 -40.49 -13.98 9.22
C PRO A 42 -41.63 -13.35 8.47
N CYS A 43 -42.44 -14.13 7.79
CA CYS A 43 -43.50 -13.51 7.04
C CYS A 43 -44.85 -13.96 7.56
N MET A 44 -44.95 -14.14 8.78
CA MET A 44 -46.18 -14.61 9.34
C MET A 44 -46.76 -13.53 10.23
N PRO A 45 -48.07 -13.43 10.33
CA PRO A 45 -48.65 -12.31 11.09
C PRO A 45 -48.48 -12.39 12.59
N GLU A 46 -48.40 -13.57 13.19
CA GLU A 46 -48.22 -13.61 14.63
C GLU A 46 -46.77 -13.50 15.04
N TYR A 47 -45.84 -13.65 14.14
CA TYR A 47 -44.44 -13.50 14.45
C TYR A 47 -43.80 -12.33 13.77
N ASN A 48 -44.56 -11.50 13.06
CA ASN A 48 -43.98 -10.29 12.50
C ASN A 48 -43.74 -9.25 13.57
N TYR A 49 -44.76 -8.97 14.38
CA TYR A 49 -44.69 -7.87 15.33
C TYR A 49 -43.63 -8.12 16.39
N THR A 50 -43.56 -9.35 16.91
CA THR A 50 -42.61 -9.60 17.99
C THR A 50 -41.20 -9.71 17.46
N TYR A 51 -41.02 -10.03 16.19
CA TYR A 51 -39.67 -9.99 15.65
C TYR A 51 -39.26 -8.56 15.32
N GLY A 52 -40.16 -7.77 14.77
CA GLY A 52 -39.78 -6.45 14.33
C GLY A 52 -39.57 -5.49 15.48
N ILE A 53 -40.53 -5.43 16.40
CA ILE A 53 -40.43 -4.54 17.54
C ILE A 53 -39.46 -5.11 18.56
N GLY A 54 -39.35 -6.43 18.67
CA GLY A 54 -38.39 -7.02 19.56
C GLY A 54 -36.96 -6.72 19.14
N LEU A 55 -36.74 -6.49 17.87
CA LEU A 55 -35.40 -6.15 17.47
C LEU A 55 -35.12 -4.67 17.65
N LEU A 56 -36.16 -3.89 17.90
CA LEU A 56 -35.95 -2.49 18.25
C LEU A 56 -35.61 -2.35 19.71
N ILE A 57 -36.18 -3.21 20.55
CA ILE A 57 -36.15 -3.04 21.99
C ILE A 57 -35.07 -3.89 22.66
N ILE A 58 -34.98 -5.18 22.35
CA ILE A 58 -34.09 -6.10 23.07
C ILE A 58 -32.60 -5.87 22.80
N PRO A 59 -32.12 -5.40 21.66
CA PRO A 59 -30.73 -5.05 21.61
C PRO A 59 -30.38 -3.72 22.27
N PRO A 60 -31.29 -2.79 22.54
CA PRO A 60 -30.94 -1.77 23.52
C PRO A 60 -30.81 -2.25 24.94
N ILE A 61 -31.64 -3.18 25.41
CA ILE A 61 -31.48 -3.65 26.77
C ILE A 61 -30.20 -4.47 26.90
N TRP A 62 -29.74 -5.08 25.81
CA TRP A 62 -28.45 -5.73 25.88
C TRP A 62 -27.33 -4.71 25.86
N PHE A 63 -27.43 -3.67 25.06
CA PHE A 63 -26.33 -2.71 24.98
C PHE A 63 -26.31 -1.81 26.20
N PHE A 64 -27.38 -1.80 26.97
CA PHE A 64 -27.40 -1.04 28.21
C PHE A 64 -26.75 -1.84 29.34
N LEU A 65 -27.10 -3.11 29.49
CA LEU A 65 -26.47 -3.92 30.52
C LEU A 65 -25.03 -4.25 30.18
N LEU A 66 -24.67 -4.15 28.90
CA LEU A 66 -23.26 -4.21 28.55
C LEU A 66 -22.55 -2.94 28.96
N GLY A 67 -23.29 -1.85 29.09
CA GLY A 67 -22.66 -0.61 29.51
C GLY A 67 -22.50 -0.54 31.01
N PHE A 68 -23.13 -1.45 31.74
CA PHE A 68 -22.85 -1.58 33.16
C PHE A 68 -21.72 -2.55 33.43
N VAL A 69 -21.71 -3.68 32.72
CA VAL A 69 -20.71 -4.71 32.92
C VAL A 69 -19.32 -4.21 32.55
N LEU A 70 -19.20 -3.47 31.47
CA LEU A 70 -17.87 -3.02 31.09
C LEU A 70 -17.50 -1.70 31.76
N ASN A 71 -18.24 -1.25 32.77
CA ASN A 71 -17.88 -0.06 33.52
C ASN A 71 -17.65 -0.43 34.99
N ASN A 72 -16.37 -0.65 35.30
CA ASN A 72 -15.88 -1.24 36.55
C ASN A 72 -16.23 -0.43 37.81
N ASN A 73 -16.63 0.82 37.64
CA ASN A 73 -17.07 1.61 38.78
C ASN A 73 -18.42 1.17 39.33
N VAL A 74 -19.12 0.25 38.65
CA VAL A 74 -20.32 -0.35 39.25
C VAL A 74 -19.90 -1.43 40.24
N SER A 75 -18.71 -2.01 40.07
CA SER A 75 -18.20 -2.94 41.07
C SER A 75 -17.83 -2.20 42.35
N VAL A 76 -17.27 -0.99 42.19
CA VAL A 76 -17.07 -0.11 43.33
C VAL A 76 -18.40 0.29 43.95
N LEU A 77 -19.38 0.63 43.10
CA LEU A 77 -20.71 1.02 43.55
C LEU A 77 -21.41 -0.12 44.26
N ALA A 78 -21.12 -1.35 43.84
CA ALA A 78 -21.75 -2.53 44.41
C ALA A 78 -21.34 -2.72 45.86
N GLU A 79 -20.04 -2.65 46.13
CA GLU A 79 -19.57 -2.88 47.49
C GLU A 79 -19.82 -1.69 48.40
N GLU A 80 -20.08 -0.51 47.85
CA GLU A 80 -20.45 0.59 48.75
C GLU A 80 -21.89 0.51 49.19
N TRP A 81 -22.78 -0.05 48.37
CA TRP A 81 -24.15 -0.21 48.83
C TRP A 81 -24.30 -1.46 49.69
N LYS A 82 -23.31 -2.35 49.65
CA LYS A 82 -23.40 -3.58 50.45
C LYS A 82 -23.19 -3.34 51.94
N ARG A 83 -22.25 -2.46 52.31
CA ARG A 83 -21.93 -2.28 53.72
C ARG A 83 -23.05 -1.50 54.43
N PRO A 84 -23.16 -1.64 55.75
CA PRO A 84 -24.02 -0.73 56.51
C PRO A 84 -23.42 0.66 56.62
N THR A 85 -24.23 1.58 57.14
CA THR A 85 -23.79 2.97 57.27
C THR A 85 -22.78 3.09 58.41
N GLY A 86 -22.00 4.17 58.37
CA GLY A 86 -20.91 4.34 59.31
C GLY A 86 -19.58 3.94 58.70
N ARG A 87 -19.59 2.87 57.91
CA ARG A 87 -18.43 2.43 57.15
C ARG A 87 -18.39 3.03 55.75
N ARG A 88 -19.53 3.52 55.26
CA ARG A 88 -19.68 3.94 53.87
C ARG A 88 -18.87 5.19 53.60
N THR A 89 -18.15 5.19 52.47
CA THR A 89 -17.15 6.18 52.16
C THR A 89 -17.69 7.39 51.39
N LYS A 90 -18.92 7.33 50.91
CA LYS A 90 -19.53 8.43 50.19
C LYS A 90 -20.80 8.88 50.91
N ASP A 91 -21.30 10.03 50.54
CA ASP A 91 -22.66 10.38 50.91
C ASP A 91 -23.64 9.64 50.00
N PRO A 92 -24.93 9.45 50.43
CA PRO A 92 -25.88 8.80 49.52
C PRO A 92 -26.24 9.65 48.33
N SER A 93 -25.97 10.96 48.41
CA SER A 93 -26.02 11.84 47.26
C SER A 93 -24.76 11.79 46.41
N VAL A 94 -23.72 11.09 46.86
CA VAL A 94 -22.55 10.84 46.03
C VAL A 94 -22.60 9.46 45.39
N LEU A 95 -23.21 8.50 46.09
CA LEU A 95 -23.49 7.21 45.45
C LEU A 95 -24.55 7.38 44.36
N ARG A 96 -25.51 8.29 44.57
CA ARG A 96 -26.49 8.57 43.54
C ARG A 96 -25.88 9.32 42.36
N TYR A 97 -24.75 10.01 42.56
CA TYR A 97 -24.12 10.65 41.41
C TYR A 97 -23.39 9.62 40.56
N MET A 98 -22.81 8.60 41.21
CA MET A 98 -22.14 7.55 40.45
C MET A 98 -23.14 6.77 39.60
N LEU A 99 -24.35 6.60 40.14
CA LEU A 99 -25.44 6.01 39.39
C LEU A 99 -25.80 6.82 38.16
N CYS A 100 -25.88 8.14 38.30
CA CYS A 100 -26.34 8.96 37.19
C CYS A 100 -25.27 9.14 36.13
N SER A 101 -23.99 9.15 36.50
CA SER A 101 -22.98 9.29 35.45
C SER A 101 -22.73 7.98 34.73
N ILE A 102 -22.91 6.84 35.40
CA ILE A 102 -22.72 5.56 34.74
C ILE A 102 -23.94 5.23 33.88
N THR A 103 -25.10 5.81 34.23
CA THR A 103 -26.27 5.63 33.39
C THR A 103 -26.16 6.46 32.13
N GLN A 104 -25.98 7.78 32.25
CA GLN A 104 -26.01 8.63 31.06
C GLN A 104 -24.73 8.54 30.25
N ARG A 105 -23.78 7.72 30.67
CA ARG A 105 -22.73 7.32 29.73
C ARG A 105 -23.19 6.13 28.92
N SER A 106 -23.82 5.16 29.57
CA SER A 106 -24.17 3.89 28.93
C SER A 106 -25.40 3.96 28.06
N LEU A 107 -26.05 5.11 27.94
CA LEU A 107 -27.20 5.31 27.07
C LEU A 107 -26.81 5.84 25.70
N ILE A 108 -25.61 5.59 25.22
CA ILE A 108 -25.26 6.03 23.88
C ILE A 108 -25.31 4.88 22.90
N ALA A 109 -24.83 3.71 23.29
CA ALA A 109 -24.98 2.56 22.42
C ALA A 109 -26.40 2.04 22.27
N PRO A 110 -27.31 2.16 23.24
CA PRO A 110 -28.71 1.98 22.89
C PRO A 110 -29.20 2.95 21.87
N ALA A 111 -28.95 4.24 22.07
CA ALA A 111 -29.60 5.24 21.23
C ALA A 111 -28.93 5.37 19.88
N VAL A 112 -27.76 4.79 19.70
CA VAL A 112 -27.25 4.64 18.34
C VAL A 112 -27.90 3.45 17.65
N TRP A 113 -28.25 2.40 18.40
CA TRP A 113 -28.97 1.30 17.77
C TRP A 113 -30.39 1.70 17.40
N VAL A 114 -31.09 2.42 18.27
CA VAL A 114 -32.47 2.75 17.97
C VAL A 114 -32.53 3.79 16.87
N SER A 115 -31.50 4.61 16.72
CA SER A 115 -31.57 5.58 15.63
C SER A 115 -31.17 4.96 14.30
N VAL A 116 -30.19 4.06 14.30
CA VAL A 116 -29.78 3.40 13.07
C VAL A 116 -30.85 2.44 12.59
N THR A 117 -31.55 1.77 13.52
CA THR A 117 -32.65 0.91 13.13
C THR A 117 -33.82 1.69 12.60
N LEU A 118 -34.03 2.90 13.10
CA LEU A 118 -35.18 3.65 12.62
C LEU A 118 -34.89 4.36 11.32
N MET A 119 -33.64 4.77 11.06
CA MET A 119 -33.36 5.35 9.76
C MET A 119 -33.37 4.31 8.67
N ASP A 120 -33.08 3.06 9.00
CA ASP A 120 -33.02 2.03 7.98
C ASP A 120 -34.40 1.50 7.67
N GLY A 121 -35.31 1.57 8.62
CA GLY A 121 -36.68 1.27 8.37
C GLY A 121 -37.01 -0.18 8.14
N LYS A 122 -36.09 -1.09 8.40
CA LYS A 122 -36.38 -2.50 8.20
C LYS A 122 -37.25 -3.04 9.32
N SER A 123 -37.13 -2.47 10.50
CA SER A 123 -37.88 -2.99 11.62
C SER A 123 -39.30 -2.43 11.69
N PHE A 124 -39.53 -1.20 11.23
CA PHE A 124 -40.92 -0.78 11.10
C PHE A 124 -41.61 -1.48 9.97
N LEU A 125 -40.86 -1.88 8.95
CA LEU A 125 -41.47 -2.56 7.82
C LEU A 125 -41.89 -3.97 8.18
N CYS A 126 -41.09 -4.66 8.99
CA CYS A 126 -41.47 -5.98 9.45
C CYS A 126 -42.63 -5.89 10.42
N ALA A 127 -42.60 -4.93 11.32
CA ALA A 127 -43.54 -4.95 12.42
C ALA A 127 -44.90 -4.45 12.02
N PHE A 128 -44.96 -3.49 11.10
CA PHE A 128 -46.18 -2.72 10.88
C PHE A 128 -46.78 -2.96 9.50
N SER A 129 -46.30 -3.93 8.75
CA SER A 129 -46.86 -4.14 7.43
C SER A 129 -48.05 -5.07 7.42
N ILE A 130 -48.56 -5.50 8.57
CA ILE A 130 -49.84 -6.17 8.61
C ILE A 130 -50.94 -5.18 8.95
N ASN A 131 -50.58 -3.91 9.14
CA ASN A 131 -51.47 -2.85 9.56
C ASN A 131 -51.82 -1.91 8.41
N LEU A 132 -51.27 -2.17 7.24
CA LEU A 132 -51.40 -1.27 6.11
C LEU A 132 -52.81 -1.28 5.56
N ASP A 133 -53.11 -0.26 4.78
CA ASP A 133 -54.29 -0.22 3.93
C ASP A 133 -53.78 -0.41 2.51
N ILE A 134 -54.03 -1.58 1.94
CA ILE A 134 -53.39 -1.92 0.68
C ILE A 134 -54.11 -1.25 -0.49
N GLU A 135 -55.23 -0.60 -0.22
CA GLU A 135 -55.91 0.16 -1.26
C GLU A 135 -55.11 1.38 -1.67
N LYS A 136 -54.31 1.94 -0.76
CA LYS A 136 -53.66 3.22 -1.02
C LYS A 136 -52.49 3.15 -1.96
N PHE A 137 -51.95 1.96 -2.24
CA PHE A 137 -50.72 1.87 -3.02
C PHE A 137 -50.90 1.22 -4.37
N GLY A 138 -51.96 0.46 -4.61
CA GLY A 138 -52.09 -0.19 -5.89
C GLY A 138 -53.37 -0.96 -6.13
N ASN A 139 -53.22 -2.16 -6.70
CA ASN A 139 -54.31 -3.00 -7.13
C ASN A 139 -55.18 -3.46 -5.97
N ALA A 140 -56.42 -2.95 -5.91
CA ALA A 140 -57.33 -3.37 -4.85
C ALA A 140 -57.84 -4.78 -5.08
N SER A 141 -57.78 -5.28 -6.31
CA SER A 141 -58.22 -6.63 -6.63
C SER A 141 -57.17 -7.68 -6.30
N LEU A 142 -56.06 -7.32 -5.68
CA LEU A 142 -55.17 -8.31 -5.09
C LEU A 142 -55.84 -9.02 -3.94
N VAL A 143 -56.60 -8.29 -3.14
CA VAL A 143 -57.12 -8.81 -1.89
C VAL A 143 -58.63 -9.06 -1.91
N ILE A 144 -59.34 -8.63 -2.94
CA ILE A 144 -60.75 -8.95 -3.00
C ILE A 144 -60.90 -10.38 -3.48
N GLY A 145 -61.32 -11.26 -2.59
CA GLY A 145 -61.35 -12.67 -2.86
C GLY A 145 -60.59 -13.53 -1.88
N MET A 146 -60.00 -12.94 -0.84
CA MET A 146 -59.38 -13.73 0.21
C MET A 146 -59.98 -13.40 1.57
N THR A 147 -59.96 -14.39 2.45
CA THR A 147 -60.47 -14.27 3.81
C THR A 147 -59.50 -13.41 4.61
N GLU A 148 -59.92 -13.00 5.82
CA GLU A 148 -59.09 -12.13 6.65
C GLU A 148 -57.85 -12.84 7.15
N THR A 149 -57.89 -14.17 7.25
CA THR A 149 -56.65 -14.88 7.54
C THR A 149 -55.71 -14.80 6.34
N GLU A 150 -56.24 -14.97 5.13
CA GLU A 150 -55.38 -14.89 3.96
C GLU A 150 -55.05 -13.46 3.62
N LYS A 151 -55.87 -12.52 4.11
CA LYS A 151 -55.56 -11.10 3.95
C LYS A 151 -54.30 -10.73 4.71
N LEU A 152 -54.20 -11.17 5.97
CA LEU A 152 -53.01 -10.92 6.76
C LEU A 152 -51.82 -11.66 6.18
N LYS A 153 -52.02 -12.88 5.67
CA LYS A 153 -50.90 -13.64 5.15
C LYS A 153 -50.41 -13.06 3.84
N PHE A 154 -51.25 -12.33 3.13
CA PHE A 154 -50.81 -11.61 1.95
C PHE A 154 -49.99 -10.40 2.34
N LEU A 155 -50.47 -9.66 3.34
CA LEU A 155 -49.85 -8.40 3.72
C LEU A 155 -48.54 -8.63 4.44
N ALA A 156 -48.46 -9.72 5.21
CA ALA A 156 -47.31 -9.96 6.07
C ALA A 156 -46.05 -10.29 5.31
N ARG A 157 -46.15 -10.69 4.06
CA ARG A 157 -44.98 -11.04 3.28
C ARG A 157 -44.38 -9.85 2.55
N ILE A 158 -44.94 -8.64 2.76
CA ILE A 158 -44.35 -7.42 2.17
C ILE A 158 -42.89 -7.17 2.54
N PRO A 159 -42.42 -7.37 3.79
CA PRO A 159 -40.98 -7.21 4.02
C PRO A 159 -40.14 -8.23 3.31
N CYS A 160 -40.69 -9.43 3.15
CA CYS A 160 -39.98 -10.58 2.63
C CYS A 160 -39.89 -10.43 1.12
N LYS A 161 -38.72 -9.99 0.68
CA LYS A 161 -38.52 -9.50 -0.69
C LYS A 161 -38.75 -10.57 -1.74
N ASP A 162 -38.35 -11.80 -1.45
CA ASP A 162 -38.44 -12.93 -2.36
C ASP A 162 -39.64 -13.83 -2.11
N LEU A 163 -40.64 -13.37 -1.39
CA LEU A 163 -41.89 -14.08 -1.23
C LEU A 163 -43.09 -13.30 -1.73
N PHE A 164 -42.87 -12.06 -2.15
CA PHE A 164 -43.95 -11.22 -2.61
C PHE A 164 -43.83 -11.03 -4.12
N GLU A 165 -44.94 -11.28 -4.81
CA GLU A 165 -44.93 -11.34 -6.27
C GLU A 165 -45.16 -10.00 -6.93
N ASP A 166 -45.94 -9.12 -6.30
CA ASP A 166 -46.18 -7.78 -6.82
C ASP A 166 -44.97 -6.94 -6.48
N ASN A 167 -44.48 -6.20 -7.45
CA ASN A 167 -43.34 -5.34 -7.15
C ASN A 167 -43.75 -3.88 -7.12
N GLU A 168 -44.97 -3.54 -7.54
CA GLU A 168 -45.38 -2.15 -7.47
C GLU A 168 -45.96 -1.82 -6.10
N VAL A 169 -46.73 -2.73 -5.53
CA VAL A 169 -47.29 -2.45 -4.21
C VAL A 169 -46.31 -2.84 -3.15
N ARG A 170 -45.28 -3.59 -3.50
CA ARG A 170 -44.20 -3.79 -2.55
C ARG A 170 -43.35 -2.55 -2.48
N VAL A 171 -43.01 -1.96 -3.62
CA VAL A 171 -42.13 -0.80 -3.60
C VAL A 171 -42.85 0.41 -3.03
N ALA A 172 -44.16 0.49 -3.26
CA ALA A 172 -44.90 1.62 -2.72
C ALA A 172 -45.12 1.51 -1.22
N ALA A 173 -45.16 0.29 -0.68
CA ALA A 173 -45.40 0.16 0.75
C ALA A 173 -44.11 0.14 1.54
N THR A 174 -43.03 -0.40 1.00
CA THR A 174 -41.78 -0.28 1.74
C THR A 174 -41.20 1.10 1.65
N ARG A 175 -41.73 1.95 0.79
CA ARG A 175 -41.29 3.34 0.74
C ARG A 175 -42.06 4.18 1.71
N TYR A 176 -43.32 3.86 1.93
CA TYR A 176 -44.16 4.57 2.87
C TYR A 176 -43.76 4.30 4.30
N ILE A 177 -43.37 3.05 4.62
CA ILE A 177 -43.01 2.76 5.99
C ILE A 177 -41.53 3.01 6.22
N LYS A 178 -40.72 3.08 5.20
CA LYS A 178 -39.38 3.58 5.43
C LYS A 178 -39.39 5.08 5.64
N CYS A 179 -40.37 5.79 5.07
CA CYS A 179 -40.54 7.21 5.36
C CYS A 179 -40.96 7.45 6.79
N ILE A 180 -42.03 6.80 7.24
CA ILE A 180 -42.54 7.03 8.60
C ILE A 180 -41.56 6.54 9.63
N SER A 181 -40.73 5.56 9.27
CA SER A 181 -39.66 5.16 10.16
C SER A 181 -38.55 6.20 10.22
N GLN A 182 -38.35 6.95 9.14
CA GLN A 182 -37.33 8.00 9.20
C GLN A 182 -37.87 9.25 9.85
N ALA A 183 -39.18 9.45 9.81
CA ALA A 183 -39.76 10.53 10.59
C ALA A 183 -39.66 10.26 12.06
N CYS A 184 -39.87 9.01 12.48
CA CYS A 184 -39.72 8.67 13.89
C CYS A 184 -38.27 8.56 14.27
N GLY A 185 -37.38 8.39 13.31
CA GLY A 185 -35.97 8.37 13.63
C GLY A 185 -35.40 9.75 13.85
N TRP A 186 -35.98 10.77 13.21
CA TRP A 186 -35.52 12.13 13.45
C TRP A 186 -36.19 12.74 14.65
N MET A 187 -37.44 12.43 14.92
CA MET A 187 -38.05 12.91 16.14
C MET A 187 -37.53 12.18 17.37
N PHE A 188 -36.86 11.05 17.19
CA PHE A 188 -36.18 10.42 18.31
C PHE A 188 -34.85 11.10 18.57
N LEU A 189 -34.10 11.41 17.52
CA LEU A 189 -32.82 12.09 17.69
C LEU A 189 -33.01 13.51 18.18
N LEU A 190 -34.19 14.07 17.98
CA LEU A 190 -34.46 15.41 18.44
C LEU A 190 -34.94 15.41 19.87
N MET A 191 -35.54 14.32 20.32
CA MET A 191 -35.93 14.29 21.73
C MET A 191 -34.85 13.67 22.59
N MET A 192 -33.90 12.96 21.99
CA MET A 192 -32.72 12.56 22.73
C MET A 192 -31.74 13.72 22.87
N THR A 193 -31.55 14.52 21.82
CA THR A 193 -30.61 15.62 21.92
C THR A 193 -31.19 16.76 22.75
N PHE A 194 -32.49 16.97 22.71
CA PHE A 194 -33.05 18.01 23.56
C PHE A 194 -33.11 17.55 25.02
N THR A 195 -33.08 16.26 25.27
CA THR A 195 -32.93 15.81 26.65
C THR A 195 -31.51 16.00 27.15
N ALA A 196 -30.51 15.61 26.36
CA ALA A 196 -29.12 15.74 26.79
C ALA A 196 -28.69 17.20 26.85
N PHE A 197 -29.40 18.08 26.14
CA PHE A 197 -29.13 19.50 26.27
C PHE A 197 -29.76 20.05 27.54
N LEU A 198 -30.82 19.40 28.02
CA LEU A 198 -31.39 19.84 29.28
C LEU A 198 -30.56 19.38 30.46
N ILE A 199 -29.77 18.32 30.30
CA ILE A 199 -28.93 17.94 31.42
C ILE A 199 -27.54 18.58 31.37
N ARG A 200 -27.14 19.16 30.24
CA ARG A 200 -25.99 20.08 30.28
C ARG A 200 -26.41 21.47 30.74
N ALA A 201 -27.69 21.68 31.01
CA ALA A 201 -28.11 22.95 31.59
C ALA A 201 -28.61 22.79 33.02
N ILE A 202 -28.79 21.56 33.51
CA ILE A 202 -29.29 21.37 34.88
C ILE A 202 -28.31 20.59 35.77
N ARG A 203 -27.84 19.43 35.31
CA ARG A 203 -27.10 18.45 36.12
C ARG A 203 -25.78 18.89 36.76
N PRO A 204 -25.03 19.89 36.23
CA PRO A 204 -23.95 20.49 37.04
C PRO A 204 -24.38 21.07 38.39
N CYS A 205 -25.63 21.53 38.53
CA CYS A 205 -26.16 21.91 39.83
C CYS A 205 -26.64 20.72 40.64
N PHE A 206 -26.77 19.55 40.02
CA PHE A 206 -27.09 18.33 40.76
C PHE A 206 -25.84 17.72 41.37
N THR A 207 -24.71 17.82 40.65
CA THR A 207 -23.45 17.30 41.17
C THR A 207 -22.92 18.16 42.32
N GLN A 208 -22.93 19.49 42.14
CA GLN A 208 -22.57 20.50 43.15
C GLN A 208 -21.15 20.32 43.67
N ALA A 209 -20.20 20.09 42.75
CA ALA A 209 -18.77 19.94 43.04
C ALA A 209 -18.49 18.80 44.01
N SER A 210 -19.27 17.73 43.91
CA SER A 210 -18.99 16.51 44.64
C SER A 210 -18.13 15.54 43.85
N TYR A 211 -17.82 15.88 42.59
CA TYR A 211 -17.02 15.00 41.75
C TYR A 211 -15.56 15.00 42.21
N ARG A 212 -15.17 16.01 42.99
CA ARG A 212 -13.81 16.07 43.52
C ARG A 212 -13.60 15.01 44.60
N GLN A 213 -14.61 14.80 45.45
CA GLN A 213 -14.53 13.71 46.43
C GLN A 213 -14.65 12.36 45.73
N GLU A 214 -15.33 12.32 44.59
CA GLU A 214 -15.30 11.12 43.77
C GLU A 214 -13.92 10.91 43.14
N ALA A 215 -13.30 12.00 42.68
CA ALA A 215 -11.99 11.89 42.03
C ALA A 215 -10.89 11.68 43.05
N TYR A 216 -11.11 12.12 44.29
CA TYR A 216 -10.15 11.81 45.36
C TYR A 216 -10.24 10.35 45.76
N TRP A 217 -11.46 9.80 45.81
CA TRP A 217 -11.60 8.38 46.09
C TRP A 217 -11.16 7.55 44.89
N ALA A 218 -11.26 8.09 43.68
CA ALA A 218 -10.74 7.42 42.49
C ALA A 218 -9.23 7.32 42.54
N GLN A 219 -8.57 8.39 42.93
CA GLN A 219 -7.11 8.37 43.02
C GLN A 219 -6.66 7.58 44.25
N TYR A 220 -7.48 7.56 45.30
CA TYR A 220 -7.13 6.79 46.50
C TYR A 220 -7.17 5.31 46.24
N ARG A 221 -8.11 4.85 45.41
CA ARG A 221 -8.17 3.45 45.08
C ARG A 221 -7.02 3.06 44.15
N ALA A 222 -6.70 3.92 43.19
CA ALA A 222 -5.74 3.54 42.15
C ALA A 222 -4.33 3.43 42.71
N ASN A 223 -3.92 4.39 43.56
CA ASN A 223 -2.59 4.32 44.13
C ASN A 223 -2.49 3.28 45.23
N GLU A 224 -3.61 2.92 45.86
CA GLU A 224 -3.56 1.88 46.90
C GLU A 224 -3.29 0.52 46.29
N ASP A 225 -3.79 0.29 45.07
CA ASP A 225 -3.47 -0.95 44.38
C ASP A 225 -2.04 -0.93 43.87
N GLN A 226 -1.56 0.24 43.42
CA GLN A 226 -0.19 0.31 42.93
C GLN A 226 0.82 0.23 44.07
N LEU A 227 0.50 0.80 45.22
CA LEU A 227 1.38 0.65 46.38
C LEU A 227 1.32 -0.78 46.92
N PHE A 228 0.18 -1.45 46.75
CA PHE A 228 0.12 -2.89 47.01
C PHE A 228 0.96 -3.67 46.02
N GLN A 229 1.16 -3.15 44.81
CA GLN A 229 2.00 -3.84 43.83
C GLN A 229 3.46 -3.81 44.26
N ARG A 230 3.96 -2.62 44.59
CA ARG A 230 5.38 -2.47 44.94
C ARG A 230 5.72 -3.16 46.26
N THR A 231 4.79 -3.12 47.21
CA THR A 231 5.03 -3.74 48.51
C THR A 231 4.99 -5.26 48.42
N ALA A 232 4.04 -5.82 47.65
CA ALA A 232 3.99 -7.27 47.53
C ALA A 232 5.14 -7.79 46.67
N GLU A 233 5.58 -6.99 45.69
CA GLU A 233 6.72 -7.39 44.89
C GLU A 233 8.01 -7.34 45.70
N VAL A 234 8.10 -6.39 46.64
CA VAL A 234 9.24 -6.35 47.54
C VAL A 234 9.16 -7.48 48.56
N HIS A 235 7.94 -7.80 49.00
CA HIS A 235 7.75 -8.97 49.86
C HIS A 235 8.02 -10.26 49.09
N SER A 236 7.75 -10.24 47.78
CA SER A 236 8.14 -11.34 46.92
C SER A 236 9.65 -11.44 46.78
N ARG A 237 10.36 -10.31 46.76
CA ARG A 237 11.81 -10.35 46.69
C ARG A 237 12.42 -11.00 47.92
N VAL A 238 11.80 -10.81 49.09
CA VAL A 238 12.31 -11.40 50.31
C VAL A 238 12.14 -12.92 50.28
N LEU A 239 10.96 -13.40 49.88
CA LEU A 239 10.71 -14.83 49.89
C LEU A 239 11.44 -15.53 48.75
N ALA A 240 11.68 -14.83 47.63
CA ALA A 240 12.34 -15.47 46.50
C ALA A 240 13.82 -15.69 46.76
N ALA A 241 14.45 -14.78 47.51
CA ALA A 241 15.87 -14.93 47.82
C ALA A 241 16.10 -16.10 48.78
N ASN A 242 15.23 -16.27 49.76
CA ASN A 242 15.35 -17.43 50.66
C ASN A 242 15.05 -18.73 49.92
N ASN A 243 14.13 -18.69 48.95
CA ASN A 243 13.78 -19.90 48.23
C ASN A 243 14.84 -20.28 47.21
N VAL A 244 15.57 -19.29 46.67
CA VAL A 244 16.59 -19.61 45.68
C VAL A 244 17.83 -20.18 46.35
N ARG A 245 18.14 -19.72 47.57
CA ARG A 245 19.27 -20.28 48.32
C ARG A 245 18.98 -21.71 48.72
N ARG A 246 17.72 -22.02 48.99
CA ARG A 246 17.34 -23.41 49.23
C ARG A 246 17.21 -24.19 47.93
N PHE A 247 17.15 -23.51 46.79
CA PHE A 247 16.89 -24.18 45.52
C PHE A 247 18.06 -25.01 45.00
N PHE A 248 19.16 -24.37 44.61
CA PHE A 248 20.30 -25.13 44.11
C PHE A 248 21.44 -25.07 45.12
N GLY A 249 21.37 -24.13 46.05
CA GLY A 249 22.46 -23.84 46.96
C GLY A 249 23.07 -22.49 46.68
N PHE A 250 22.26 -21.53 46.23
CA PHE A 250 22.78 -20.24 45.82
C PHE A 250 21.74 -19.13 45.90
N VAL A 251 22.08 -18.02 46.55
CA VAL A 251 21.24 -16.82 46.60
C VAL A 251 21.92 -15.76 45.74
N ALA A 252 21.17 -15.18 44.81
CA ALA A 252 21.75 -14.27 43.83
C ALA A 252 20.80 -13.14 43.51
N LEU A 253 21.34 -11.92 43.46
CA LEU A 253 20.56 -10.71 43.23
C LEU A 253 21.33 -9.72 42.38
N ASN A 254 20.74 -9.37 41.25
CA ASN A 254 21.14 -8.28 40.37
C ASN A 254 20.59 -6.98 40.94
N LYS A 255 20.40 -5.97 40.08
CA LYS A 255 19.74 -4.72 40.47
C LYS A 255 18.27 -4.86 40.88
N ASP A 256 17.74 -6.09 40.92
CA ASP A 256 16.56 -6.43 41.70
C ASP A 256 16.81 -6.38 43.21
N ASP A 257 18.07 -6.26 43.64
CA ASP A 257 18.39 -5.98 45.04
C ASP A 257 18.22 -4.51 45.40
N GLU A 258 18.00 -3.64 44.41
CA GLU A 258 17.87 -2.21 44.66
C GLU A 258 16.60 -1.86 45.40
N GLU A 259 15.56 -2.68 45.27
CA GLU A 259 14.39 -2.53 46.13
C GLU A 259 14.54 -3.35 47.41
N LEU A 260 15.45 -4.32 47.42
CA LEU A 260 15.68 -5.14 48.60
C LEU A 260 16.46 -4.37 49.67
N GLY B 21 -11.11 21.42 14.50
CA GLY B 21 -11.81 21.63 15.76
C GLY B 21 -13.07 20.80 15.86
N ILE B 22 -13.99 21.20 16.74
CA ILE B 22 -15.27 20.51 16.80
C ILE B 22 -16.16 20.91 15.64
N CYS B 23 -15.95 22.10 15.07
CA CYS B 23 -16.82 22.54 13.99
C CYS B 23 -16.24 22.14 12.65
N GLY B 24 -14.97 21.75 12.63
CA GLY B 24 -14.45 21.09 11.46
C GLY B 24 -14.97 19.68 11.33
N ILE B 25 -15.16 18.98 12.45
CA ILE B 25 -15.64 17.61 12.37
C ILE B 25 -17.16 17.58 12.23
N MET B 26 -17.86 18.60 12.72
CA MET B 26 -19.30 18.64 12.50
C MET B 26 -19.65 19.10 11.10
N ALA B 27 -18.82 19.92 10.47
CA ALA B 27 -19.08 20.22 9.07
C ALA B 27 -18.80 19.01 8.21
N LEU B 28 -17.83 18.20 8.59
CA LEU B 28 -17.54 16.99 7.83
C LEU B 28 -18.58 15.91 8.09
N ALA B 29 -19.12 15.86 9.31
CA ALA B 29 -20.12 14.84 9.62
C ALA B 29 -21.48 15.18 9.03
N SER B 30 -21.77 16.45 8.86
CA SER B 30 -23.05 16.84 8.26
C SER B 30 -23.09 16.52 6.78
N ALA B 31 -21.97 16.72 6.09
CA ALA B 31 -21.90 16.31 4.70
C ALA B 31 -21.82 14.79 4.59
N GLN B 32 -21.32 14.12 5.63
CA GLN B 32 -21.19 12.67 5.56
C GLN B 32 -22.47 11.96 5.93
N MET B 33 -23.29 12.54 6.80
CA MET B 33 -24.61 11.95 7.02
C MET B 33 -25.49 12.12 5.81
N TYR B 34 -25.30 13.18 5.02
CA TYR B 34 -26.11 13.31 3.82
C TYR B 34 -25.75 12.25 2.81
N SER B 35 -24.47 11.91 2.71
CA SER B 35 -24.07 10.91 1.73
C SER B 35 -24.53 9.51 2.13
N SER B 36 -24.59 9.22 3.42
CA SER B 36 -24.98 7.88 3.83
C SER B 36 -26.46 7.77 4.17
N PHE B 37 -27.18 8.88 4.25
CA PHE B 37 -28.63 8.85 4.32
C PHE B 37 -29.16 8.36 2.98
N GLU B 38 -30.13 7.48 3.00
CA GLU B 38 -30.74 7.06 1.75
C GLU B 38 -32.11 7.71 1.70
N PHE B 39 -32.27 8.62 0.76
CA PHE B 39 -33.48 9.40 0.64
C PHE B 39 -34.60 8.51 0.18
N SER B 40 -35.67 8.46 0.95
CA SER B 40 -36.75 7.54 0.67
C SER B 40 -38.08 8.23 0.62
N CYS B 41 -38.20 9.21 -0.25
CA CYS B 41 -39.37 10.07 -0.48
C CYS B 41 -40.62 9.25 -0.70
N PRO B 42 -41.68 9.41 0.07
CA PRO B 42 -42.93 8.73 -0.24
C PRO B 42 -43.52 9.31 -1.49
N CYS B 43 -44.52 8.67 -2.07
CA CYS B 43 -45.04 9.22 -3.30
C CYS B 43 -46.49 9.62 -3.13
N MET B 44 -46.81 10.10 -2.03
CA MET B 44 -48.17 10.47 -1.78
C MET B 44 -48.25 11.96 -1.59
N PRO B 45 -49.35 12.59 -1.96
CA PRO B 45 -49.40 14.05 -1.89
C PRO B 45 -49.47 14.64 -0.49
N GLU B 46 -50.06 13.95 0.47
CA GLU B 46 -50.10 14.53 1.81
C GLU B 46 -48.84 14.26 2.61
N TYR B 47 -48.01 13.35 2.17
CA TYR B 47 -46.76 13.08 2.86
C TYR B 47 -45.55 13.44 2.05
N ASN B 48 -45.72 14.06 0.88
CA ASN B 48 -44.55 14.54 0.16
C ASN B 48 -43.97 15.78 0.79
N TYR B 49 -44.81 16.77 1.07
CA TYR B 49 -44.33 18.06 1.53
C TYR B 49 -43.67 17.96 2.89
N THR B 50 -44.27 17.21 3.80
CA THR B 50 -43.72 17.13 5.15
C THR B 50 -42.48 16.27 5.20
N TYR B 51 -42.33 15.35 4.26
CA TYR B 51 -41.07 14.62 4.21
C TYR B 51 -39.98 15.43 3.55
N GLY B 52 -40.31 16.15 2.49
CA GLY B 52 -39.27 16.85 1.76
C GLY B 52 -38.77 18.07 2.49
N ILE B 53 -39.69 18.92 2.95
CA ILE B 53 -39.30 20.12 3.67
C ILE B 53 -38.86 19.78 5.08
N GLY B 54 -39.43 18.73 5.67
CA GLY B 54 -39.00 18.31 6.99
C GLY B 54 -37.58 17.81 6.99
N LEU B 55 -37.11 17.32 5.85
CA LEU B 55 -35.74 16.88 5.84
C LEU B 55 -34.80 18.05 5.55
N LEU B 56 -35.34 19.18 5.16
CA LEU B 56 -34.51 20.36 5.02
C LEU B 56 -34.33 21.04 6.36
N ILE B 57 -35.35 20.98 7.21
CA ILE B 57 -35.43 21.77 8.42
C ILE B 57 -34.99 20.99 9.66
N ILE B 58 -35.50 19.78 9.89
CA ILE B 58 -35.28 19.06 11.13
C ILE B 58 -33.85 18.55 11.31
N PRO B 59 -33.07 18.19 10.31
CA PRO B 59 -31.68 17.91 10.59
C PRO B 59 -30.80 19.14 10.81
N PRO B 60 -31.18 20.36 10.42
CA PRO B 60 -30.49 21.50 11.02
C PRO B 60 -30.79 21.74 12.47
N ILE B 61 -32.03 21.54 12.94
CA ILE B 61 -32.29 21.74 14.35
C ILE B 61 -31.59 20.67 15.18
N TRP B 62 -31.37 19.50 14.60
CA TRP B 62 -30.57 18.51 15.31
C TRP B 62 -29.11 18.88 15.31
N PHE B 63 -28.58 19.37 14.20
CA PHE B 63 -27.16 19.68 14.15
C PHE B 63 -26.85 20.96 14.89
N PHE B 64 -27.87 21.74 15.21
CA PHE B 64 -27.67 22.93 16.02
C PHE B 64 -27.64 22.59 17.49
N LEU B 65 -28.58 21.77 17.97
CA LEU B 65 -28.56 21.37 19.37
C LEU B 65 -27.43 20.40 19.66
N LEU B 66 -26.92 19.74 18.63
CA LEU B 66 -25.68 18.98 18.80
C LEU B 66 -24.50 19.93 18.95
N GLY B 67 -24.62 21.14 18.42
CA GLY B 67 -23.53 22.07 18.56
C GLY B 67 -23.54 22.78 19.90
N PHE B 68 -24.62 22.64 20.64
CA PHE B 68 -24.62 23.10 22.03
C PHE B 68 -24.15 22.01 22.98
N VAL B 69 -24.60 20.78 22.77
CA VAL B 69 -24.27 19.67 23.65
C VAL B 69 -22.78 19.35 23.60
N LEU B 70 -22.18 19.40 22.42
CA LEU B 70 -20.76 19.06 22.37
C LEU B 70 -19.87 20.28 22.61
N ASN B 71 -20.43 21.40 23.09
CA ASN B 71 -19.62 22.57 23.43
C ASN B 71 -19.78 22.87 24.92
N ASN B 72 -18.83 22.35 25.70
CA ASN B 72 -18.84 22.29 27.16
C ASN B 72 -18.91 23.65 27.85
N ASN B 73 -18.62 24.72 27.13
CA ASN B 73 -18.75 26.06 27.69
C ASN B 73 -20.21 26.48 27.88
N VAL B 74 -21.18 25.71 27.40
CA VAL B 74 -22.58 25.97 27.74
C VAL B 74 -22.88 25.42 29.13
N SER B 75 -22.11 24.42 29.58
CA SER B 75 -22.24 23.95 30.96
C SER B 75 -21.72 24.99 31.92
N VAL B 76 -20.63 25.67 31.54
CA VAL B 76 -20.17 26.83 32.29
C VAL B 76 -21.19 27.95 32.24
N LEU B 77 -21.77 28.20 31.06
CA LEU B 77 -22.78 29.23 30.87
C LEU B 77 -24.04 28.92 31.68
N ALA B 78 -24.33 27.64 31.84
CA ALA B 78 -25.53 27.21 32.56
C ALA B 78 -25.44 27.58 34.03
N GLU B 79 -24.32 27.26 34.67
CA GLU B 79 -24.20 27.54 36.10
C GLU B 79 -23.93 29.01 36.38
N GLU B 80 -23.52 29.80 35.39
CA GLU B 80 -23.41 31.22 35.66
C GLU B 80 -24.75 31.92 35.60
N TRP B 81 -25.68 31.43 34.79
CA TRP B 81 -27.01 32.04 34.79
C TRP B 81 -27.86 31.52 35.94
N LYS B 82 -27.44 30.41 36.57
CA LYS B 82 -28.21 29.84 37.67
C LYS B 82 -28.10 30.66 38.95
N ARG B 83 -26.90 31.17 39.27
CA ARG B 83 -26.71 31.86 40.55
C ARG B 83 -27.38 33.23 40.52
N PRO B 84 -27.71 33.78 41.68
CA PRO B 84 -28.12 35.20 41.74
C PRO B 84 -26.92 36.12 41.53
N THR B 85 -27.23 37.41 41.39
CA THR B 85 -26.19 38.41 41.15
C THR B 85 -25.40 38.65 42.44
N GLY B 86 -24.19 39.19 42.28
CA GLY B 86 -23.29 39.35 43.40
C GLY B 86 -22.26 38.24 43.44
N ARG B 87 -22.70 37.03 43.13
CA ARG B 87 -21.81 35.88 43.00
C ARG B 87 -21.32 35.67 41.58
N ARG B 88 -22.00 36.27 40.60
CA ARG B 88 -21.75 36.01 39.19
C ARG B 88 -20.39 36.56 38.76
N THR B 89 -19.65 35.75 38.02
CA THR B 89 -18.25 36.02 37.71
C THR B 89 -18.04 36.82 36.44
N LYS B 90 -19.06 37.02 35.64
CA LYS B 90 -18.96 37.79 34.40
C LYS B 90 -19.93 38.96 34.46
N ASP B 91 -19.75 39.91 33.56
CA ASP B 91 -20.80 40.88 33.31
C ASP B 91 -21.89 40.24 32.46
N PRO B 92 -23.15 40.78 32.47
CA PRO B 92 -24.19 40.20 31.61
C PRO B 92 -23.92 40.45 30.13
N SER B 93 -23.06 41.43 29.83
CA SER B 93 -22.53 41.61 28.49
C SER B 93 -21.36 40.68 28.19
N VAL B 94 -20.87 39.94 29.17
CA VAL B 94 -19.87 38.90 28.91
C VAL B 94 -20.52 37.53 28.84
N LEU B 95 -21.59 37.32 29.59
CA LEU B 95 -22.38 36.11 29.39
C LEU B 95 -23.08 36.14 28.04
N ARG B 96 -23.49 37.31 27.58
CA ARG B 96 -24.08 37.44 26.26
C ARG B 96 -23.03 37.24 25.16
N TYR B 97 -21.75 37.46 25.45
CA TYR B 97 -20.75 37.18 24.44
C TYR B 97 -20.52 35.69 24.30
N MET B 98 -20.60 34.95 25.42
CA MET B 98 -20.44 33.51 25.35
C MET B 98 -21.57 32.87 24.57
N LEU B 99 -22.77 33.45 24.70
CA LEU B 99 -23.91 33.04 23.91
C LEU B 99 -23.67 33.25 22.42
N CYS B 100 -23.11 34.39 22.04
CA CYS B 100 -22.97 34.70 20.63
C CYS B 100 -21.83 33.94 19.98
N SER B 101 -20.76 33.62 20.72
CA SER B 101 -19.69 32.86 20.09
C SER B 101 -20.03 31.38 20.01
N ILE B 102 -20.82 30.87 20.95
CA ILE B 102 -21.20 29.46 20.88
C ILE B 102 -22.30 29.26 19.85
N THR B 103 -23.07 30.33 19.57
CA THR B 103 -24.07 30.25 18.52
C THR B 103 -23.40 30.26 17.15
N GLN B 104 -22.63 31.30 16.85
CA GLN B 104 -22.09 31.43 15.49
C GLN B 104 -20.92 30.48 15.24
N ARG B 105 -20.56 29.66 16.22
CA ARG B 105 -19.73 28.51 15.88
C ARG B 105 -20.61 27.36 15.44
N SER B 106 -21.72 27.14 16.15
CA SER B 106 -22.55 25.96 15.94
C SER B 106 -23.47 26.07 14.75
N LEU B 107 -23.46 27.18 14.02
CA LEU B 107 -24.24 27.37 12.80
C LEU B 107 -23.48 27.00 11.55
N ILE B 108 -22.51 26.11 11.62
CA ILE B 108 -21.82 25.71 10.39
C ILE B 108 -22.30 24.35 9.93
N ALA B 109 -22.51 23.42 10.85
CA ALA B 109 -23.09 22.14 10.46
C ALA B 109 -24.55 22.20 10.05
N PRO B 110 -25.40 23.10 10.55
CA PRO B 110 -26.66 23.34 9.85
C PRO B 110 -26.48 23.82 8.44
N ALA B 111 -25.65 24.84 8.23
CA ALA B 111 -25.62 25.48 6.94
C ALA B 111 -24.82 24.70 5.94
N VAL B 112 -24.06 23.70 6.37
CA VAL B 112 -23.53 22.75 5.40
C VAL B 112 -24.58 21.73 5.01
N TRP B 113 -25.49 21.38 5.92
CA TRP B 113 -26.57 20.48 5.53
C TRP B 113 -27.56 21.18 4.60
N VAL B 114 -27.92 22.42 4.88
CA VAL B 114 -28.92 23.07 4.04
C VAL B 114 -28.33 23.41 2.69
N SER B 115 -27.01 23.59 2.60
CA SER B 115 -26.47 23.87 1.28
C SER B 115 -26.26 22.61 0.48
N VAL B 116 -25.86 21.52 1.11
CA VAL B 116 -25.67 20.25 0.41
C VAL B 116 -27.00 19.68 -0.01
N THR B 117 -28.05 19.85 0.81
CA THR B 117 -29.38 19.40 0.42
C THR B 117 -29.93 20.22 -0.72
N LEU B 118 -29.59 21.51 -0.79
CA LEU B 118 -30.16 22.31 -1.84
C LEU B 118 -29.38 22.15 -3.14
N MET B 119 -28.08 21.89 -3.11
CA MET B 119 -27.39 21.62 -4.37
C MET B 119 -27.78 20.28 -4.94
N ASP B 120 -28.18 19.34 -4.11
CA ASP B 120 -28.50 18.02 -4.61
C ASP B 120 -29.91 17.97 -5.15
N GLY B 121 -30.78 18.82 -4.64
CA GLY B 121 -32.09 18.99 -5.20
C GLY B 121 -33.05 17.86 -4.99
N LYS B 122 -32.73 16.89 -4.13
CA LYS B 122 -33.65 15.80 -3.90
C LYS B 122 -34.80 16.23 -3.02
N SER B 123 -34.57 17.19 -2.14
CA SER B 123 -35.61 17.60 -1.22
C SER B 123 -36.56 18.61 -1.84
N PHE B 124 -36.11 19.46 -2.76
CA PHE B 124 -37.08 20.27 -3.47
C PHE B 124 -37.88 19.45 -4.44
N LEU B 125 -37.31 18.36 -4.93
CA LEU B 125 -38.02 17.53 -5.88
C LEU B 125 -39.12 16.74 -5.20
N CYS B 126 -38.86 16.26 -3.99
CA CYS B 126 -39.90 15.57 -3.23
C CYS B 126 -40.98 16.54 -2.80
N ALA B 127 -40.59 17.71 -2.35
CA ALA B 127 -41.55 18.59 -1.68
C ALA B 127 -42.44 19.31 -2.66
N PHE B 128 -41.90 19.67 -3.83
CA PHE B 128 -42.54 20.63 -4.70
C PHE B 128 -43.01 20.03 -6.02
N SER B 129 -42.98 18.71 -6.17
CA SER B 129 -43.41 18.14 -7.43
C SER B 129 -44.88 17.86 -7.50
N ILE B 130 -45.67 18.24 -6.51
CA ILE B 130 -47.12 18.23 -6.64
C ILE B 130 -47.62 19.60 -7.07
N ASN B 131 -46.71 20.55 -7.24
CA ASN B 131 -47.01 21.95 -7.55
C ASN B 131 -46.72 22.28 -8.99
N LEU B 132 -46.22 21.31 -9.75
CA LEU B 132 -45.76 21.55 -11.10
C LEU B 132 -46.91 21.81 -12.05
N ASP B 133 -46.57 22.38 -13.19
CA ASP B 133 -47.46 22.46 -14.33
C ASP B 133 -46.94 21.44 -15.33
N ILE B 134 -47.66 20.34 -15.50
CA ILE B 134 -47.12 19.23 -16.27
C ILE B 134 -47.25 19.50 -17.77
N GLU B 135 -47.95 20.57 -18.13
CA GLU B 135 -48.03 20.95 -19.53
C GLU B 135 -46.69 21.41 -20.07
N LYS B 136 -45.84 21.98 -19.21
CA LYS B 136 -44.63 22.63 -19.68
C LYS B 136 -43.54 21.68 -20.09
N PHE B 137 -43.61 20.40 -19.74
CA PHE B 137 -42.51 19.49 -19.98
C PHE B 137 -42.80 18.39 -20.98
N GLY B 138 -44.06 18.09 -21.27
CA GLY B 138 -44.33 17.02 -22.20
C GLY B 138 -45.79 16.78 -22.55
N ASN B 139 -46.17 15.51 -22.57
CA ASN B 139 -47.48 15.06 -23.01
C ASN B 139 -48.59 15.58 -22.11
N ALA B 140 -49.42 16.47 -22.65
CA ALA B 140 -50.54 16.99 -21.88
C ALA B 140 -51.65 15.96 -21.74
N SER B 141 -51.68 14.96 -22.62
CA SER B 141 -52.68 13.90 -22.55
C SER B 141 -52.34 12.82 -21.54
N LEU B 142 -51.27 12.97 -20.77
CA LEU B 142 -51.06 12.12 -19.61
C LEU B 142 -52.14 12.35 -18.56
N VAL B 143 -52.54 13.60 -18.37
CA VAL B 143 -53.39 13.98 -17.27
C VAL B 143 -54.81 14.35 -17.69
N ILE B 144 -55.08 14.48 -18.98
CA ILE B 144 -56.46 14.74 -19.38
C ILE B 144 -57.22 13.43 -19.34
N GLY B 145 -58.13 13.31 -18.38
CA GLY B 145 -58.81 12.07 -18.13
C GLY B 145 -58.69 11.56 -16.71
N MET B 146 -58.02 12.28 -15.82
CA MET B 146 -58.01 11.91 -14.41
C MET B 146 -58.53 13.05 -13.54
N THR B 147 -59.11 12.67 -12.40
CA THR B 147 -59.66 13.60 -11.44
C THR B 147 -58.50 14.29 -10.71
N GLU B 148 -58.81 15.35 -9.95
CA GLU B 148 -57.77 16.11 -9.27
C GLU B 148 -57.11 15.30 -8.17
N THR B 149 -57.81 14.31 -7.61
CA THR B 149 -57.13 13.40 -6.70
C THR B 149 -56.13 12.54 -7.46
N GLU B 150 -56.51 12.05 -8.64
CA GLU B 150 -55.59 11.23 -9.40
C GLU B 150 -54.55 12.09 -10.11
N LYS B 151 -54.86 13.37 -10.29
CA LYS B 151 -53.89 14.31 -10.84
C LYS B 151 -52.71 14.48 -9.89
N LEU B 152 -53.00 14.68 -8.59
CA LEU B 152 -51.95 14.79 -7.61
C LEU B 152 -51.21 13.48 -7.45
N LYS B 153 -51.91 12.35 -7.52
CA LYS B 153 -51.25 11.06 -7.35
C LYS B 153 -50.38 10.72 -8.53
N PHE B 154 -50.67 11.30 -9.69
CA PHE B 154 -49.78 11.13 -10.83
C PHE B 154 -48.53 11.98 -10.66
N LEU B 155 -48.71 13.22 -10.20
CA LEU B 155 -47.60 14.15 -10.12
C LEU B 155 -46.68 13.81 -8.98
N ALA B 156 -47.24 13.28 -7.89
CA ALA B 156 -46.47 13.05 -6.68
C ALA B 156 -45.44 11.95 -6.82
N ARG B 157 -45.57 11.08 -7.79
CA ARG B 157 -44.63 9.98 -7.97
C ARG B 157 -43.45 10.36 -8.83
N ILE B 158 -43.36 11.64 -9.27
CA ILE B 158 -42.18 12.10 -10.02
C ILE B 158 -40.85 11.91 -9.31
N PRO B 159 -40.70 12.17 -7.99
CA PRO B 159 -39.41 11.86 -7.37
C PRO B 159 -39.09 10.39 -7.35
N CYS B 160 -40.13 9.57 -7.24
CA CYS B 160 -40.02 8.13 -7.04
C CYS B 160 -39.69 7.52 -8.40
N LYS B 161 -38.40 7.20 -8.55
CA LYS B 161 -37.82 6.88 -9.85
C LYS B 161 -38.40 5.61 -10.47
N ASP B 162 -38.71 4.62 -9.64
CA ASP B 162 -39.22 3.33 -10.05
C ASP B 162 -40.72 3.20 -9.91
N LEU B 163 -41.45 4.28 -9.78
CA LEU B 163 -42.91 4.26 -9.79
C LEU B 163 -43.49 5.11 -10.90
N PHE B 164 -42.65 5.82 -11.65
CA PHE B 164 -43.11 6.68 -12.71
C PHE B 164 -42.73 6.07 -14.05
N GLU B 165 -43.72 5.97 -14.93
CA GLU B 165 -43.56 5.24 -16.18
C GLU B 165 -43.02 6.08 -17.31
N ASP B 166 -43.34 7.38 -17.34
CA ASP B 166 -42.83 8.29 -18.36
C ASP B 166 -41.41 8.65 -17.96
N ASN B 167 -40.50 8.60 -18.91
CA ASN B 167 -39.15 9.00 -18.58
C ASN B 167 -38.78 10.32 -19.22
N GLU B 168 -39.62 10.85 -20.10
CA GLU B 168 -39.30 12.16 -20.68
C GLU B 168 -39.82 13.28 -19.78
N VAL B 169 -41.00 13.13 -19.21
CA VAL B 169 -41.50 14.18 -18.35
C VAL B 169 -40.98 13.99 -16.95
N ARG B 170 -40.41 12.84 -16.66
CA ARG B 170 -39.70 12.71 -15.40
C ARG B 170 -38.37 13.41 -15.49
N VAL B 171 -37.64 13.20 -16.59
CA VAL B 171 -36.32 13.81 -16.70
C VAL B 171 -36.43 15.31 -16.88
N ALA B 172 -37.48 15.77 -17.54
CA ALA B 172 -37.63 17.21 -17.72
C ALA B 172 -38.06 17.90 -16.44
N ALA B 173 -38.76 17.21 -15.54
CA ALA B 173 -39.21 17.87 -14.32
C ALA B 173 -38.21 17.73 -13.20
N THR B 174 -37.47 16.63 -13.13
CA THR B 174 -36.43 16.60 -12.11
C THR B 174 -35.24 17.43 -12.49
N ARG B 175 -35.17 17.90 -13.73
CA ARG B 175 -34.10 18.80 -14.12
C ARG B 175 -34.48 20.23 -13.83
N TYR B 176 -35.75 20.56 -13.94
CA TYR B 176 -36.25 21.89 -13.64
C TYR B 176 -36.21 22.19 -12.17
N ILE B 177 -36.51 21.20 -11.32
CA ILE B 177 -36.52 21.47 -9.89
C ILE B 177 -35.16 21.22 -9.29
N LYS B 178 -34.30 20.48 -9.94
CA LYS B 178 -32.92 20.48 -9.48
C LYS B 178 -32.22 21.77 -9.85
N CYS B 179 -32.65 22.44 -10.92
CA CYS B 179 -32.14 23.77 -11.23
C CYS B 179 -32.56 24.80 -10.20
N ILE B 180 -33.86 24.92 -9.93
CA ILE B 180 -34.36 25.92 -9.00
C ILE B 180 -33.87 25.64 -7.59
N SER B 181 -33.59 24.38 -7.29
CA SER B 181 -32.98 24.08 -6.01
C SER B 181 -31.52 24.49 -5.97
N GLN B 182 -30.84 24.51 -7.11
CA GLN B 182 -29.46 24.98 -7.10
C GLN B 182 -29.39 26.49 -7.16
N ALA B 183 -30.42 27.13 -7.69
CA ALA B 183 -30.48 28.57 -7.60
C ALA B 183 -30.72 29.01 -6.18
N CYS B 184 -31.56 28.30 -5.43
CA CYS B 184 -31.77 28.63 -4.03
C CYS B 184 -30.63 28.17 -3.17
N GLY B 185 -29.82 27.25 -3.66
CA GLY B 185 -28.66 26.84 -2.91
C GLY B 185 -27.51 27.81 -3.03
N TRP B 186 -27.44 28.56 -4.14
CA TRP B 186 -26.40 29.57 -4.27
C TRP B 186 -26.82 30.88 -3.67
N MET B 187 -28.10 31.24 -3.73
CA MET B 187 -28.54 32.44 -3.04
C MET B 187 -28.59 32.23 -1.53
N PHE B 188 -28.56 30.99 -1.06
CA PHE B 188 -28.41 30.75 0.37
C PHE B 188 -26.96 30.90 0.78
N LEU B 189 -26.03 30.37 0.00
CA LEU B 189 -24.62 30.49 0.34
C LEU B 189 -24.15 31.93 0.19
N LEU B 190 -24.87 32.73 -0.57
CA LEU B 190 -24.50 34.12 -0.74
C LEU B 190 -25.10 34.98 0.35
N MET B 191 -26.21 34.56 0.94
CA MET B 191 -26.73 35.34 2.05
C MET B 191 -26.20 34.84 3.38
N MET B 192 -25.65 33.63 3.42
CA MET B 192 -24.92 33.21 4.60
C MET B 192 -23.53 33.82 4.63
N THR B 193 -22.85 33.89 3.49
CA THR B 193 -21.51 34.46 3.49
C THR B 193 -21.55 35.97 3.62
N PHE B 194 -22.56 36.62 3.07
CA PHE B 194 -22.65 38.06 3.26
C PHE B 194 -23.10 38.40 4.68
N THR B 195 -23.75 37.47 5.37
CA THR B 195 -24.00 37.72 6.79
C THR B 195 -22.74 37.56 7.62
N ALA B 196 -21.98 36.49 7.41
CA ALA B 196 -20.77 36.27 8.19
C ALA B 196 -19.68 37.29 7.86
N PHE B 197 -19.77 37.92 6.69
CA PHE B 197 -18.87 39.02 6.38
C PHE B 197 -19.31 40.29 7.10
N LEU B 198 -20.60 40.41 7.39
CA LEU B 198 -21.04 41.57 8.15
C LEU B 198 -20.69 41.44 9.62
N ILE B 199 -20.50 40.22 10.12
CA ILE B 199 -20.10 40.12 11.52
C ILE B 199 -18.58 40.07 11.69
N ARG B 200 -17.80 39.84 10.63
CA ARG B 200 -16.37 40.16 10.71
C ARG B 200 -16.11 41.64 10.47
N ALA B 201 -17.15 42.43 10.21
CA ALA B 201 -16.97 43.87 10.13
C ALA B 201 -17.65 44.61 11.28
N ILE B 202 -18.47 43.93 12.09
CA ILE B 202 -19.16 44.61 13.18
C ILE B 202 -18.80 44.03 14.56
N ARG B 203 -18.91 42.72 14.73
CA ARG B 203 -18.85 42.03 16.03
C ARG B 203 -17.58 42.19 16.87
N PRO B 204 -16.38 42.43 16.30
CA PRO B 204 -15.25 42.89 17.15
C PRO B 204 -15.51 44.14 17.98
N CYS B 205 -16.37 45.06 17.51
CA CYS B 205 -16.81 46.17 18.33
C CYS B 205 -17.90 45.79 19.32
N PHE B 206 -18.52 44.62 19.16
CA PHE B 206 -19.47 44.12 20.14
C PHE B 206 -18.77 43.44 21.29
N THR B 207 -17.65 42.75 21.00
CA THR B 207 -16.89 42.10 22.07
C THR B 207 -16.16 43.12 22.93
N GLN B 208 -15.49 44.10 22.29
CA GLN B 208 -14.81 45.24 22.93
C GLN B 208 -13.74 44.79 23.92
N ALA B 209 -12.91 43.82 23.51
CA ALA B 209 -11.78 43.29 24.28
C ALA B 209 -12.23 42.73 25.63
N SER B 210 -13.41 42.13 25.67
CA SER B 210 -13.86 41.40 26.85
C SER B 210 -13.49 39.92 26.78
N TYR B 211 -12.90 39.49 25.66
CA TYR B 211 -12.53 38.09 25.50
C TYR B 211 -11.34 37.74 26.39
N ARG B 212 -10.60 38.76 26.84
CA ARG B 212 -9.46 38.54 27.72
C ARG B 212 -9.94 38.13 29.12
N GLN B 213 -11.01 38.74 29.60
CA GLN B 213 -11.59 38.30 30.87
C GLN B 213 -12.28 36.94 30.72
N GLU B 214 -12.74 36.64 29.50
CA GLU B 214 -13.19 35.28 29.22
C GLU B 214 -12.03 34.30 29.20
N ALA B 215 -10.90 34.70 28.61
CA ALA B 215 -9.75 33.81 28.52
C ALA B 215 -9.03 33.70 29.85
N TYR B 216 -9.16 34.72 30.70
CA TYR B 216 -8.61 34.62 32.06
C TYR B 216 -9.45 33.66 32.90
N TRP B 217 -10.78 33.73 32.75
CA TRP B 217 -11.63 32.78 33.44
C TRP B 217 -11.51 31.38 32.85
N ALA B 218 -11.18 31.30 31.56
CA ALA B 218 -10.92 30.00 30.94
C ALA B 218 -9.67 29.36 31.52
N GLN B 219 -8.61 30.15 31.68
CA GLN B 219 -7.38 29.61 32.25
C GLN B 219 -7.53 29.39 33.75
N TYR B 220 -8.38 30.18 34.42
CA TYR B 220 -8.60 30.00 35.85
C TYR B 220 -9.33 28.72 36.14
N ARG B 221 -10.26 28.33 35.27
CA ARG B 221 -10.96 27.08 35.46
C ARG B 221 -10.04 25.89 35.17
N ALA B 222 -9.22 26.00 34.13
CA ALA B 222 -8.45 24.85 33.68
C ALA B 222 -7.35 24.48 34.66
N ASN B 223 -6.65 25.48 35.19
CA ASN B 223 -5.59 25.18 36.16
C ASN B 223 -6.16 24.83 37.53
N GLU B 224 -7.38 25.28 37.84
CA GLU B 224 -7.97 24.92 39.13
C GLU B 224 -8.33 23.45 39.18
N ASP B 225 -8.72 22.88 38.03
CA ASP B 225 -8.96 21.45 37.97
C ASP B 225 -7.66 20.67 37.99
N GLN B 226 -6.62 21.21 37.34
CA GLN B 226 -5.33 20.51 37.34
C GLN B 226 -4.64 20.59 38.68
N LEU B 227 -4.78 21.71 39.39
CA LEU B 227 -4.25 21.80 40.75
C LEU B 227 -5.06 20.94 41.71
N PHE B 228 -6.36 20.77 41.43
CA PHE B 228 -7.14 19.77 42.15
C PHE B 228 -6.67 18.36 41.84
N GLN B 229 -6.10 18.13 40.66
CA GLN B 229 -5.59 16.79 40.34
C GLN B 229 -4.36 16.46 41.17
N ARG B 230 -3.39 17.37 41.20
CA ARG B 230 -2.13 17.10 41.92
C ARG B 230 -2.35 17.06 43.43
N THR B 231 -3.26 17.89 43.95
CA THR B 231 -3.50 17.92 45.38
C THR B 231 -4.28 16.69 45.84
N ALA B 232 -5.27 16.24 45.05
CA ALA B 232 -6.00 15.05 45.44
C ALA B 232 -5.16 13.80 45.26
N GLU B 233 -4.27 13.80 44.26
CA GLU B 233 -3.38 12.67 44.07
C GLU B 233 -2.35 12.59 45.20
N VAL B 234 -1.92 13.75 45.70
CA VAL B 234 -1.02 13.77 46.85
C VAL B 234 -1.77 13.38 48.12
N HIS B 235 -3.04 13.81 48.22
CA HIS B 235 -3.88 13.36 49.33
C HIS B 235 -4.18 11.86 49.20
N SER B 236 -4.25 11.37 47.97
CA SER B 236 -4.34 9.93 47.74
C SER B 236 -3.07 9.21 48.14
N ARG B 237 -1.90 9.83 47.96
CA ARG B 237 -0.65 9.21 48.38
C ARG B 237 -0.60 9.04 49.89
N VAL B 238 -1.18 9.97 50.64
CA VAL B 238 -1.19 9.88 52.10
C VAL B 238 -2.08 8.72 52.55
N LEU B 239 -3.28 8.61 51.98
CA LEU B 239 -4.20 7.57 52.42
C LEU B 239 -3.77 6.20 51.92
N ALA B 240 -3.08 6.13 50.78
CA ALA B 240 -2.68 4.84 50.24
C ALA B 240 -1.54 4.23 51.01
N ALA B 241 -0.65 5.07 51.57
CA ALA B 241 0.46 4.55 52.35
C ALA B 241 -0.01 3.98 53.68
N ASN B 242 -0.99 4.64 54.32
CA ASN B 242 -1.56 4.09 55.55
C ASN B 242 -2.37 2.83 55.28
N ASN B 243 -3.01 2.76 54.12
CA ASN B 243 -3.83 1.59 53.80
C ASN B 243 -2.97 0.40 53.40
N VAL B 244 -1.79 0.65 52.82
CA VAL B 244 -0.93 -0.45 52.39
C VAL B 244 -0.23 -1.07 53.60
N ARG B 245 0.12 -0.24 54.59
CA ARG B 245 0.72 -0.77 55.83
C ARG B 245 -0.28 -1.61 56.60
N ARG B 246 -1.56 -1.25 56.53
CA ARG B 246 -2.59 -2.10 57.11
C ARG B 246 -2.92 -3.28 56.21
N PHE B 247 -2.49 -3.25 54.95
CA PHE B 247 -2.90 -4.28 53.99
C PHE B 247 -2.23 -5.62 54.22
N PHE B 248 -0.92 -5.72 54.01
CA PHE B 248 -0.23 -7.00 54.22
C PHE B 248 0.65 -6.93 55.46
N GLY B 249 0.93 -5.71 55.92
CA GLY B 249 1.90 -5.47 56.97
C GLY B 249 3.12 -4.76 56.44
N PHE B 250 2.95 -3.90 55.43
CA PHE B 250 4.08 -3.26 54.78
C PHE B 250 3.71 -1.94 54.11
N VAL B 251 4.47 -0.88 54.40
CA VAL B 251 4.33 0.41 53.73
C VAL B 251 5.54 0.59 52.82
N ALA B 252 5.29 0.90 51.56
CA ALA B 252 6.36 0.94 50.56
C ALA B 252 6.13 2.06 49.57
N LEU B 253 7.20 2.79 49.26
CA LEU B 253 7.14 3.95 48.37
C LEU B 253 8.41 4.04 47.52
N ASN B 254 8.21 4.01 46.21
CA ASN B 254 9.19 4.31 45.19
C ASN B 254 9.28 5.82 45.04
N LYS B 255 9.72 6.29 43.86
CA LYS B 255 9.72 7.72 43.54
C LYS B 255 8.33 8.37 43.47
N ASP B 256 7.26 7.62 43.76
CA ASP B 256 5.98 8.16 44.18
C ASP B 256 6.03 8.81 45.57
N ASP B 257 7.12 8.62 46.32
CA ASP B 257 7.37 9.38 47.54
C ASP B 257 7.89 10.79 47.27
N GLU B 258 8.25 11.11 46.02
CA GLU B 258 8.81 12.41 45.69
C GLU B 258 7.79 13.53 45.78
N GLU B 259 6.50 13.21 45.63
CA GLU B 259 5.46 14.17 45.95
C GLU B 259 5.03 14.08 47.40
N LEU B 260 5.34 12.96 48.06
CA LEU B 260 5.00 12.77 49.46
C LEU B 260 5.90 13.58 50.38
N GLY C 21 -0.91 28.11 1.34
CA GLY C 21 -1.57 29.14 2.13
C GLY C 21 -3.08 29.01 2.10
N ILE C 22 -3.78 30.09 2.42
CA ILE C 22 -5.24 30.06 2.30
C ILE C 22 -5.66 30.17 0.85
N CYS C 23 -4.83 30.77 0.00
CA CYS C 23 -5.23 30.94 -1.39
C CYS C 23 -4.75 29.77 -2.22
N GLY C 24 -3.85 28.97 -1.69
CA GLY C 24 -3.58 27.69 -2.30
C GLY C 24 -4.71 26.70 -2.08
N ILE C 25 -5.35 26.75 -0.90
CA ILE C 25 -6.42 25.81 -0.64
C ILE C 25 -7.72 26.29 -1.26
N MET C 26 -7.90 27.61 -1.43
CA MET C 26 -9.09 28.09 -2.10
C MET C 26 -9.00 27.92 -3.61
N ALA C 27 -7.80 27.97 -4.18
CA ALA C 27 -7.70 27.65 -5.60
C ALA C 27 -7.95 26.17 -5.82
N LEU C 28 -7.55 25.33 -4.88
CA LEU C 28 -7.80 23.91 -5.02
C LEU C 28 -9.27 23.57 -4.74
N ALA C 29 -9.90 24.31 -3.84
CA ALA C 29 -11.30 24.02 -3.53
C ALA C 29 -12.24 24.54 -4.61
N SER C 30 -11.85 25.59 -5.32
CA SER C 30 -12.69 26.10 -6.40
C SER C 30 -12.69 25.16 -7.58
N ALA C 31 -11.55 24.57 -7.90
CA ALA C 31 -11.51 23.56 -8.94
C ALA C 31 -12.17 22.28 -8.47
N GLN C 32 -12.19 22.04 -7.16
CA GLN C 32 -12.77 20.80 -6.66
C GLN C 32 -14.29 20.90 -6.49
N MET C 33 -14.81 22.08 -6.21
CA MET C 33 -16.27 22.22 -6.24
C MET C 33 -16.80 22.13 -7.65
N TYR C 34 -16.02 22.53 -8.66
CA TYR C 34 -16.51 22.38 -10.01
C TYR C 34 -16.59 20.92 -10.41
N SER C 35 -15.64 20.11 -9.94
CA SER C 35 -15.67 18.70 -10.31
C SER C 35 -16.78 17.96 -9.61
N SER C 36 -17.15 18.36 -8.40
CA SER C 36 -18.19 17.63 -7.69
C SER C 36 -19.56 18.28 -7.84
N PHE C 37 -19.66 19.46 -8.40
CA PHE C 37 -20.93 20.02 -8.81
C PHE C 37 -21.46 19.22 -9.98
N GLU C 38 -22.72 18.89 -9.96
CA GLU C 38 -23.30 18.20 -11.11
C GLU C 38 -24.16 19.22 -11.83
N PHE C 39 -23.73 19.56 -13.04
CA PHE C 39 -24.38 20.59 -13.81
C PHE C 39 -25.73 20.10 -14.26
N SER C 40 -26.77 20.83 -13.93
CA SER C 40 -28.12 20.38 -14.20
C SER C 40 -28.92 21.42 -14.93
N CYS C 41 -28.44 21.84 -16.08
CA CYS C 41 -29.01 22.85 -16.97
C CYS C 41 -30.45 22.57 -17.28
N PRO C 42 -31.39 23.47 -17.02
CA PRO C 42 -32.77 23.26 -17.45
C PRO C 42 -32.83 23.36 -18.95
N CYS C 43 -33.93 22.97 -19.56
CA CYS C 43 -33.96 23.03 -21.00
C CYS C 43 -35.03 23.98 -21.47
N MET C 44 -35.23 24.99 -20.78
CA MET C 44 -36.25 25.92 -21.14
C MET C 44 -35.61 27.24 -21.53
N PRO C 45 -36.20 27.98 -22.45
CA PRO C 45 -35.54 29.20 -22.93
C PRO C 45 -35.49 30.35 -21.94
N GLU C 46 -36.45 30.48 -21.04
CA GLU C 46 -36.37 31.59 -20.10
C GLU C 46 -35.52 31.26 -18.89
N TYR C 47 -35.18 30.02 -18.67
CA TYR C 47 -34.33 29.65 -17.56
C TYR C 47 -33.01 29.10 -18.00
N ASN C 48 -32.70 29.10 -19.30
CA ASN C 48 -31.37 28.70 -19.72
C ASN C 48 -30.34 29.76 -19.42
N TYR C 49 -30.61 31.00 -19.82
CA TYR C 49 -29.63 32.05 -19.71
C TYR C 49 -29.28 32.36 -18.27
N THR C 50 -30.28 32.42 -17.40
CA THR C 50 -30.00 32.79 -16.01
C THR C 50 -29.36 31.65 -15.26
N TYR C 51 -29.56 30.41 -15.70
CA TYR C 51 -28.83 29.33 -15.06
C TYR C 51 -27.41 29.25 -15.57
N GLY C 52 -27.21 29.44 -16.86
CA GLY C 52 -25.88 29.26 -17.42
C GLY C 52 -24.94 30.38 -17.05
N ILE C 53 -25.37 31.63 -17.25
CA ILE C 53 -24.54 32.77 -16.93
C ILE C 53 -24.51 33.00 -15.42
N GLY C 54 -25.58 32.66 -14.72
CA GLY C 54 -25.58 32.78 -13.28
C GLY C 54 -24.59 31.83 -12.64
N LEU C 55 -24.29 30.74 -13.29
CA LEU C 55 -23.32 29.85 -12.70
C LEU C 55 -21.90 30.28 -13.06
N LEU C 56 -21.76 31.20 -14.00
CA LEU C 56 -20.45 31.77 -14.27
C LEU C 56 -20.14 32.86 -13.28
N ILE C 57 -21.15 33.61 -12.85
CA ILE C 57 -20.98 34.83 -12.09
C ILE C 57 -21.14 34.64 -10.59
N ILE C 58 -22.20 33.98 -10.12
CA ILE C 58 -22.52 33.89 -8.70
C ILE C 58 -21.55 33.03 -7.89
N PRO C 59 -20.92 31.98 -8.39
CA PRO C 59 -19.90 31.36 -7.59
C PRO C 59 -18.57 32.11 -7.55
N PRO C 60 -18.25 33.03 -8.45
CA PRO C 60 -17.18 33.95 -8.10
C PRO C 60 -17.50 34.95 -7.02
N ILE C 61 -18.71 35.47 -6.95
CA ILE C 61 -19.02 36.40 -5.87
C ILE C 61 -19.05 35.67 -4.54
N TRP C 62 -19.35 34.38 -4.55
CA TRP C 62 -19.24 33.63 -3.31
C TRP C 62 -17.79 33.36 -2.97
N PHE C 63 -16.96 33.01 -3.93
CA PHE C 63 -15.58 32.70 -3.62
C PHE C 63 -14.78 33.95 -3.32
N PHE C 64 -15.31 35.12 -3.67
CA PHE C 64 -14.65 36.36 -3.32
C PHE C 64 -14.98 36.76 -1.89
N LEU C 65 -16.25 36.71 -1.50
CA LEU C 65 -16.60 37.04 -0.12
C LEU C 65 -16.14 35.97 0.84
N LEU C 66 -15.90 34.76 0.35
CA LEU C 66 -15.22 33.77 1.18
C LEU C 66 -13.76 34.14 1.36
N GLY C 67 -13.21 34.89 0.43
CA GLY C 67 -11.82 35.29 0.56
C GLY C 67 -11.64 36.48 1.48
N PHE C 68 -12.74 37.13 1.83
CA PHE C 68 -12.69 38.15 2.87
C PHE C 68 -12.93 37.55 4.25
N VAL C 69 -13.90 36.65 4.36
CA VAL C 69 -14.26 36.05 5.63
C VAL C 69 -13.12 35.21 6.19
N LEU C 70 -12.43 34.46 5.35
CA LEU C 70 -11.37 33.63 5.88
C LEU C 70 -10.04 34.37 5.95
N ASN C 71 -10.03 35.69 5.78
CA ASN C 71 -8.81 36.48 5.93
C ASN C 71 -8.98 37.48 7.07
N ASN C 72 -8.51 37.07 8.25
CA ASN C 72 -8.74 37.72 9.54
C ASN C 72 -8.21 39.15 9.64
N ASN C 73 -7.35 39.55 8.71
CA ASN C 73 -6.88 40.93 8.69
C ASN C 73 -7.95 41.91 8.22
N VAL C 74 -9.11 41.44 7.76
CA VAL C 74 -10.23 42.34 7.50
C VAL C 74 -10.93 42.67 8.82
N SER C 75 -10.81 41.79 9.83
CA SER C 75 -11.33 42.13 11.15
C SER C 75 -10.49 43.21 11.79
N VAL C 76 -9.17 43.14 11.57
CA VAL C 76 -8.29 44.23 11.97
C VAL C 76 -8.62 45.50 11.19
N LEU C 77 -8.85 45.36 9.87
CA LEU C 77 -9.20 46.49 9.01
C LEU C 77 -10.53 47.10 9.40
N ALA C 78 -11.44 46.27 9.91
CA ALA C 78 -12.77 46.73 10.30
C ALA C 78 -12.70 47.68 11.48
N GLU C 79 -11.96 47.30 12.52
CA GLU C 79 -11.90 48.14 13.71
C GLU C 79 -10.99 49.34 13.52
N GLU C 80 -10.12 49.34 12.50
CA GLU C 80 -9.36 50.56 12.26
C GLU C 80 -10.17 51.61 11.52
N TRP C 81 -11.11 51.19 10.69
CA TRP C 81 -11.96 52.19 10.03
C TRP C 81 -13.09 52.63 10.95
N LYS C 82 -13.35 51.89 12.02
CA LYS C 82 -14.43 52.25 12.94
C LYS C 82 -14.09 53.45 13.81
N ARG C 83 -12.85 53.56 14.29
CA ARG C 83 -12.51 54.63 15.22
C ARG C 83 -12.41 55.97 14.48
N PRO C 84 -12.57 57.08 15.19
CA PRO C 84 -12.23 58.38 14.60
C PRO C 84 -10.72 58.56 14.48
N THR C 85 -10.34 59.64 13.79
CA THR C 85 -8.93 59.92 13.58
C THR C 85 -8.28 60.41 14.87
N GLY C 86 -6.96 60.31 14.93
CA GLY C 86 -6.24 60.62 16.15
C GLY C 86 -5.90 59.36 16.93
N ARG C 87 -6.83 58.42 16.94
CA ARG C 87 -6.62 57.11 17.54
C ARG C 87 -6.11 56.08 16.53
N ARG C 88 -6.28 56.36 15.23
CA ARG C 88 -6.02 55.38 14.18
C ARG C 88 -4.53 55.11 14.05
N THR C 89 -4.19 53.83 13.94
CA THR C 89 -2.81 53.37 14.03
C THR C 89 -2.08 53.31 12.71
N LYS C 90 -2.77 53.50 11.59
CA LYS C 90 -2.15 53.49 10.28
C LYS C 90 -2.42 54.82 9.59
N ASP C 91 -1.69 55.08 8.52
CA ASP C 91 -2.09 56.13 7.61
C ASP C 91 -3.24 55.64 6.73
N PRO C 92 -4.07 56.56 6.14
CA PRO C 92 -5.14 56.09 5.25
C PRO C 92 -4.60 55.49 3.96
N SER C 93 -3.35 55.80 3.62
CA SER C 93 -2.63 55.11 2.56
C SER C 93 -2.03 53.78 3.01
N VAL C 94 -2.10 53.47 4.30
CA VAL C 94 -1.71 52.14 4.78
C VAL C 94 -2.94 51.26 5.00
N LEU C 95 -4.06 51.85 5.38
CA LEU C 95 -5.31 51.11 5.38
C LEU C 95 -5.73 50.76 3.95
N ARG C 96 -5.45 51.64 3.00
CA ARG C 96 -5.73 51.34 1.60
C ARG C 96 -4.79 50.27 1.06
N TYR C 97 -3.61 50.09 1.65
CA TYR C 97 -2.76 49.00 1.20
C TYR C 97 -3.28 47.66 1.69
N MET C 98 -3.83 47.64 2.90
CA MET C 98 -4.40 46.39 3.42
C MET C 98 -5.59 45.95 2.58
N LEU C 99 -6.36 46.93 2.10
CA LEU C 99 -7.45 46.67 1.18
C LEU C 99 -6.96 46.04 -0.11
N CYS C 100 -5.86 46.56 -0.67
CA CYS C 100 -5.42 46.09 -1.97
C CYS C 100 -4.72 44.73 -1.88
N SER C 101 -4.05 44.43 -0.77
CA SER C 101 -3.42 43.12 -0.70
C SER C 101 -4.42 42.03 -0.36
N ILE C 102 -5.48 42.37 0.39
CA ILE C 102 -6.48 41.37 0.71
C ILE C 102 -7.40 41.15 -0.48
N THR C 103 -7.51 42.15 -1.36
CA THR C 103 -8.28 41.98 -2.58
C THR C 103 -7.53 41.09 -3.56
N GLN C 104 -6.31 41.48 -3.94
CA GLN C 104 -5.62 40.73 -4.99
C GLN C 104 -5.04 39.42 -4.50
N ARG C 105 -5.24 39.08 -3.23
CA ARG C 105 -5.06 37.70 -2.83
C ARG C 105 -6.32 36.91 -3.09
N SER C 106 -7.48 37.49 -2.75
CA SER C 106 -8.75 36.77 -2.80
C SER C 106 -9.34 36.65 -4.18
N LEU C 107 -8.69 37.18 -5.21
CA LEU C 107 -9.12 37.06 -6.60
C LEU C 107 -8.50 35.90 -7.31
N ILE C 108 -8.10 34.83 -6.61
CA ILE C 108 -7.56 33.68 -7.31
C ILE C 108 -8.57 32.57 -7.39
N ALA C 109 -9.32 32.34 -6.32
CA ALA C 109 -10.40 31.36 -6.40
C ALA C 109 -11.58 31.77 -7.26
N PRO C 110 -11.94 33.06 -7.41
CA PRO C 110 -12.82 33.40 -8.52
C PRO C 110 -12.25 33.05 -9.87
N ALA C 111 -11.02 33.45 -10.15
CA ALA C 111 -10.51 33.34 -11.50
C ALA C 111 -10.09 31.93 -11.82
N VAL C 112 -9.97 31.05 -10.84
CA VAL C 112 -9.85 29.64 -11.18
C VAL C 112 -11.22 29.05 -11.49
N TRP C 113 -12.28 29.55 -10.87
CA TRP C 113 -13.61 29.07 -11.24
C TRP C 113 -14.01 29.55 -12.62
N VAL C 114 -13.75 30.81 -12.95
CA VAL C 114 -14.18 31.32 -14.25
C VAL C 114 -13.34 30.72 -15.35
N SER C 115 -12.11 30.32 -15.07
CA SER C 115 -11.32 29.71 -16.14
C SER C 115 -11.67 28.25 -16.32
N VAL C 116 -11.93 27.53 -15.24
CA VAL C 116 -12.30 26.12 -15.34
C VAL C 116 -13.68 25.97 -15.94
N THR C 117 -14.60 26.90 -15.64
CA THR C 117 -15.92 26.87 -16.25
C THR C 117 -15.86 27.20 -17.72
N LEU C 118 -14.93 28.05 -18.12
CA LEU C 118 -14.89 28.42 -19.53
C LEU C 118 -14.14 27.39 -20.35
N MET C 119 -13.15 26.69 -19.79
CA MET C 119 -12.53 25.62 -20.56
C MET C 119 -13.44 24.44 -20.72
N ASP C 120 -14.36 24.23 -19.79
CA ASP C 120 -15.22 23.07 -19.85
C ASP C 120 -16.40 23.33 -20.77
N GLY C 121 -16.79 24.57 -20.92
CA GLY C 121 -17.76 24.94 -21.90
C GLY C 121 -19.18 24.51 -21.63
N LYS C 122 -19.48 24.02 -20.43
CA LYS C 122 -20.84 23.61 -20.13
C LYS C 122 -21.73 24.81 -19.89
N SER C 123 -21.17 25.91 -19.40
CA SER C 123 -21.98 27.05 -19.09
C SER C 123 -22.23 27.93 -20.30
N PHE C 124 -21.31 28.00 -21.25
CA PHE C 124 -21.66 28.68 -22.50
C PHE C 124 -22.64 27.88 -23.31
N LEU C 125 -22.61 26.56 -23.16
CA LEU C 125 -23.53 25.72 -23.92
C LEU C 125 -24.94 25.84 -23.40
N CYS C 126 -25.11 25.93 -22.09
CA CYS C 126 -26.43 26.14 -21.53
C CYS C 126 -26.94 27.53 -21.85
N ALA C 127 -26.09 28.53 -21.75
CA ALA C 127 -26.57 29.89 -21.79
C ALA C 127 -26.85 30.35 -23.20
N PHE C 128 -26.08 29.88 -24.17
CA PHE C 128 -26.06 30.48 -25.49
C PHE C 128 -26.58 29.57 -26.58
N SER C 129 -27.18 28.43 -26.23
CA SER C 129 -27.67 27.55 -27.27
C SER C 129 -29.09 27.86 -27.71
N ILE C 130 -29.70 28.94 -27.24
CA ILE C 130 -30.93 29.41 -27.84
C ILE C 130 -30.65 30.50 -28.86
N ASN C 131 -29.37 30.83 -29.04
CA ASN C 131 -28.92 31.90 -29.92
C ASN C 131 -28.31 31.37 -31.20
N LEU C 132 -28.27 30.06 -31.36
CA LEU C 132 -27.59 29.43 -32.46
C LEU C 132 -28.33 29.64 -33.77
N ASP C 133 -27.62 29.42 -34.86
CA ASP C 133 -28.21 29.29 -36.18
C ASP C 133 -28.14 27.81 -36.52
N ILE C 134 -29.27 27.13 -36.50
CA ILE C 134 -29.25 25.68 -36.60
C ILE C 134 -29.06 25.24 -38.04
N GLU C 135 -29.09 26.18 -38.98
CA GLU C 135 -28.80 25.86 -40.37
C GLU C 135 -27.35 25.46 -40.56
N LYS C 136 -26.44 25.99 -39.73
CA LYS C 136 -25.02 25.82 -39.98
C LYS C 136 -24.49 24.45 -39.63
N PHE C 137 -25.23 23.63 -38.90
CA PHE C 137 -24.68 22.37 -38.42
C PHE C 137 -25.35 21.14 -39.00
N GLY C 138 -26.55 21.26 -39.56
CA GLY C 138 -27.19 20.07 -40.07
C GLY C 138 -28.52 20.27 -40.77
N ASN C 139 -29.47 19.39 -40.45
CA ASN C 139 -30.77 19.32 -41.10
C ASN C 139 -31.59 20.59 -40.88
N ALA C 140 -31.80 21.37 -41.94
CA ALA C 140 -32.61 22.58 -41.82
C ALA C 140 -34.09 22.24 -41.69
N SER C 141 -34.49 21.04 -42.11
CA SER C 141 -35.88 20.62 -42.01
C SER C 141 -36.24 20.10 -40.62
N LEU C 142 -35.33 20.18 -39.65
CA LEU C 142 -35.72 19.96 -38.26
C LEU C 142 -36.66 21.06 -37.79
N VAL C 143 -36.42 22.29 -38.20
CA VAL C 143 -37.11 23.43 -37.65
C VAL C 143 -38.10 24.07 -38.62
N ILE C 144 -38.12 23.67 -39.88
CA ILE C 144 -39.13 24.22 -40.77
C ILE C 144 -40.43 23.49 -40.52
N GLY C 145 -41.39 24.20 -39.95
CA GLY C 145 -42.62 23.59 -39.50
C GLY C 145 -42.94 23.81 -38.04
N MET C 146 -42.12 24.54 -37.30
CA MET C 146 -42.47 24.91 -35.94
C MET C 146 -42.47 26.42 -35.74
N THR C 147 -43.29 26.87 -34.81
CA THR C 147 -43.44 28.28 -34.47
C THR C 147 -42.19 28.72 -33.71
N GLU C 148 -42.03 30.04 -33.53
CA GLU C 148 -40.85 30.56 -32.86
C GLU C 148 -40.81 30.19 -31.39
N THR C 149 -41.97 29.94 -30.78
CA THR C 149 -41.93 29.38 -29.44
C THR C 149 -41.39 27.95 -29.47
N GLU C 150 -41.82 27.16 -30.45
CA GLU C 150 -41.33 25.79 -30.52
C GLU C 150 -39.93 25.75 -31.10
N LYS C 151 -39.54 26.79 -31.82
CA LYS C 151 -38.18 26.92 -32.31
C LYS C 151 -37.20 27.04 -31.16
N LEU C 152 -37.51 27.92 -30.20
CA LEU C 152 -36.67 28.07 -29.03
C LEU C 152 -36.69 26.82 -28.18
N LYS C 153 -37.85 26.16 -28.07
CA LYS C 153 -37.93 24.97 -27.23
C LYS C 153 -37.19 23.80 -27.86
N PHE C 154 -37.02 23.82 -29.17
CA PHE C 154 -36.19 22.83 -29.82
C PHE C 154 -34.72 23.10 -29.56
N LEU C 155 -34.32 24.36 -29.66
CA LEU C 155 -32.91 24.72 -29.57
C LEU C 155 -32.43 24.63 -28.14
N ALA C 156 -33.31 24.94 -27.19
CA ALA C 156 -32.90 25.03 -25.79
C ALA C 156 -32.54 23.70 -25.18
N ARG C 157 -32.96 22.59 -25.75
CA ARG C 157 -32.66 21.29 -25.21
C ARG C 157 -31.34 20.73 -25.72
N ILE C 158 -30.60 21.50 -26.52
CA ILE C 158 -29.26 21.06 -26.96
C ILE C 158 -28.28 20.74 -25.84
N PRO C 159 -28.19 21.50 -24.72
CA PRO C 159 -27.31 21.04 -23.64
C PRO C 159 -27.75 19.77 -23.00
N CYS C 160 -29.07 19.57 -22.95
CA CYS C 160 -29.70 18.48 -22.22
C CYS C 160 -29.54 17.22 -23.08
N LYS C 161 -28.57 16.41 -22.68
CA LYS C 161 -28.06 15.31 -23.50
C LYS C 161 -29.11 14.25 -23.78
N ASP C 162 -29.96 13.97 -22.80
CA ASP C 162 -30.98 12.94 -22.87
C ASP C 162 -32.36 13.47 -23.20
N LEU C 163 -32.48 14.68 -23.71
CA LEU C 163 -33.74 15.22 -24.19
C LEU C 163 -33.69 15.59 -25.66
N PHE C 164 -32.53 15.48 -26.27
CA PHE C 164 -32.37 15.84 -27.67
C PHE C 164 -32.18 14.58 -28.51
N GLU C 165 -32.97 14.46 -29.56
CA GLU C 165 -33.04 13.24 -30.33
C GLU C 165 -32.01 13.16 -31.44
N ASP C 166 -31.66 14.30 -32.04
CA ASP C 166 -30.64 14.36 -33.09
C ASP C 166 -29.30 14.29 -32.40
N ASN C 167 -28.42 13.44 -32.91
CA ASN C 167 -27.09 13.40 -32.33
C ASN C 167 -26.05 14.01 -33.23
N GLU C 168 -26.40 14.34 -34.47
CA GLU C 168 -25.43 14.99 -35.34
C GLU C 168 -25.42 16.49 -35.13
N VAL C 169 -26.59 17.10 -34.97
CA VAL C 169 -26.62 18.53 -34.76
C VAL C 169 -26.43 18.83 -33.30
N ARG C 170 -26.55 17.84 -32.43
CA ARG C 170 -26.14 18.06 -31.06
C ARG C 170 -24.64 18.06 -30.96
N VAL C 171 -23.98 17.11 -31.60
CA VAL C 171 -22.53 17.03 -31.48
C VAL C 171 -21.87 18.17 -32.21
N ALA C 172 -22.46 18.64 -33.30
CA ALA C 172 -21.88 19.76 -34.02
C ALA C 172 -22.07 21.08 -33.29
N ALA C 173 -23.12 21.21 -32.49
CA ALA C 173 -23.33 22.48 -31.81
C ALA C 173 -22.68 22.51 -30.45
N THR C 174 -22.58 21.39 -29.75
CA THR C 174 -21.83 21.45 -28.51
C THR C 174 -20.35 21.47 -28.75
N ARG C 175 -19.90 21.24 -29.97
CA ARG C 175 -18.49 21.36 -30.29
C ARG C 175 -18.15 22.79 -30.68
N TYR C 176 -19.08 23.48 -31.30
CA TYR C 176 -18.89 24.86 -31.69
C TYR C 176 -18.90 25.78 -30.49
N ILE C 177 -19.75 25.52 -29.50
CA ILE C 177 -19.81 26.41 -28.34
C ILE C 177 -18.82 25.96 -27.28
N LYS C 178 -18.35 24.73 -27.31
CA LYS C 178 -17.23 24.43 -26.45
C LYS C 178 -15.94 25.02 -27.01
N CYS C 179 -15.86 25.21 -28.32
CA CYS C 179 -14.73 25.93 -28.90
C CYS C 179 -14.71 27.39 -28.51
N ILE C 180 -15.82 28.10 -28.74
CA ILE C 180 -15.87 29.53 -28.44
C ILE C 180 -15.75 29.78 -26.96
N SER C 181 -16.17 28.83 -26.16
CA SER C 181 -15.94 28.94 -24.72
C SER C 181 -14.49 28.74 -24.36
N GLN C 182 -13.75 27.94 -25.14
CA GLN C 182 -12.33 27.80 -24.85
C GLN C 182 -11.53 28.95 -25.41
N ALA C 183 -12.04 29.60 -26.45
CA ALA C 183 -11.40 30.81 -26.91
C ALA C 183 -11.56 31.93 -25.90
N CYS C 184 -12.72 32.03 -25.27
CA CYS C 184 -12.92 33.04 -24.23
C CYS C 184 -12.26 32.63 -22.94
N GLY C 185 -11.96 31.36 -22.78
CA GLY C 185 -11.24 30.94 -21.59
C GLY C 185 -9.77 31.22 -21.66
N TRP C 186 -9.21 31.26 -22.88
CA TRP C 186 -7.79 31.61 -23.02
C TRP C 186 -7.60 33.10 -23.09
N MET C 187 -8.52 33.84 -23.69
CA MET C 187 -8.39 35.28 -23.66
C MET C 187 -8.74 35.85 -22.29
N PHE C 188 -9.36 35.08 -21.42
CA PHE C 188 -9.52 35.50 -20.05
C PHE C 188 -8.25 35.27 -19.26
N LEU C 189 -7.62 34.11 -19.44
CA LEU C 189 -6.37 33.82 -18.74
C LEU C 189 -5.25 34.73 -19.22
N LEU C 190 -5.39 35.28 -20.41
CA LEU C 190 -4.37 36.16 -20.94
C LEU C 190 -4.60 37.58 -20.49
N MET C 191 -5.83 37.95 -20.19
CA MET C 191 -6.04 39.30 -19.67
C MET C 191 -6.00 39.33 -18.15
N MET C 192 -6.12 38.17 -17.51
CA MET C 192 -5.85 38.10 -16.08
C MET C 192 -4.34 38.07 -15.82
N THR C 193 -3.58 37.33 -16.61
CA THR C 193 -2.15 37.28 -16.38
C THR C 193 -1.47 38.55 -16.82
N PHE C 194 -1.95 39.21 -17.86
CA PHE C 194 -1.34 40.47 -18.24
C PHE C 194 -1.74 41.58 -17.28
N THR C 195 -2.83 41.41 -16.55
CA THR C 195 -3.12 42.37 -15.48
C THR C 195 -2.21 42.16 -14.29
N ALA C 196 -2.04 40.91 -13.84
CA ALA C 196 -1.20 40.64 -12.67
C ALA C 196 0.28 40.88 -12.98
N PHE C 197 0.65 40.87 -14.25
CA PHE C 197 2.00 41.25 -14.61
C PHE C 197 2.16 42.76 -14.59
N LEU C 198 1.07 43.49 -14.80
CA LEU C 198 1.16 44.93 -14.70
C LEU C 198 1.22 45.39 -13.26
N ILE C 199 0.73 44.59 -12.32
CA ILE C 199 0.84 45.01 -10.93
C ILE C 199 2.11 44.48 -10.26
N ARG C 200 2.80 43.50 -10.86
CA ARG C 200 4.18 43.24 -10.43
C ARG C 200 5.17 44.21 -11.08
N ALA C 201 4.69 45.11 -11.93
CA ALA C 201 5.55 46.14 -12.46
C ALA C 201 5.19 47.54 -11.95
N ILE C 202 4.05 47.69 -11.27
CA ILE C 202 3.65 49.01 -10.77
C ILE C 202 3.50 49.06 -9.25
N ARG C 203 2.74 48.12 -8.66
CA ARG C 203 2.29 48.18 -7.26
C ARG C 203 3.37 48.21 -6.16
N PRO C 204 4.60 47.68 -6.36
CA PRO C 204 5.69 48.00 -5.41
C PRO C 204 5.98 49.49 -5.22
N CYS C 205 5.73 50.33 -6.23
CA CYS C 205 5.80 51.77 -6.06
C CYS C 205 4.55 52.35 -5.42
N PHE C 206 3.46 51.57 -5.35
CA PHE C 206 2.28 52.00 -4.63
C PHE C 206 2.41 51.73 -3.14
N THR C 207 3.07 50.63 -2.78
CA THR C 207 3.27 50.32 -1.37
C THR C 207 4.30 51.26 -0.75
N GLN C 208 5.44 51.48 -1.43
CA GLN C 208 6.50 52.42 -1.06
C GLN C 208 7.08 52.13 0.32
N ALA C 209 7.37 50.84 0.58
CA ALA C 209 7.99 50.35 1.83
C ALA C 209 7.17 50.72 3.05
N SER C 210 5.85 50.70 2.91
CA SER C 210 4.95 50.84 4.06
C SER C 210 4.55 49.50 4.65
N TYR C 211 4.99 48.40 4.02
CA TYR C 211 4.65 47.07 4.51
C TYR C 211 5.40 46.76 5.79
N ARG C 212 6.48 47.50 6.07
CA ARG C 212 7.24 47.30 7.29
C ARG C 212 6.46 47.81 8.50
N GLN C 213 5.77 48.94 8.35
CA GLN C 213 4.90 49.41 9.42
C GLN C 213 3.67 48.51 9.55
N GLU C 214 3.26 47.88 8.45
CA GLU C 214 2.24 46.85 8.55
C GLU C 214 2.77 45.62 9.26
N ALA C 215 4.02 45.22 8.97
CA ALA C 215 4.58 44.03 9.58
C ALA C 215 4.99 44.30 11.02
N TYR C 216 5.28 45.55 11.36
CA TYR C 216 5.52 45.89 12.76
C TYR C 216 4.24 45.86 13.56
N TRP C 217 3.13 46.34 12.97
CA TRP C 217 1.84 46.25 13.64
C TRP C 217 1.34 44.81 13.66
N ALA C 218 1.75 44.01 12.67
CA ALA C 218 1.41 42.59 12.69
C ALA C 218 2.10 41.87 13.83
N GLN C 219 3.39 42.16 14.03
CA GLN C 219 4.12 41.54 15.14
C GLN C 219 3.69 42.13 16.48
N TYR C 220 3.26 43.39 16.49
CA TYR C 220 2.81 44.01 17.73
C TYR C 220 1.51 43.40 18.21
N ARG C 221 0.63 43.04 17.27
CA ARG C 221 -0.61 42.40 17.67
C ARG C 221 -0.37 40.98 18.15
N ALA C 222 0.52 40.25 17.47
CA ALA C 222 0.68 38.83 17.73
C ALA C 222 1.32 38.58 19.09
N ASN C 223 2.36 39.35 19.43
CA ASN C 223 3.01 39.17 20.72
C ASN C 223 2.18 39.75 21.86
N GLU C 224 1.30 40.72 21.57
CA GLU C 224 0.46 41.27 22.63
C GLU C 224 -0.58 40.26 23.08
N ASP C 225 -1.05 39.42 22.15
CA ASP C 225 -1.96 38.35 22.54
C ASP C 225 -1.21 37.24 23.26
N GLN C 226 0.03 36.96 22.85
CA GLN C 226 0.80 35.91 23.51
C GLN C 226 1.27 36.36 24.89
N LEU C 227 1.61 37.63 25.05
CA LEU C 227 1.94 38.13 26.39
C LEU C 227 0.70 38.20 27.26
N PHE C 228 -0.47 38.44 26.66
CA PHE C 228 -1.72 38.28 27.39
C PHE C 228 -1.97 36.83 27.78
N GLN C 229 -1.44 35.88 27.02
CA GLN C 229 -1.61 34.46 27.38
C GLN C 229 -0.82 34.13 28.63
N ARG C 230 0.46 34.50 28.65
CA ARG C 230 1.33 34.13 29.78
C ARG C 230 0.93 34.89 31.05
N THR C 231 0.49 36.14 30.91
CA THR C 231 0.11 36.93 32.07
C THR C 231 -1.22 36.46 32.66
N ALA C 232 -2.20 36.12 31.81
CA ALA C 232 -3.46 35.64 32.33
C ALA C 232 -3.32 34.23 32.90
N GLU C 233 -2.43 33.42 32.32
CA GLU C 233 -2.19 32.09 32.86
C GLU C 233 -1.47 32.17 34.20
N VAL C 234 -0.59 33.17 34.37
CA VAL C 234 0.04 33.38 35.66
C VAL C 234 -0.95 33.95 36.66
N HIS C 235 -1.85 34.82 36.18
CA HIS C 235 -2.94 35.31 37.03
C HIS C 235 -3.90 34.18 37.36
N SER C 236 -4.06 33.23 36.43
CA SER C 236 -4.81 32.01 36.72
C SER C 236 -4.11 31.14 37.75
N ARG C 237 -2.79 31.10 37.76
CA ARG C 237 -2.06 30.33 38.76
C ARG C 237 -2.29 30.88 40.16
N VAL C 238 -2.43 32.20 40.28
CA VAL C 238 -2.65 32.82 41.58
C VAL C 238 -4.04 32.45 42.10
N LEU C 239 -5.07 32.55 41.25
CA LEU C 239 -6.42 32.29 41.70
C LEU C 239 -6.67 30.79 41.90
N ALA C 240 -5.96 29.94 41.16
CA ALA C 240 -6.18 28.50 41.27
C ALA C 240 -5.59 27.95 42.55
N ALA C 241 -4.48 28.53 43.02
CA ALA C 241 -3.87 28.06 44.26
C ALA C 241 -4.73 28.42 45.47
N ASN C 242 -5.33 29.61 45.47
CA ASN C 242 -6.23 29.98 46.55
C ASN C 242 -7.51 29.16 46.51
N ASN C 243 -7.96 28.80 45.30
CA ASN C 243 -9.20 28.04 45.18
C ASN C 243 -8.99 26.57 45.54
N VAL C 244 -7.78 26.05 45.32
CA VAL C 244 -7.52 24.64 45.63
C VAL C 244 -7.38 24.45 47.14
N ARG C 245 -6.79 25.44 47.82
CA ARG C 245 -6.68 25.37 49.28
C ARG C 245 -8.05 25.45 49.93
N ARG C 246 -8.97 26.19 49.33
CA ARG C 246 -10.35 26.18 49.80
C ARG C 246 -11.10 24.95 49.33
N PHE C 247 -10.56 24.22 48.35
CA PHE C 247 -11.29 23.11 47.76
C PHE C 247 -11.40 21.88 48.66
N PHE C 248 -10.29 21.20 48.95
CA PHE C 248 -10.36 20.03 49.81
C PHE C 248 -9.71 20.33 51.15
N GLY C 249 -8.93 21.41 51.21
CA GLY C 249 -8.10 21.72 52.35
C GLY C 249 -6.63 21.57 52.04
N PHE C 250 -6.24 21.85 50.80
CA PHE C 250 -4.87 21.61 50.37
C PHE C 250 -4.46 22.48 49.19
N VAL C 251 -3.32 23.17 49.31
CA VAL C 251 -2.73 23.94 48.22
C VAL C 251 -1.48 23.20 47.76
N ALA C 252 -1.39 22.94 46.46
CA ALA C 252 -0.32 22.09 45.94
C ALA C 252 0.15 22.61 44.58
N LEU C 253 1.47 22.63 44.41
CA LEU C 253 2.10 23.16 43.20
C LEU C 253 3.34 22.35 42.84
N ASN C 254 3.31 21.79 41.64
CA ASN C 254 4.44 21.16 40.96
C ASN C 254 5.28 22.26 40.31
N LYS C 255 6.03 21.91 39.27
CA LYS C 255 6.77 22.90 38.46
C LYS C 255 5.89 23.91 37.71
N ASP C 256 4.57 23.86 37.89
CA ASP C 256 3.68 24.99 37.64
C ASP C 256 3.87 26.12 38.64
N ASP C 257 4.62 25.92 39.72
CA ASP C 257 5.05 27.00 40.59
C ASP C 257 6.22 27.80 40.02
N GLU C 258 6.85 27.31 38.94
CA GLU C 258 8.01 27.97 38.37
C GLU C 258 7.66 29.31 37.71
N GLU C 259 6.41 29.48 37.27
CA GLU C 259 5.95 30.79 36.86
C GLU C 259 5.35 31.56 38.02
N LEU C 260 4.99 30.86 39.10
CA LEU C 260 4.43 31.51 40.28
C LEU C 260 5.49 32.23 41.08
N GLY D 21 12.80 23.33 -9.21
CA GLY D 21 12.63 24.77 -9.10
C GLY D 21 11.27 25.23 -9.58
N ILE D 22 11.15 26.52 -9.91
CA ILE D 22 9.90 26.99 -10.49
C ILE D 22 9.77 26.55 -11.94
N CYS D 23 10.88 26.32 -12.63
CA CYS D 23 10.79 25.94 -14.03
C CYS D 23 10.74 24.44 -14.18
N GLY D 24 11.05 23.71 -13.13
CA GLY D 24 10.74 22.30 -13.11
C GLY D 24 9.26 22.06 -12.94
N ILE D 25 8.59 22.89 -12.14
CA ILE D 25 7.16 22.68 -11.93
C ILE D 25 6.35 23.27 -13.07
N MET D 26 6.86 24.30 -13.74
CA MET D 26 6.15 24.82 -14.90
C MET D 26 6.34 23.95 -16.12
N ALA D 27 7.46 23.26 -16.24
CA ALA D 27 7.56 22.30 -17.33
C ALA D 27 6.66 21.12 -17.09
N LEU D 28 6.48 20.74 -15.83
CA LEU D 28 5.58 19.64 -15.53
C LEU D 28 4.12 20.06 -15.64
N ALA D 29 3.82 21.31 -15.32
CA ALA D 29 2.43 21.77 -15.41
C ALA D 29 2.02 22.02 -16.86
N SER D 30 2.95 22.38 -17.72
CA SER D 30 2.61 22.60 -19.12
C SER D 30 2.29 21.30 -19.82
N ALA D 31 3.03 20.25 -19.51
CA ALA D 31 2.70 18.93 -20.04
C ALA D 31 1.44 18.39 -19.39
N GLN D 32 1.14 18.83 -18.17
CA GLN D 32 -0.03 18.29 -17.47
C GLN D 32 -1.30 19.02 -17.86
N MET D 33 -1.22 20.31 -18.22
CA MET D 33 -2.40 20.95 -18.77
C MET D 33 -2.73 20.43 -20.14
N TYR D 34 -1.74 19.97 -20.90
CA TYR D 34 -2.06 19.41 -22.20
C TYR D 34 -2.80 18.09 -22.04
N SER D 35 -2.44 17.30 -21.04
CA SER D 35 -3.10 16.02 -20.86
C SER D 35 -4.51 16.18 -20.35
N SER D 36 -4.78 17.20 -19.55
CA SER D 36 -6.13 17.37 -19.02
C SER D 36 -6.98 18.33 -19.83
N PHE D 37 -6.40 19.05 -20.78
CA PHE D 37 -7.18 19.79 -21.76
C PHE D 37 -7.88 18.81 -22.67
N GLU D 38 -9.14 19.04 -22.95
CA GLU D 38 -9.83 18.17 -23.89
C GLU D 38 -9.99 18.97 -25.18
N PHE D 39 -9.30 18.51 -26.21
CA PHE D 39 -9.26 19.21 -27.47
C PHE D 39 -10.62 19.13 -28.12
N SER D 40 -11.19 20.26 -28.44
CA SER D 40 -12.55 20.29 -28.96
C SER D 40 -12.64 21.08 -30.24
N CYS D 41 -11.88 20.69 -31.23
CA CYS D 41 -11.76 21.29 -32.55
C CYS D 41 -13.10 21.48 -33.20
N PRO D 42 -13.51 22.68 -33.61
CA PRO D 42 -14.75 22.84 -34.36
C PRO D 42 -14.57 22.24 -35.72
N CYS D 43 -15.63 22.06 -36.48
CA CYS D 43 -15.45 21.44 -37.76
C CYS D 43 -15.85 22.39 -38.87
N MET D 44 -15.61 23.59 -38.70
CA MET D 44 -15.99 24.55 -39.69
C MET D 44 -14.74 25.16 -40.29
N PRO D 45 -14.78 25.55 -41.55
CA PRO D 45 -13.56 26.04 -42.19
C PRO D 45 -13.07 27.40 -41.71
N GLU D 46 -13.95 28.30 -41.30
CA GLU D 46 -13.45 29.59 -40.84
C GLU D 46 -13.03 29.58 -39.39
N TYR D 47 -13.37 28.56 -38.64
CA TYR D 47 -12.95 28.45 -37.26
C TYR D 47 -12.03 27.31 -37.02
N ASN D 48 -11.60 26.58 -38.05
CA ASN D 48 -10.60 25.55 -37.83
C ASN D 48 -9.23 26.14 -37.61
N TYR D 49 -8.81 27.05 -38.49
CA TYR D 49 -7.45 27.56 -38.46
C TYR D 49 -7.18 28.33 -37.19
N THR D 50 -8.13 29.19 -36.78
CA THR D 50 -7.87 30.02 -35.61
C THR D 50 -7.97 29.23 -34.33
N TYR D 51 -8.70 28.12 -34.33
CA TYR D 51 -8.68 27.28 -33.15
C TYR D 51 -7.42 26.43 -33.11
N GLY D 52 -7.00 25.90 -34.24
CA GLY D 52 -5.87 24.98 -34.22
C GLY D 52 -4.55 25.69 -33.99
N ILE D 53 -4.30 26.74 -34.75
CA ILE D 53 -3.06 27.49 -34.61
C ILE D 53 -3.10 28.36 -33.37
N GLY D 54 -4.28 28.84 -32.99
CA GLY D 54 -4.40 29.61 -31.77
C GLY D 54 -4.09 28.78 -30.54
N LEU D 55 -4.29 27.49 -30.62
CA LEU D 55 -3.95 26.69 -29.46
C LEU D 55 -2.48 26.32 -29.47
N LEU D 56 -1.79 26.56 -30.57
CA LEU D 56 -0.35 26.38 -30.58
C LEU D 56 0.33 27.60 -30.00
N ILE D 57 -0.23 28.78 -30.23
CA ILE D 57 0.42 30.05 -29.96
C ILE D 57 0.00 30.65 -28.62
N ILE D 58 -1.29 30.75 -28.33
CA ILE D 58 -1.78 31.47 -27.16
C ILE D 58 -1.47 30.80 -25.82
N PRO D 59 -1.38 29.50 -25.67
CA PRO D 59 -0.91 28.98 -24.41
C PRO D 59 0.61 29.09 -24.21
N PRO D 60 1.45 29.27 -25.22
CA PRO D 60 2.78 29.76 -24.90
C PRO D 60 2.86 31.18 -24.41
N ILE D 61 2.06 32.10 -24.94
CA ILE D 61 2.11 33.46 -24.43
C ILE D 61 1.56 33.52 -23.01
N TRP D 62 0.68 32.60 -22.66
CA TRP D 62 0.26 32.54 -21.28
C TRP D 62 1.32 31.94 -20.40
N PHE D 63 2.00 30.90 -20.86
CA PHE D 63 2.99 30.26 -20.01
C PHE D 63 4.26 31.09 -19.94
N PHE D 64 4.41 32.05 -20.83
CA PHE D 64 5.55 32.96 -20.76
C PHE D 64 5.28 34.08 -19.76
N LEU D 65 4.12 34.70 -19.82
CA LEU D 65 3.80 35.75 -18.85
C LEU D 65 3.55 35.18 -17.47
N LEU D 66 3.24 33.90 -17.38
CA LEU D 66 3.24 33.24 -16.08
C LEU D 66 4.65 33.04 -15.58
N GLY D 67 5.62 33.00 -16.48
CA GLY D 67 7.00 32.84 -16.05
C GLY D 67 7.61 34.15 -15.62
N PHE D 68 6.94 35.27 -15.91
CA PHE D 68 7.36 36.54 -15.35
C PHE D 68 6.68 36.81 -14.01
N VAL D 69 5.39 36.51 -13.90
CA VAL D 69 4.62 36.78 -12.70
C VAL D 69 5.13 35.93 -11.53
N LEU D 70 5.46 34.68 -11.77
CA LEU D 70 5.90 33.86 -10.66
C LEU D 70 7.41 33.97 -10.43
N ASN D 71 8.08 34.94 -11.05
CA ASN D 71 9.51 35.17 -10.80
C ASN D 71 9.70 36.57 -10.22
N ASN D 72 9.76 36.61 -8.88
CA ASN D 72 9.73 37.81 -8.06
C ASN D 72 10.86 38.81 -8.31
N ASN D 73 11.92 38.36 -8.98
CA ASN D 73 13.00 39.26 -9.34
C ASN D 73 12.62 40.23 -10.46
N VAL D 74 11.44 40.08 -11.07
CA VAL D 74 10.95 41.10 -11.99
C VAL D 74 10.34 42.26 -11.19
N SER D 75 9.89 41.99 -9.95
CA SER D 75 9.44 43.07 -9.09
C SER D 75 10.63 43.91 -8.64
N VAL D 76 11.76 43.25 -8.38
CA VAL D 76 13.00 43.98 -8.13
C VAL D 76 13.43 44.74 -9.38
N LEU D 77 13.33 44.09 -10.55
CA LEU D 77 13.69 44.72 -11.83
C LEU D 77 12.78 45.91 -12.14
N ALA D 78 11.53 45.83 -11.69
CA ALA D 78 10.56 46.89 -11.95
C ALA D 78 10.94 48.17 -11.24
N GLU D 79 11.26 48.07 -9.95
CA GLU D 79 11.58 49.28 -9.20
C GLU D 79 12.97 49.80 -9.50
N GLU D 80 13.85 48.99 -10.10
CA GLU D 80 15.14 49.55 -10.49
C GLU D 80 15.04 50.34 -11.79
N TRP D 81 14.13 49.99 -12.68
CA TRP D 81 13.96 50.79 -13.89
C TRP D 81 13.09 52.01 -13.61
N LYS D 82 12.37 52.02 -12.49
CA LYS D 82 11.50 53.15 -12.17
C LYS D 82 12.27 54.38 -11.74
N ARG D 83 13.33 54.23 -10.94
CA ARG D 83 14.04 55.38 -10.40
C ARG D 83 14.87 56.06 -11.50
N PRO D 84 15.18 57.34 -11.33
CA PRO D 84 16.19 57.97 -12.20
C PRO D 84 17.59 57.48 -11.87
N THR D 85 18.53 57.87 -12.73
CA THR D 85 19.92 57.45 -12.57
C THR D 85 20.56 58.20 -11.40
N GLY D 86 21.64 57.64 -10.87
CA GLY D 86 22.26 58.18 -9.68
C GLY D 86 21.85 57.41 -8.44
N ARG D 87 20.57 57.03 -8.39
CA ARG D 87 20.05 56.18 -7.33
C ARG D 87 20.11 54.70 -7.68
N ARG D 88 20.26 54.38 -8.96
CA ARG D 88 20.14 53.01 -9.45
C ARG D 88 21.30 52.16 -8.97
N THR D 89 20.99 50.96 -8.51
CA THR D 89 21.93 50.11 -7.79
C THR D 89 22.70 49.16 -8.70
N LYS D 90 22.35 49.05 -9.97
CA LYS D 90 23.03 48.19 -10.91
C LYS D 90 23.54 49.02 -12.07
N ASP D 91 24.42 48.44 -12.86
CA ASP D 91 24.71 49.01 -14.17
C ASP D 91 23.59 48.64 -15.14
N PRO D 92 23.39 49.42 -16.26
CA PRO D 92 22.35 49.02 -17.21
C PRO D 92 22.69 47.75 -17.96
N SER D 93 23.96 47.35 -17.95
CA SER D 93 24.37 46.03 -18.39
C SER D 93 24.17 44.96 -17.32
N VAL D 94 23.81 45.33 -16.10
CA VAL D 94 23.44 44.35 -15.08
C VAL D 94 21.92 44.22 -14.97
N LEU D 95 21.19 45.32 -15.23
CA LEU D 95 19.75 45.20 -15.37
C LEU D 95 19.39 44.41 -16.63
N ARG D 96 20.18 44.55 -17.70
CA ARG D 96 19.96 43.76 -18.89
C ARG D 96 20.32 42.30 -18.67
N TYR D 97 21.18 41.98 -17.70
CA TYR D 97 21.44 40.58 -17.43
C TYR D 97 20.28 39.94 -16.69
N MET D 98 19.63 40.70 -15.81
CA MET D 98 18.47 40.18 -15.09
C MET D 98 17.33 39.89 -16.06
N LEU D 99 17.20 40.74 -17.08
CA LEU D 99 16.26 40.51 -18.16
C LEU D 99 16.53 39.21 -18.90
N CYS D 100 17.80 38.95 -19.21
CA CYS D 100 18.11 37.79 -20.02
C CYS D 100 18.04 36.48 -19.24
N SER D 101 18.34 36.51 -17.94
CA SER D 101 18.23 35.26 -17.20
C SER D 101 16.79 34.95 -16.84
N ILE D 102 15.95 35.97 -16.65
CA ILE D 102 14.55 35.71 -16.34
C ILE D 102 13.80 35.33 -17.61
N THR D 103 14.31 35.75 -18.77
CA THR D 103 13.70 35.33 -20.03
C THR D 103 14.04 33.88 -20.32
N GLN D 104 15.32 33.54 -20.39
CA GLN D 104 15.69 32.19 -20.82
C GLN D 104 15.48 31.16 -19.72
N ARG D 105 14.99 31.57 -18.56
CA ARG D 105 14.43 30.57 -17.66
C ARG D 105 12.98 30.31 -18.02
N SER D 106 12.22 31.37 -18.30
CA SER D 106 10.78 31.27 -18.51
C SER D 106 10.39 30.75 -19.86
N LEU D 107 11.34 30.44 -20.75
CA LEU D 107 11.07 29.86 -22.05
C LEU D 107 11.13 28.35 -22.05
N ILE D 108 10.87 27.69 -20.93
CA ILE D 108 10.86 26.23 -20.94
C ILE D 108 9.45 25.70 -20.95
N ALA D 109 8.56 26.31 -20.19
CA ALA D 109 7.16 25.91 -20.26
C ALA D 109 6.44 26.29 -21.54
N PRO D 110 6.78 27.36 -22.26
CA PRO D 110 6.33 27.45 -23.64
C PRO D 110 6.81 26.32 -24.50
N ALA D 111 8.11 26.05 -24.48
CA ALA D 111 8.66 25.12 -25.46
C ALA D 111 8.38 23.69 -25.09
N VAL D 112 7.93 23.41 -23.89
CA VAL D 112 7.38 22.08 -23.64
C VAL D 112 5.96 21.99 -24.15
N TRP D 113 5.20 23.08 -24.13
CA TRP D 113 3.87 23.03 -24.73
C TRP D 113 3.93 22.91 -26.23
N VAL D 114 4.82 23.66 -26.88
CA VAL D 114 4.85 23.63 -28.34
C VAL D 114 5.42 22.31 -28.82
N SER D 115 6.25 21.65 -28.01
CA SER D 115 6.76 20.37 -28.48
C SER D 115 5.77 19.25 -28.23
N VAL D 116 5.06 19.28 -27.11
CA VAL D 116 4.06 18.26 -26.81
C VAL D 116 2.87 18.40 -27.74
N THR D 117 2.50 19.62 -28.11
CA THR D 117 1.41 19.82 -29.07
C THR D 117 1.82 19.36 -30.45
N LEU D 118 3.08 19.49 -30.80
CA LEU D 118 3.46 19.11 -32.14
C LEU D 118 3.71 17.61 -32.25
N MET D 119 4.16 16.95 -31.19
CA MET D 119 4.26 15.50 -31.27
C MET D 119 2.91 14.83 -31.28
N ASP D 120 1.91 15.45 -30.70
CA ASP D 120 0.61 14.83 -30.62
C ASP D 120 -0.17 15.06 -31.90
N GLY D 121 0.11 16.13 -32.61
CA GLY D 121 -0.42 16.33 -33.92
C GLY D 121 -1.88 16.66 -33.99
N LYS D 122 -2.53 16.95 -32.87
CA LYS D 122 -3.94 17.28 -32.91
C LYS D 122 -4.16 18.69 -33.42
N SER D 123 -3.20 19.57 -33.20
CA SER D 123 -3.38 20.95 -33.60
C SER D 123 -3.02 21.17 -35.05
N PHE D 124 -2.06 20.42 -35.62
CA PHE D 124 -1.88 20.52 -37.06
C PHE D 124 -3.02 19.87 -37.80
N LEU D 125 -3.66 18.89 -37.19
CA LEU D 125 -4.76 18.21 -37.86
C LEU D 125 -6.00 19.09 -37.91
N CYS D 126 -6.25 19.84 -36.85
CA CYS D 126 -7.36 20.78 -36.87
C CYS D 126 -7.09 21.92 -37.81
N ALA D 127 -5.87 22.44 -37.81
CA ALA D 127 -5.61 23.68 -38.49
C ALA D 127 -5.46 23.50 -39.98
N PHE D 128 -4.90 22.37 -40.40
CA PHE D 128 -4.42 22.22 -41.76
C PHE D 128 -5.19 21.18 -42.56
N SER D 129 -6.31 20.68 -42.05
CA SER D 129 -7.03 19.68 -42.80
C SER D 129 -8.05 20.25 -43.76
N ILE D 130 -8.11 21.56 -43.94
CA ILE D 130 -8.87 22.14 -45.03
C ILE D 130 -7.96 22.40 -46.22
N ASN D 131 -6.68 22.10 -46.09
CA ASN D 131 -5.65 22.36 -47.09
C ASN D 131 -5.23 21.10 -47.82
N LEU D 132 -5.82 19.97 -47.47
CA LEU D 132 -5.40 18.69 -47.98
C LEU D 132 -5.77 18.52 -49.44
N ASP D 133 -5.13 17.57 -50.09
CA ASP D 133 -5.54 17.07 -51.39
C ASP D 133 -6.15 15.71 -51.13
N ILE D 134 -7.47 15.62 -51.24
CA ILE D 134 -8.15 14.40 -50.81
C ILE D 134 -8.02 13.30 -51.85
N GLU D 135 -7.47 13.62 -53.01
CA GLU D 135 -7.21 12.59 -54.01
C GLU D 135 -6.12 11.64 -53.56
N LYS D 136 -5.19 12.10 -52.72
CA LYS D 136 -4.01 11.31 -52.42
C LYS D 136 -4.26 10.17 -51.45
N PHE D 137 -5.39 10.15 -50.75
CA PHE D 137 -5.60 9.17 -49.70
C PHE D 137 -6.71 8.17 -49.99
N GLY D 138 -7.62 8.46 -50.91
CA GLY D 138 -8.69 7.52 -51.15
C GLY D 138 -9.65 7.86 -52.27
N ASN D 139 -10.94 7.67 -51.99
CA ASN D 139 -12.01 7.82 -52.96
C ASN D 139 -12.13 9.24 -53.48
N ALA D 140 -11.79 9.44 -54.76
CA ALA D 140 -11.92 10.76 -55.35
C ALA D 140 -13.38 11.13 -55.60
N SER D 141 -14.26 10.13 -55.68
CA SER D 141 -15.68 10.37 -55.89
C SER D 141 -16.42 10.75 -54.61
N LEU D 142 -15.71 10.92 -53.50
CA LEU D 142 -16.33 11.56 -52.33
C LEU D 142 -16.67 13.01 -52.62
N VAL D 143 -15.80 13.70 -53.34
CA VAL D 143 -15.90 15.14 -53.50
C VAL D 143 -16.32 15.56 -54.90
N ILE D 144 -16.38 14.66 -55.87
CA ILE D 144 -16.87 15.06 -57.17
C ILE D 144 -18.39 15.09 -57.11
N GLY D 145 -18.94 16.30 -57.19
CA GLY D 145 -20.36 16.50 -56.98
C GLY D 145 -20.71 17.48 -55.89
N MET D 146 -19.73 18.09 -55.24
CA MET D 146 -20.02 19.16 -54.28
C MET D 146 -19.30 20.45 -54.67
N THR D 147 -19.91 21.57 -54.28
CA THR D 147 -19.39 22.90 -54.54
C THR D 147 -18.19 23.13 -53.62
N GLU D 148 -17.43 24.20 -53.89
CA GLU D 148 -16.23 24.48 -53.10
C GLU D 148 -16.57 24.87 -51.67
N THR D 149 -17.76 25.39 -51.43
CA THR D 149 -18.18 25.57 -50.04
C THR D 149 -18.41 24.21 -49.38
N GLU D 150 -19.05 23.28 -50.09
CA GLU D 150 -19.28 21.98 -49.50
C GLU D 150 -18.02 21.13 -49.53
N LYS D 151 -17.09 21.48 -50.41
CA LYS D 151 -15.79 20.82 -50.43
C LYS D 151 -15.02 21.09 -49.15
N LEU D 152 -14.98 22.36 -48.73
CA LEU D 152 -14.32 22.70 -47.48
C LEU D 152 -15.06 22.12 -46.30
N LYS D 153 -16.39 22.08 -46.34
CA LYS D 153 -17.15 21.57 -45.22
C LYS D 153 -17.01 20.06 -45.10
N PHE D 154 -16.68 19.40 -46.20
CA PHE D 154 -16.38 17.98 -46.14
C PHE D 154 -15.01 17.75 -45.52
N LEU D 155 -14.04 18.56 -45.94
CA LEU D 155 -12.66 18.34 -45.52
C LEU D 155 -12.46 18.76 -44.08
N ALA D 156 -13.19 19.79 -43.64
CA ALA D 156 -12.96 20.36 -42.33
C ALA D 156 -13.37 19.46 -41.20
N ARG D 157 -14.21 18.47 -41.44
CA ARG D 157 -14.66 17.56 -40.40
C ARG D 157 -13.73 16.39 -40.21
N ILE D 158 -12.61 16.34 -40.94
CA ILE D 158 -11.60 15.27 -40.73
C ILE D 158 -11.07 15.17 -39.31
N PRO D 159 -10.75 16.26 -38.58
CA PRO D 159 -10.35 16.06 -37.18
C PRO D 159 -11.44 15.52 -36.31
N CYS D 160 -12.67 15.90 -36.62
CA CYS D 160 -13.85 15.61 -35.80
C CYS D 160 -14.22 14.15 -36.05
N LYS D 161 -13.82 13.31 -35.09
CA LYS D 161 -13.83 11.87 -35.25
C LYS D 161 -15.21 11.29 -35.46
N ASP D 162 -16.20 11.85 -34.78
CA ASP D 162 -17.58 11.39 -34.81
C ASP D 162 -18.47 12.19 -35.74
N LEU D 163 -17.92 12.95 -36.65
CA LEU D 163 -18.68 13.63 -37.68
C LEU D 163 -18.28 13.22 -39.08
N PHE D 164 -17.25 12.40 -39.20
CA PHE D 164 -16.76 11.97 -40.50
C PHE D 164 -17.11 10.51 -40.71
N GLU D 165 -17.72 10.22 -41.85
CA GLU D 165 -18.28 8.91 -42.11
C GLU D 165 -17.30 7.93 -42.72
N ASP D 166 -16.35 8.42 -43.53
CA ASP D 166 -15.33 7.59 -44.13
C ASP D 166 -14.28 7.34 -43.07
N ASN D 167 -13.87 6.08 -42.92
CA ASN D 167 -12.82 5.82 -41.95
C ASN D 167 -11.51 5.48 -42.63
N GLU D 168 -11.50 5.29 -43.94
CA GLU D 168 -10.23 5.03 -44.61
C GLU D 168 -9.52 6.32 -44.97
N VAL D 169 -10.26 7.33 -45.43
CA VAL D 169 -9.60 8.58 -45.77
C VAL D 169 -9.47 9.44 -44.54
N ARG D 170 -10.16 9.09 -43.47
CA ARG D 170 -9.88 9.76 -42.21
C ARG D 170 -8.60 9.23 -41.62
N VAL D 171 -8.41 7.91 -41.63
CA VAL D 171 -7.22 7.35 -41.02
C VAL D 171 -5.99 7.67 -41.84
N ALA D 172 -6.15 7.76 -43.16
CA ALA D 172 -5.00 8.08 -44.00
C ALA D 172 -4.61 9.55 -43.90
N ALA D 173 -5.55 10.43 -43.60
CA ALA D 173 -5.21 11.85 -43.52
C ALA D 173 -4.79 12.27 -42.13
N THR D 174 -5.34 11.65 -41.09
CA THR D 174 -4.82 12.01 -39.77
C THR D 174 -3.50 11.34 -39.50
N ARG D 175 -3.08 10.41 -40.35
CA ARG D 175 -1.76 9.82 -40.20
C ARG D 175 -0.72 10.64 -40.94
N TYR D 176 -1.10 11.25 -42.04
CA TYR D 176 -0.21 12.10 -42.81
C TYR D 176 0.08 13.40 -42.10
N ILE D 177 -0.91 13.98 -41.42
CA ILE D 177 -0.66 15.24 -40.75
C ILE D 177 -0.16 15.01 -39.33
N LYS D 178 -0.36 13.84 -38.76
CA LYS D 178 0.36 13.57 -37.53
C LYS D 178 1.82 13.29 -37.80
N CYS D 179 2.16 12.80 -39.00
CA CYS D 179 3.56 12.66 -39.39
C CYS D 179 4.23 14.00 -39.56
N ILE D 180 3.66 14.88 -40.39
CA ILE D 180 4.28 16.17 -40.66
C ILE D 180 4.31 17.03 -39.41
N SER D 181 3.39 16.81 -38.50
CA SER D 181 3.46 17.49 -37.22
C SER D 181 4.56 16.94 -36.35
N GLN D 182 4.92 15.66 -36.51
CA GLN D 182 6.03 15.14 -35.73
C GLN D 182 7.36 15.47 -36.37
N ALA D 183 7.36 15.70 -37.67
CA ALA D 183 8.57 16.21 -38.30
C ALA D 183 8.85 17.63 -37.88
N CYS D 184 7.82 18.45 -37.75
CA CYS D 184 8.01 19.81 -37.27
C CYS D 184 8.22 19.85 -35.77
N GLY D 185 7.84 18.80 -35.07
CA GLY D 185 8.11 18.75 -33.65
C GLY D 185 9.53 18.37 -33.34
N TRP D 186 10.18 17.62 -34.23
CA TRP D 186 11.59 17.29 -34.01
C TRP D 186 12.50 18.37 -34.55
N MET D 187 12.14 19.02 -35.64
CA MET D 187 12.95 20.14 -36.08
C MET D 187 12.76 21.36 -35.20
N PHE D 188 11.73 21.39 -34.37
CA PHE D 188 11.63 22.44 -33.38
C PHE D 188 12.51 22.14 -32.19
N LEU D 189 12.52 20.89 -31.72
CA LEU D 189 13.37 20.52 -30.60
C LEU D 189 14.83 20.58 -30.97
N LEU D 190 15.14 20.51 -32.26
CA LEU D 190 16.52 20.57 -32.70
C LEU D 190 16.95 22.00 -32.89
N MET D 191 16.03 22.92 -33.16
CA MET D 191 16.45 24.30 -33.26
C MET D 191 16.31 25.02 -31.93
N MET D 192 15.56 24.46 -31.00
CA MET D 192 15.59 24.96 -29.63
C MET D 192 16.84 24.50 -28.90
N THR D 193 17.23 23.23 -29.07
CA THR D 193 18.41 22.75 -28.38
C THR D 193 19.68 23.30 -29.00
N PHE D 194 19.71 23.51 -30.30
CA PHE D 194 20.90 24.10 -30.89
C PHE D 194 20.98 25.59 -30.58
N THR D 195 19.87 26.23 -30.25
CA THR D 195 19.96 27.60 -29.75
C THR D 195 20.49 27.64 -28.33
N ALA D 196 19.97 26.80 -27.44
CA ALA D 196 20.42 26.81 -26.05
C ALA D 196 21.85 26.30 -25.91
N PHE D 197 22.32 25.54 -26.90
CA PHE D 197 23.72 25.15 -26.91
C PHE D 197 24.59 26.31 -27.38
N LEU D 198 24.03 27.21 -28.18
CA LEU D 198 24.81 28.37 -28.58
C LEU D 198 24.91 29.38 -27.46
N ILE D 199 23.96 29.37 -26.51
CA ILE D 199 24.10 30.32 -25.41
C ILE D 199 24.85 29.73 -24.22
N ARG D 200 25.05 28.40 -24.16
CA ARG D 200 26.06 27.87 -23.24
C ARG D 200 27.46 27.95 -23.83
N ALA D 201 27.59 28.45 -25.06
CA ALA D 201 28.91 28.69 -25.60
C ALA D 201 29.21 30.18 -25.77
N ILE D 202 28.21 31.06 -25.61
CA ILE D 202 28.45 32.50 -25.78
C ILE D 202 28.17 33.32 -24.52
N ARG D 203 26.98 33.14 -23.92
CA ARG D 203 26.45 34.02 -22.87
C ARG D 203 27.26 34.14 -21.56
N PRO D 204 28.09 33.15 -21.15
CA PRO D 204 29.06 33.45 -20.07
C PRO D 204 30.02 34.61 -20.35
N CYS D 205 30.34 34.89 -21.61
CA CYS D 205 31.09 36.09 -21.95
C CYS D 205 30.20 37.34 -22.01
N PHE D 206 28.89 37.17 -22.03
CA PHE D 206 27.98 38.30 -21.95
C PHE D 206 27.78 38.74 -20.51
N THR D 207 27.76 37.77 -19.58
CA THR D 207 27.61 38.10 -18.16
C THR D 207 28.88 38.76 -17.62
N GLN D 208 30.05 38.17 -17.92
CA GLN D 208 31.38 38.69 -17.59
C GLN D 208 31.57 38.88 -16.08
N ALA D 209 31.16 37.87 -15.30
CA ALA D 209 31.30 37.83 -13.84
C ALA D 209 30.62 39.01 -13.16
N SER D 210 29.48 39.44 -13.71
CA SER D 210 28.64 40.43 -13.06
C SER D 210 27.57 39.80 -12.19
N TYR D 211 27.49 38.46 -12.20
CA TYR D 211 26.48 37.76 -11.41
C TYR D 211 26.81 37.84 -9.93
N ARG D 212 28.08 38.14 -9.60
CA ARG D 212 28.49 38.27 -8.22
C ARG D 212 27.91 39.53 -7.59
N GLN D 213 27.89 40.63 -8.36
CA GLN D 213 27.23 41.84 -7.88
C GLN D 213 25.71 41.66 -7.84
N GLU D 214 25.19 40.80 -8.71
CA GLU D 214 23.79 40.41 -8.60
C GLU D 214 23.56 39.56 -7.36
N ALA D 215 24.48 38.64 -7.06
CA ALA D 215 24.30 37.76 -5.91
C ALA D 215 24.61 38.48 -4.61
N TYR D 216 25.43 39.54 -4.67
CA TYR D 216 25.63 40.38 -3.49
C TYR D 216 24.41 41.22 -3.21
N TRP D 217 23.77 41.75 -4.26
CA TRP D 217 22.52 42.48 -4.06
C TRP D 217 21.38 41.54 -3.69
N ALA D 218 21.46 40.28 -4.13
CA ALA D 218 20.48 39.29 -3.73
C ALA D 218 20.58 38.98 -2.24
N GLN D 219 21.80 38.83 -1.74
CA GLN D 219 21.99 38.57 -0.32
C GLN D 219 21.74 39.83 0.51
N TYR D 220 22.00 41.01 -0.08
CA TYR D 220 21.75 42.26 0.64
C TYR D 220 20.27 42.50 0.84
N ARG D 221 19.45 42.11 -0.13
CA ARG D 221 18.01 42.26 0.04
C ARG D 221 17.47 41.26 1.04
N ALA D 222 17.97 40.02 1.00
CA ALA D 222 17.38 38.96 1.79
C ALA D 222 17.65 39.15 3.28
N ASN D 223 18.88 39.52 3.64
CA ASN D 223 19.19 39.74 5.04
C ASN D 223 18.62 41.05 5.56
N GLU D 224 18.37 42.02 4.67
CA GLU D 224 17.78 43.28 5.13
C GLU D 224 16.33 43.09 5.54
N ASP D 225 15.62 42.17 4.88
CA ASP D 225 14.27 41.84 5.30
C ASP D 225 14.28 41.01 6.57
N GLN D 226 15.27 40.13 6.71
CA GLN D 226 15.34 39.31 7.92
C GLN D 226 15.79 40.12 9.13
N LEU D 227 16.68 41.09 8.92
CA LEU D 227 17.06 41.99 10.02
C LEU D 227 15.91 42.93 10.35
N PHE D 228 15.09 43.28 9.36
CA PHE D 228 13.84 43.98 9.64
C PHE D 228 12.87 43.11 10.41
N GLN D 229 12.95 41.78 10.27
CA GLN D 229 12.07 40.90 11.03
C GLN D 229 12.43 40.91 12.51
N ARG D 230 13.72 40.72 12.81
CA ARG D 230 14.15 40.64 14.22
C ARG D 230 14.02 41.99 14.92
N THR D 231 14.28 43.08 14.20
CA THR D 231 14.18 44.41 14.81
C THR D 231 12.74 44.81 15.06
N ALA D 232 11.83 44.53 14.11
CA ALA D 232 10.43 44.87 14.33
C ALA D 232 9.80 43.97 15.38
N GLU D 233 10.24 42.71 15.46
CA GLU D 233 9.73 41.81 16.48
C GLU D 233 10.22 42.22 17.87
N VAL D 234 11.45 42.77 17.94
CA VAL D 234 11.95 43.29 19.20
C VAL D 234 11.24 44.61 19.54
N HIS D 235 10.95 45.41 18.51
CA HIS D 235 10.14 46.62 18.73
C HIS D 235 8.71 46.24 19.10
N SER D 236 8.23 45.11 18.58
CA SER D 236 6.96 44.56 19.02
C SER D 236 7.00 44.08 20.47
N ARG D 237 8.13 43.56 20.92
CA ARG D 237 8.25 43.14 22.31
C ARG D 237 8.15 44.32 23.26
N VAL D 238 8.67 45.47 22.85
CA VAL D 238 8.60 46.67 23.68
C VAL D 238 7.16 47.16 23.81
N LEU D 239 6.44 47.23 22.70
CA LEU D 239 5.08 47.74 22.75
C LEU D 239 4.11 46.74 23.37
N ALA D 240 4.40 45.44 23.26
CA ALA D 240 3.49 44.44 23.80
C ALA D 240 3.57 44.37 25.32
N ALA D 241 4.75 44.63 25.89
CA ALA D 241 4.90 44.61 27.34
C ALA D 241 4.18 45.79 27.98
N ASN D 242 4.25 46.97 27.36
CA ASN D 242 3.52 48.12 27.87
C ASN D 242 2.01 47.93 27.70
N ASN D 243 1.60 47.26 26.63
CA ASN D 243 0.18 47.06 26.39
C ASN D 243 -0.41 45.99 27.30
N VAL D 244 0.40 45.01 27.70
CA VAL D 244 -0.10 43.95 28.56
C VAL D 244 -0.25 44.44 29.99
N ARG D 245 0.65 45.32 30.43
CA ARG D 245 0.53 45.91 31.76
C ARG D 245 -0.70 46.80 31.86
N ARG D 246 -1.05 47.46 30.76
CA ARG D 246 -2.30 48.21 30.72
C ARG D 246 -3.49 47.29 30.50
N PHE D 247 -3.26 46.04 30.09
CA PHE D 247 -4.37 45.16 29.73
C PHE D 247 -5.17 44.65 30.92
N PHE D 248 -4.59 43.82 31.78
CA PHE D 248 -5.32 43.32 32.93
C PHE D 248 -4.78 43.93 34.22
N GLY D 249 -3.58 44.52 34.13
CA GLY D 249 -2.86 44.99 35.29
C GLY D 249 -1.63 44.16 35.55
N PHE D 250 -1.00 43.65 34.50
CA PHE D 250 0.12 42.74 34.66
C PHE D 250 1.05 42.73 33.45
N VAL D 251 2.35 42.89 33.69
CA VAL D 251 3.37 42.76 32.65
C VAL D 251 4.15 41.47 32.92
N ALA D 252 4.26 40.63 31.90
CA ALA D 252 4.83 39.30 32.10
C ALA D 252 5.66 38.88 30.90
N LEU D 253 6.83 38.32 31.17
CA LEU D 253 7.78 37.93 30.13
C LEU D 253 8.50 36.64 30.51
N ASN D 254 8.35 35.64 29.66
CA ASN D 254 9.10 34.39 29.66
C ASN D 254 10.45 34.64 28.98
N LYS D 255 11.05 33.58 28.43
CA LYS D 255 12.28 33.70 27.62
C LYS D 255 12.11 34.49 26.31
N ASP D 256 10.92 35.04 26.05
CA ASP D 256 10.73 36.16 25.13
C ASP D 256 11.33 37.46 25.66
N ASP D 257 11.74 37.52 26.93
CA ASP D 257 12.53 38.63 27.44
C ASP D 257 14.00 38.54 27.05
N GLU D 258 14.45 37.41 26.48
CA GLU D 258 15.84 37.23 26.12
C GLU D 258 16.27 38.11 24.96
N GLU D 259 15.34 38.51 24.10
CA GLU D 259 15.63 39.54 23.12
C GLU D 259 15.34 40.92 23.66
N LEU D 260 14.56 41.01 24.74
CA LEU D 260 14.24 42.30 25.35
C LEU D 260 15.42 42.85 26.14
N GLY E 21 23.61 9.32 -12.21
CA GLY E 21 24.15 10.58 -12.68
C GLY E 21 23.26 11.23 -13.71
N ILE E 22 23.82 12.14 -14.50
CA ILE E 22 23.04 12.74 -15.58
C ILE E 22 22.90 11.75 -16.74
N CYS E 23 23.84 10.82 -16.89
CA CYS E 23 23.75 9.90 -18.01
C CYS E 23 22.99 8.65 -17.63
N GLY E 24 22.77 8.45 -16.34
CA GLY E 24 21.81 7.45 -15.93
C GLY E 24 20.39 7.90 -16.17
N ILE E 25 20.12 9.20 -16.00
CA ILE E 25 18.75 9.67 -16.20
C ILE E 25 18.49 9.92 -17.68
N MET E 26 19.52 10.23 -18.46
CA MET E 26 19.30 10.38 -19.90
C MET E 26 19.19 9.03 -20.60
N ALA E 27 19.84 8.00 -20.09
CA ALA E 27 19.59 6.68 -20.66
C ALA E 27 18.20 6.20 -20.31
N LEU E 28 17.70 6.56 -19.13
CA LEU E 28 16.35 6.17 -18.77
C LEU E 28 15.31 7.01 -19.50
N ALA E 29 15.62 8.28 -19.78
CA ALA E 29 14.66 9.13 -20.47
C ALA E 29 14.60 8.81 -21.96
N SER E 30 15.69 8.33 -22.54
CA SER E 30 15.67 7.98 -23.95
C SER E 30 14.86 6.73 -24.21
N ALA E 31 14.94 5.76 -23.31
CA ALA E 31 14.07 4.59 -23.41
C ALA E 31 12.65 4.95 -23.06
N GLN E 32 12.44 5.99 -22.24
CA GLN E 32 11.09 6.34 -21.84
C GLN E 32 10.40 7.23 -22.86
N MET E 33 11.15 8.05 -23.60
CA MET E 33 10.51 8.75 -24.70
C MET E 33 10.14 7.82 -25.83
N TYR E 34 10.86 6.71 -26.00
CA TYR E 34 10.47 5.77 -27.03
C TYR E 34 9.17 5.09 -26.67
N SER E 35 8.97 4.79 -25.39
CA SER E 35 7.75 4.10 -24.99
C SER E 35 6.55 5.02 -25.07
N SER E 36 6.71 6.32 -24.82
CA SER E 36 5.57 7.21 -24.86
C SER E 36 5.40 7.92 -26.19
N PHE E 37 6.37 7.82 -27.09
CA PHE E 37 6.18 8.25 -28.47
C PHE E 37 5.20 7.31 -29.14
N GLU E 38 4.27 7.84 -29.89
CA GLU E 38 3.36 6.97 -30.62
C GLU E 38 3.78 7.06 -32.08
N PHE E 39 4.27 5.95 -32.59
CA PHE E 39 4.81 5.90 -33.93
C PHE E 39 3.68 6.04 -34.92
N SER E 40 3.78 7.01 -35.80
CA SER E 40 2.69 7.31 -36.70
C SER E 40 3.15 7.38 -38.13
N CYS E 41 3.75 6.31 -38.61
CA CYS E 41 4.30 6.12 -39.95
C CYS E 41 3.31 6.48 -41.02
N PRO E 42 3.60 7.40 -41.93
CA PRO E 42 2.70 7.64 -43.06
C PRO E 42 2.73 6.45 -43.97
N CYS E 43 1.82 6.36 -44.92
CA CYS E 43 1.84 5.19 -45.76
C CYS E 43 2.08 5.58 -47.20
N MET E 44 2.86 6.53 -47.40
CA MET E 44 3.12 6.97 -48.73
C MET E 44 4.57 6.70 -49.07
N PRO E 45 4.90 6.43 -50.33
CA PRO E 45 6.27 6.05 -50.65
C PRO E 45 7.29 7.17 -50.57
N GLU E 46 6.92 8.41 -50.81
CA GLU E 46 7.92 9.46 -50.71
C GLU E 46 8.10 9.97 -49.30
N TYR E 47 7.22 9.65 -48.40
CA TYR E 47 7.36 10.06 -47.02
C TYR E 47 7.56 8.91 -46.08
N ASN E 48 7.71 7.69 -46.59
CA ASN E 48 8.04 6.58 -45.70
C ASN E 48 9.49 6.63 -45.27
N TYR E 49 10.40 6.77 -46.22
CA TYR E 49 11.82 6.68 -45.93
C TYR E 49 12.28 7.79 -45.02
N THR E 50 11.83 9.02 -45.27
CA THR E 50 12.31 10.13 -44.46
C THR E 50 11.67 10.14 -43.09
N TYR E 51 10.50 9.54 -42.94
CA TYR E 51 9.96 9.41 -41.60
C TYR E 51 10.63 8.28 -40.84
N GLY E 52 10.88 7.16 -41.50
CA GLY E 52 11.39 6.02 -40.78
C GLY E 52 12.85 6.18 -40.40
N ILE E 53 13.68 6.56 -41.37
CA ILE E 53 15.10 6.75 -41.10
C ILE E 53 15.33 8.04 -40.34
N GLY E 54 14.50 9.05 -40.56
CA GLY E 54 14.63 10.28 -39.82
C GLY E 54 14.34 10.08 -38.35
N LEU E 55 13.54 9.09 -38.02
CA LEU E 55 13.30 8.87 -36.62
C LEU E 55 14.39 8.01 -36.00
N LEU E 56 15.24 7.42 -36.82
CA LEU E 56 16.40 6.73 -36.29
C LEU E 56 17.51 7.70 -36.00
N ILE E 57 17.63 8.75 -36.80
CA ILE E 57 18.78 9.63 -36.81
C ILE E 57 18.55 10.91 -36.00
N ILE E 58 17.44 11.62 -36.20
CA ILE E 58 17.23 12.93 -35.60
C ILE E 58 17.00 12.90 -34.09
N PRO E 59 16.42 11.90 -33.46
CA PRO E 59 16.43 11.90 -32.03
C PRO E 59 17.76 11.50 -31.38
N PRO E 60 18.70 10.85 -32.06
CA PRO E 60 20.05 10.88 -31.52
C PRO E 60 20.75 12.22 -31.57
N ILE E 61 20.57 13.00 -32.63
CA ILE E 61 21.22 14.30 -32.65
C ILE E 61 20.61 15.22 -31.61
N TRP E 62 19.34 15.00 -31.27
CA TRP E 62 18.78 15.77 -30.18
C TRP E 62 19.30 15.29 -28.85
N PHE E 63 19.42 13.99 -28.64
CA PHE E 63 19.87 13.50 -27.35
C PHE E 63 21.36 13.70 -27.17
N PHE E 64 22.07 14.00 -28.24
CA PHE E 64 23.49 14.32 -28.13
C PHE E 64 23.69 15.77 -27.75
N LEU E 65 22.98 16.70 -28.41
CA LEU E 65 23.10 18.10 -28.04
C LEU E 65 22.45 18.38 -26.71
N LEU E 66 21.53 17.53 -26.28
CA LEU E 66 21.05 17.62 -24.90
C LEU E 66 22.12 17.17 -23.93
N GLY E 67 23.03 16.33 -24.38
CA GLY E 67 24.09 15.89 -23.49
C GLY E 67 25.21 16.89 -23.39
N PHE E 68 25.22 17.90 -24.26
CA PHE E 68 26.12 19.02 -24.09
C PHE E 68 25.51 20.12 -23.24
N VAL E 69 24.23 20.42 -23.46
CA VAL E 69 23.55 21.50 -22.76
C VAL E 69 23.44 21.18 -21.27
N LEU E 70 23.13 19.94 -20.93
CA LEU E 70 22.98 19.65 -19.51
C LEU E 70 24.31 19.26 -18.86
N ASN E 71 25.44 19.48 -19.52
CA ASN E 71 26.75 19.24 -18.92
C ASN E 71 27.53 20.55 -18.85
N ASN E 72 27.44 21.19 -17.68
CA ASN E 72 27.90 22.55 -17.41
C ASN E 72 29.39 22.78 -17.61
N ASN E 73 30.17 21.70 -17.69
CA ASN E 73 31.59 21.84 -17.97
C ASN E 73 31.88 22.23 -19.42
N VAL E 74 30.85 22.27 -20.28
CA VAL E 74 31.04 22.85 -21.62
C VAL E 74 30.99 24.37 -21.53
N SER E 75 30.31 24.92 -20.51
CA SER E 75 30.35 26.35 -20.28
C SER E 75 31.72 26.78 -19.81
N VAL E 76 32.35 25.95 -18.96
CA VAL E 76 33.74 26.16 -18.60
C VAL E 76 34.64 26.02 -19.83
N LEU E 77 34.38 24.99 -20.65
CA LEU E 77 35.16 24.75 -21.87
C LEU E 77 35.00 25.89 -22.86
N ALA E 78 33.82 26.52 -22.86
CA ALA E 78 33.53 27.61 -23.78
C ALA E 78 34.41 28.82 -23.50
N GLU E 79 34.47 29.24 -22.23
CA GLU E 79 35.25 30.42 -21.90
C GLU E 79 36.74 30.15 -21.89
N GLU E 80 37.17 28.90 -21.84
CA GLU E 80 38.61 28.66 -21.96
C GLU E 80 39.07 28.73 -23.41
N TRP E 81 38.22 28.36 -24.36
CA TRP E 81 38.62 28.51 -25.75
C TRP E 81 38.43 29.94 -26.24
N LYS E 82 37.67 30.75 -25.50
CA LYS E 82 37.43 32.13 -25.91
C LYS E 82 38.65 33.02 -25.72
N ARG E 83 39.39 32.86 -24.62
CA ARG E 83 40.50 33.77 -24.33
C ARG E 83 41.68 33.47 -25.26
N PRO E 84 42.56 34.45 -25.47
CA PRO E 84 43.85 34.16 -26.13
C PRO E 84 44.78 33.37 -25.20
N THR E 85 45.89 32.93 -25.79
CA THR E 85 46.86 32.14 -25.03
C THR E 85 47.63 33.04 -24.07
N GLY E 86 48.23 32.42 -23.05
CA GLY E 86 48.88 33.19 -22.00
C GLY E 86 47.99 33.31 -20.78
N ARG E 87 46.70 33.52 -21.01
CA ARG E 87 45.70 33.54 -19.95
C ARG E 87 45.07 32.18 -19.72
N ARG E 88 45.20 31.26 -20.67
CA ARG E 88 44.49 29.99 -20.65
C ARG E 88 45.02 29.09 -19.54
N THR E 89 44.10 28.48 -18.80
CA THR E 89 44.42 27.77 -17.57
C THR E 89 44.73 26.30 -17.76
N LYS E 90 44.52 25.76 -18.95
CA LYS E 90 44.81 24.35 -19.24
C LYS E 90 45.80 24.28 -20.39
N ASP E 91 46.38 23.10 -20.58
CA ASP E 91 47.07 22.84 -21.83
C ASP E 91 46.04 22.53 -22.92
N PRO E 92 46.39 22.68 -24.23
CA PRO E 92 45.42 22.32 -25.28
C PRO E 92 45.17 20.82 -25.35
N SER E 93 46.07 20.04 -24.78
CA SER E 93 45.83 18.62 -24.56
C SER E 93 45.02 18.34 -23.31
N VAL E 94 44.72 19.35 -22.50
CA VAL E 94 43.80 19.20 -21.38
C VAL E 94 42.42 19.73 -21.74
N LEU E 95 42.36 20.74 -22.59
CA LEU E 95 41.06 21.14 -23.14
C LEU E 95 40.53 20.06 -24.08
N ARG E 96 41.41 19.37 -24.80
CA ARG E 96 40.99 18.26 -25.63
C ARG E 96 40.56 17.06 -24.81
N TYR E 97 41.02 16.94 -23.56
CA TYR E 97 40.53 15.85 -22.73
C TYR E 97 39.11 16.14 -22.24
N MET E 98 38.82 17.41 -21.96
CA MET E 98 37.47 17.77 -21.52
C MET E 98 36.47 17.53 -22.64
N LEU E 99 36.90 17.77 -23.88
CA LEU E 99 36.10 17.44 -25.05
C LEU E 99 35.80 15.95 -25.14
N CYS E 100 36.80 15.12 -24.90
CA CYS E 100 36.61 13.69 -25.10
C CYS E 100 35.81 13.06 -23.97
N SER E 101 35.92 13.57 -22.74
CA SER E 101 35.11 12.97 -21.68
C SER E 101 33.68 13.43 -21.72
N ILE E 102 33.43 14.65 -22.20
CA ILE E 102 32.06 15.13 -22.30
C ILE E 102 31.38 14.52 -23.52
N THR E 103 32.17 14.12 -24.52
CA THR E 103 31.59 13.42 -25.66
C THR E 103 31.21 12.01 -25.29
N GLN E 104 32.17 11.21 -24.81
CA GLN E 104 31.88 9.79 -24.57
C GLN E 104 31.06 9.57 -23.31
N ARG E 105 30.68 10.62 -22.60
CA ARG E 105 29.60 10.48 -21.65
C ARG E 105 28.27 10.66 -22.35
N SER E 106 28.17 11.65 -23.22
CA SER E 106 26.90 12.03 -23.84
C SER E 106 26.47 11.12 -24.97
N LEU E 107 27.25 10.10 -25.32
CA LEU E 107 26.90 9.13 -26.34
C LEU E 107 26.21 7.90 -25.77
N ILE E 108 25.53 8.01 -24.64
CA ILE E 108 24.80 6.85 -24.14
C ILE E 108 23.33 6.97 -24.42
N ALA E 109 22.77 8.15 -24.26
CA ALA E 109 21.36 8.33 -24.63
C ALA E 109 21.10 8.30 -26.13
N PRO E 110 22.00 8.70 -27.03
CA PRO E 110 21.83 8.28 -28.42
C PRO E 110 21.79 6.80 -28.61
N ALA E 111 22.77 6.09 -28.06
CA ALA E 111 22.92 4.68 -28.41
C ALA E 111 21.94 3.81 -27.66
N VAL E 112 21.26 4.34 -26.66
CA VAL E 112 20.10 3.61 -26.14
C VAL E 112 18.89 3.83 -27.02
N TRP E 113 18.77 5.02 -27.65
CA TRP E 113 17.67 5.20 -28.59
C TRP E 113 17.86 4.38 -29.84
N VAL E 114 19.07 4.32 -30.39
CA VAL E 114 19.25 3.60 -31.64
C VAL E 114 19.17 2.11 -31.40
N SER E 115 19.47 1.65 -30.19
CA SER E 115 19.34 0.21 -29.97
C SER E 115 17.90 -0.17 -29.67
N VAL E 116 17.17 0.64 -28.94
CA VAL E 116 15.76 0.35 -28.64
C VAL E 116 14.92 0.48 -29.89
N THR E 117 15.23 1.42 -30.77
CA THR E 117 14.52 1.54 -32.03
C THR E 117 14.81 0.38 -32.95
N LEU E 118 16.02 -0.17 -32.89
CA LEU E 118 16.33 -1.25 -33.80
C LEU E 118 15.83 -2.58 -33.27
N MET E 119 15.75 -2.79 -31.96
CA MET E 119 15.14 -4.03 -31.48
C MET E 119 13.65 -4.03 -31.69
N ASP E 120 13.02 -2.88 -31.74
CA ASP E 120 11.58 -2.85 -31.87
C ASP E 120 11.17 -2.98 -33.32
N GLY E 121 12.03 -2.57 -34.23
CA GLY E 121 11.83 -2.81 -35.63
C GLY E 121 10.74 -2.02 -36.29
N LYS E 122 10.18 -1.01 -35.62
CA LYS E 122 9.13 -0.23 -36.24
C LYS E 122 9.70 0.73 -37.27
N SER E 123 10.93 1.17 -37.07
CA SER E 123 11.50 2.14 -37.98
C SER E 123 12.11 1.49 -39.21
N PHE E 124 12.63 0.27 -39.12
CA PHE E 124 13.01 -0.40 -40.36
C PHE E 124 11.80 -0.83 -41.14
N LEU E 125 10.69 -1.08 -40.47
CA LEU E 125 9.50 -1.51 -41.17
C LEU E 125 8.87 -0.36 -41.94
N CYS E 126 8.88 0.84 -41.37
CA CYS E 126 8.38 2.00 -42.08
C CYS E 126 9.30 2.36 -43.23
N ALA E 127 10.59 2.31 -43.01
CA ALA E 127 11.52 2.88 -43.97
C ALA E 127 11.74 1.97 -45.15
N PHE E 128 11.72 0.66 -44.93
CA PHE E 128 12.23 -0.28 -45.91
C PHE E 128 11.16 -1.19 -46.49
N SER E 129 9.89 -0.93 -46.23
CA SER E 129 8.87 -1.79 -46.77
C SER E 129 8.39 -1.40 -48.14
N ILE E 130 9.00 -0.42 -48.79
CA ILE E 130 8.76 -0.19 -50.20
C ILE E 130 9.83 -0.88 -51.04
N ASN E 131 10.76 -1.56 -50.38
CA ASN E 131 11.90 -2.20 -51.02
C ASN E 131 11.75 -3.71 -51.07
N LEU E 132 10.64 -4.22 -50.55
CA LEU E 132 10.44 -5.65 -50.40
C LEU E 132 10.21 -6.31 -51.74
N ASP E 133 10.38 -7.63 -51.75
CA ASP E 133 9.94 -8.48 -52.84
C ASP E 133 8.72 -9.20 -52.33
N ILE E 134 7.55 -8.83 -52.83
CA ILE E 134 6.31 -9.32 -52.23
C ILE E 134 6.01 -10.74 -52.70
N GLU E 135 6.79 -11.25 -53.65
CA GLU E 135 6.64 -12.63 -54.07
C GLU E 135 7.05 -13.60 -52.98
N LYS E 136 7.98 -13.19 -52.11
CA LYS E 136 8.58 -14.13 -51.17
C LYS E 136 7.67 -14.48 -50.00
N PHE E 137 6.61 -13.74 -49.75
CA PHE E 137 5.82 -13.95 -48.55
C PHE E 137 4.41 -14.45 -48.81
N GLY E 138 3.87 -14.31 -50.01
CA GLY E 138 2.52 -14.75 -50.24
C GLY E 138 2.00 -14.64 -51.65
N ASN E 139 0.76 -14.17 -51.77
CA ASN E 139 0.02 -14.10 -53.02
C ASN E 139 0.68 -13.17 -54.03
N ALA E 140 1.22 -13.74 -55.10
CA ALA E 140 1.83 -12.92 -56.13
C ALA E 140 0.79 -12.19 -56.97
N SER E 141 -0.45 -12.68 -56.96
CA SER E 141 -1.53 -12.04 -57.71
C SER E 141 -2.14 -10.85 -56.97
N LEU E 142 -1.59 -10.46 -55.82
CA LEU E 142 -1.95 -9.17 -55.23
C LEU E 142 -1.50 -8.02 -56.11
N VAL E 143 -0.32 -8.15 -56.71
CA VAL E 143 0.31 -7.04 -57.40
C VAL E 143 0.33 -7.20 -58.91
N ILE E 144 -0.04 -8.35 -59.45
CA ILE E 144 -0.11 -8.47 -60.89
C ILE E 144 -1.41 -7.83 -61.36
N GLY E 145 -1.29 -6.68 -62.03
CA GLY E 145 -2.43 -5.89 -62.39
C GLY E 145 -2.40 -4.45 -61.90
N MET E 146 -1.33 -4.04 -61.23
CA MET E 146 -1.18 -2.64 -60.88
C MET E 146 0.12 -2.06 -61.44
N THR E 147 0.10 -0.77 -61.71
CA THR E 147 1.22 -0.03 -62.23
C THR E 147 2.26 0.14 -61.12
N GLU E 148 3.48 0.57 -61.49
CA GLU E 148 4.54 0.71 -60.51
C GLU E 148 4.27 1.81 -59.51
N THR E 149 3.46 2.81 -59.87
CA THR E 149 3.02 3.75 -58.86
C THR E 149 2.08 3.07 -57.87
N GLU E 150 1.16 2.25 -58.37
CA GLU E 150 0.25 1.58 -57.47
C GLU E 150 0.92 0.41 -56.77
N LYS E 151 2.01 -0.09 -57.36
CA LYS E 151 2.81 -1.12 -56.71
C LYS E 151 3.44 -0.60 -55.44
N LEU E 152 4.05 0.59 -55.51
CA LEU E 152 4.63 1.20 -54.33
C LEU E 152 3.56 1.58 -53.33
N LYS E 153 2.40 2.04 -53.80
CA LYS E 153 1.35 2.44 -52.87
C LYS E 153 0.72 1.25 -52.18
N PHE E 154 0.82 0.08 -52.81
CA PHE E 154 0.37 -1.14 -52.14
C PHE E 154 1.37 -1.56 -51.07
N LEU E 155 2.66 -1.48 -51.41
CA LEU E 155 3.69 -1.98 -50.51
C LEU E 155 3.89 -1.05 -49.34
N ALA E 156 3.71 0.25 -49.56
CA ALA E 156 4.02 1.25 -48.55
C ALA E 156 3.08 1.22 -47.37
N ARG E 157 1.91 0.62 -47.50
CA ARG E 157 0.95 0.58 -46.41
C ARG E 157 1.15 -0.62 -45.52
N ILE E 158 2.19 -1.44 -45.77
CA ILE E 158 2.50 -2.57 -44.88
C ILE E 158 2.74 -2.19 -43.42
N PRO E 159 3.46 -1.10 -43.08
CA PRO E 159 3.53 -0.75 -41.65
C PRO E 159 2.23 -0.36 -41.05
N CYS E 160 1.37 0.26 -41.86
CA CYS E 160 0.13 0.87 -41.43
C CYS E 160 -0.88 -0.26 -41.24
N LYS E 161 -1.07 -0.63 -39.97
CA LYS E 161 -1.75 -1.86 -39.60
C LYS E 161 -3.21 -1.88 -40.03
N ASP E 162 -3.88 -0.74 -39.96
CA ASP E 162 -5.29 -0.59 -40.27
C ASP E 162 -5.55 -0.04 -41.67
N LEU E 163 -4.59 -0.08 -42.56
CA LEU E 163 -4.79 0.28 -43.95
C LEU E 163 -4.46 -0.87 -44.89
N PHE E 164 -3.96 -1.98 -44.37
CA PHE E 164 -3.60 -3.11 -45.19
C PHE E 164 -4.58 -4.24 -44.96
N GLU E 165 -5.11 -4.78 -46.05
CA GLU E 165 -6.21 -5.72 -45.99
C GLU E 165 -5.75 -7.17 -45.85
N ASP E 166 -4.60 -7.51 -46.43
CA ASP E 166 -4.05 -8.86 -46.31
C ASP E 166 -3.40 -8.96 -44.95
N ASN E 167 -3.68 -10.03 -44.24
CA ASN E 167 -3.02 -10.20 -42.96
C ASN E 167 -1.97 -11.29 -42.99
N GLU E 168 -1.88 -12.06 -44.07
CA GLU E 168 -0.84 -13.06 -44.14
C GLU E 168 0.45 -12.48 -44.68
N VAL E 169 0.36 -11.62 -45.68
CA VAL E 169 1.59 -11.03 -46.22
C VAL E 169 1.96 -9.82 -45.41
N ARG E 170 1.06 -9.32 -44.58
CA ARG E 170 1.47 -8.31 -43.62
C ARG E 170 2.26 -8.95 -42.50
N VAL E 171 1.77 -10.07 -41.97
CA VAL E 171 2.46 -10.68 -40.85
C VAL E 171 3.78 -11.29 -41.29
N ALA E 172 3.84 -11.78 -42.51
CA ALA E 172 5.10 -12.36 -42.99
C ALA E 172 6.14 -11.30 -43.29
N ALA E 173 5.72 -10.09 -43.66
CA ALA E 173 6.71 -9.06 -43.99
C ALA E 173 7.09 -8.23 -42.78
N THR E 174 6.19 -8.01 -41.83
CA THR E 174 6.65 -7.32 -40.64
C THR E 174 7.43 -8.22 -39.73
N ARG E 175 7.44 -9.53 -40.00
CA ARG E 175 8.27 -10.43 -39.22
C ARG E 175 9.66 -10.52 -39.82
N TYR E 176 9.77 -10.41 -41.13
CA TYR E 176 11.04 -10.44 -41.81
C TYR E 176 11.84 -9.18 -41.56
N ILE E 177 11.19 -8.02 -41.50
CA ILE E 177 11.94 -6.79 -41.28
C ILE E 177 12.09 -6.50 -39.80
N LYS E 178 11.27 -7.08 -38.95
CA LYS E 178 11.61 -7.00 -37.54
C LYS E 178 12.77 -7.91 -37.20
N CYS E 179 12.96 -8.99 -37.95
CA CYS E 179 14.15 -9.82 -37.79
C CYS E 179 15.41 -9.10 -38.19
N ILE E 180 15.45 -8.57 -39.42
CA ILE E 180 16.65 -7.91 -39.92
C ILE E 180 16.95 -6.65 -39.13
N SER E 181 15.92 -6.04 -38.56
CA SER E 181 16.16 -4.92 -37.65
C SER E 181 16.74 -5.38 -36.33
N GLN E 182 16.44 -6.60 -35.90
CA GLN E 182 17.04 -7.08 -34.66
C GLN E 182 18.44 -7.63 -34.91
N ALA E 183 18.72 -8.06 -36.13
CA ALA E 183 20.08 -8.42 -36.46
C ALA E 183 20.97 -7.19 -36.51
N CYS E 184 20.46 -6.08 -37.03
CA CYS E 184 21.23 -4.84 -37.04
C CYS E 184 21.24 -4.20 -35.67
N GLY E 185 20.32 -4.55 -34.81
CA GLY E 185 20.34 -4.02 -33.46
C GLY E 185 21.35 -4.72 -32.58
N TRP E 186 21.65 -5.99 -32.88
CA TRP E 186 22.68 -6.68 -32.10
C TRP E 186 24.06 -6.43 -32.66
N MET E 187 24.20 -6.28 -33.96
CA MET E 187 25.51 -5.92 -34.49
C MET E 187 25.83 -4.46 -34.22
N PHE E 188 24.86 -3.65 -33.85
CA PHE E 188 25.16 -2.31 -33.39
C PHE E 188 25.62 -2.33 -31.94
N LEU E 189 24.96 -3.10 -31.09
CA LEU E 189 25.38 -3.19 -29.70
C LEU E 189 26.71 -3.89 -29.56
N LEU E 190 27.11 -4.66 -30.57
CA LEU E 190 28.38 -5.35 -30.52
C LEU E 190 29.48 -4.47 -31.05
N MET E 191 29.17 -3.52 -31.92
CA MET E 191 30.22 -2.62 -32.37
C MET E 191 30.28 -1.37 -31.51
N MET E 192 29.24 -1.09 -30.74
CA MET E 192 29.35 -0.06 -29.72
C MET E 192 30.10 -0.56 -28.49
N THR E 193 29.85 -1.79 -28.07
CA THR E 193 30.55 -2.32 -26.90
C THR E 193 31.98 -2.65 -27.22
N PHE E 194 32.27 -3.11 -28.43
CA PHE E 194 33.67 -3.36 -28.77
C PHE E 194 34.43 -2.07 -29.00
N THR E 195 33.73 -0.97 -29.30
CA THR E 195 34.42 0.31 -29.33
C THR E 195 34.73 0.81 -27.93
N ALA E 196 33.75 0.75 -27.02
CA ALA E 196 33.97 1.24 -25.65
C ALA E 196 34.93 0.35 -24.88
N PHE E 197 35.10 -0.89 -25.32
CA PHE E 197 36.12 -1.74 -24.73
C PHE E 197 37.50 -1.38 -25.27
N LEU E 198 37.55 -0.83 -26.47
CA LEU E 198 38.84 -0.38 -26.99
C LEU E 198 39.28 0.91 -26.34
N ILE E 199 38.35 1.71 -25.83
CA ILE E 199 38.79 2.93 -25.15
C ILE E 199 39.00 2.73 -23.66
N ARG E 200 38.51 1.63 -23.06
CA ARG E 200 39.01 1.25 -21.73
C ARG E 200 40.33 0.50 -21.82
N ALA E 201 40.84 0.28 -23.03
CA ALA E 201 42.18 -0.30 -23.15
C ALA E 201 43.18 0.69 -23.74
N ILE E 202 42.73 1.84 -24.24
CA ILE E 202 43.66 2.81 -24.83
C ILE E 202 43.66 4.17 -24.11
N ARG E 203 42.47 4.76 -23.92
CA ARG E 203 42.31 6.16 -23.49
C ARG E 203 42.91 6.56 -22.12
N PRO E 204 43.09 5.66 -21.13
CA PRO E 204 43.94 6.02 -19.97
C PRO E 204 45.37 6.44 -20.31
N CYS E 205 45.94 5.95 -21.42
CA CYS E 205 47.22 6.47 -21.91
C CYS E 205 47.07 7.76 -22.69
N PHE E 206 45.85 8.12 -23.07
CA PHE E 206 45.61 9.41 -23.71
C PHE E 206 45.47 10.51 -22.67
N THR E 207 44.87 10.20 -21.52
CA THR E 207 44.73 11.18 -20.46
C THR E 207 46.08 11.47 -19.80
N GLN E 208 46.84 10.41 -19.47
CA GLN E 208 48.20 10.47 -18.92
C GLN E 208 48.27 11.26 -17.62
N ALA E 209 47.33 10.98 -16.71
CA ALA E 209 47.24 11.58 -15.36
C ALA E 209 47.15 13.10 -15.42
N SER E 210 46.45 13.63 -16.43
CA SER E 210 46.13 15.04 -16.49
C SER E 210 44.78 15.35 -15.86
N TYR E 211 44.06 14.32 -15.42
CA TYR E 211 42.75 14.52 -14.81
C TYR E 211 42.89 15.14 -13.43
N ARG E 212 44.09 15.05 -12.84
CA ARG E 212 44.33 15.65 -11.54
C ARG E 212 44.38 17.18 -11.64
N GLN E 213 44.99 17.69 -12.70
CA GLN E 213 44.95 19.14 -12.93
C GLN E 213 43.56 19.59 -13.34
N GLU E 214 42.78 18.69 -13.96
CA GLU E 214 41.37 18.97 -14.18
C GLU E 214 40.61 18.97 -12.88
N ALA E 215 40.91 18.02 -11.98
CA ALA E 215 40.18 17.94 -10.71
C ALA E 215 40.64 19.01 -9.74
N TYR E 216 41.87 19.51 -9.91
CA TYR E 216 42.32 20.64 -9.10
C TYR E 216 41.63 21.92 -9.56
N TRP E 217 41.47 22.09 -10.88
CA TRP E 217 40.73 23.25 -11.38
C TRP E 217 39.24 23.11 -11.10
N ALA E 218 38.75 21.87 -11.01
CA ALA E 218 37.36 21.65 -10.61
C ALA E 218 37.12 22.06 -9.18
N GLN E 219 38.04 21.70 -8.28
CA GLN E 219 37.90 22.10 -6.88
C GLN E 219 38.20 23.57 -6.69
N TYR E 220 39.06 24.15 -7.54
CA TYR E 220 39.37 25.57 -7.45
C TYR E 220 38.18 26.43 -7.84
N ARG E 221 37.41 25.97 -8.83
CA ARG E 221 36.22 26.72 -9.20
C ARG E 221 35.14 26.60 -8.14
N ALA E 222 34.97 25.41 -7.57
CA ALA E 222 33.84 25.16 -6.69
C ALA E 222 33.98 25.91 -5.37
N ASN E 223 35.18 25.91 -4.79
CA ASN E 223 35.38 26.62 -3.53
C ASN E 223 35.46 28.13 -3.74
N GLU E 224 35.84 28.58 -4.96
CA GLU E 224 35.89 30.01 -5.20
C GLU E 224 34.49 30.61 -5.24
N ASP E 225 33.51 29.84 -5.73
CA ASP E 225 32.13 30.29 -5.68
C ASP E 225 31.57 30.23 -4.27
N GLN E 226 31.98 29.21 -3.50
CA GLN E 226 31.49 29.11 -2.13
C GLN E 226 32.12 30.15 -1.22
N LEU E 227 33.40 30.47 -1.45
CA LEU E 227 34.02 31.56 -0.69
C LEU E 227 33.45 32.91 -1.12
N PHE E 228 33.04 33.03 -2.38
CA PHE E 228 32.26 34.20 -2.79
C PHE E 228 30.90 34.24 -2.13
N GLN E 229 30.34 33.09 -1.75
CA GLN E 229 29.06 33.08 -1.06
C GLN E 229 29.20 33.65 0.34
N ARG E 230 30.17 33.15 1.11
CA ARG E 230 30.33 33.59 2.50
C ARG E 230 30.79 35.03 2.59
N THR E 231 31.64 35.47 1.65
CA THR E 231 32.13 36.84 1.68
C THR E 231 31.05 37.83 1.28
N ALA E 232 30.24 37.51 0.26
CA ALA E 232 29.18 38.42 -0.14
C ALA E 232 28.05 38.44 0.89
N GLU E 233 27.82 37.31 1.55
CA GLU E 233 26.81 37.26 2.61
C GLU E 233 27.27 38.06 3.82
N VAL E 234 28.57 38.06 4.10
CA VAL E 234 29.11 38.88 5.17
C VAL E 234 29.10 40.35 4.77
N HIS E 235 29.37 40.62 3.49
CA HIS E 235 29.24 41.98 2.98
C HIS E 235 27.77 42.41 2.97
N SER E 236 26.87 41.45 2.77
CA SER E 236 25.44 41.72 2.92
C SER E 236 25.07 42.00 4.37
N ARG E 237 25.73 41.35 5.33
CA ARG E 237 25.45 41.63 6.74
C ARG E 237 25.83 43.05 7.11
N VAL E 238 26.89 43.59 6.50
CA VAL E 238 27.32 44.96 6.79
C VAL E 238 26.30 45.95 6.25
N LEU E 239 25.85 45.76 5.01
CA LEU E 239 24.92 46.72 4.42
C LEU E 239 23.52 46.59 5.01
N ALA E 240 23.15 45.39 5.47
CA ALA E 240 21.80 45.20 6.01
C ALA E 240 21.65 45.82 7.38
N ALA E 241 22.73 45.84 8.17
CA ALA E 241 22.66 46.45 9.50
C ALA E 241 22.54 47.97 9.39
N ASN E 242 23.26 48.58 8.46
CA ASN E 242 23.11 50.03 8.26
C ASN E 242 21.74 50.38 7.68
N ASN E 243 21.19 49.49 6.85
CA ASN E 243 19.90 49.76 6.24
C ASN E 243 18.76 49.56 7.23
N VAL E 244 18.93 48.66 8.20
CA VAL E 244 17.86 48.41 9.16
C VAL E 244 17.80 49.53 10.19
N ARG E 245 18.96 50.10 10.55
CA ARG E 245 18.98 51.24 11.46
C ARG E 245 18.33 52.46 10.83
N ARG E 246 18.49 52.60 9.51
CA ARG E 246 17.78 53.66 8.80
C ARG E 246 16.33 53.29 8.54
N PHE E 247 15.97 52.01 8.71
CA PHE E 247 14.63 51.56 8.34
C PHE E 247 13.54 52.02 9.30
N PHE E 248 13.53 51.54 10.54
CA PHE E 248 12.51 51.96 11.49
C PHE E 248 13.12 52.85 12.57
N GLY E 249 14.45 52.83 12.68
CA GLY E 249 15.16 53.48 13.76
C GLY E 249 15.79 52.46 14.69
N PHE E 250 16.21 51.32 14.16
CA PHE E 250 16.71 50.23 15.00
C PHE E 250 17.65 49.30 14.25
N VAL E 251 18.83 49.04 14.83
CA VAL E 251 19.78 48.06 14.30
C VAL E 251 19.79 46.87 15.25
N ALA E 252 19.60 45.67 14.71
CA ALA E 252 19.41 44.49 15.54
C ALA E 252 20.08 43.28 14.91
N LEU E 253 20.78 42.50 15.73
CA LEU E 253 21.53 41.35 15.28
C LEU E 253 21.48 40.22 16.31
N ASN E 254 20.96 39.09 15.88
CA ASN E 254 21.00 37.81 16.58
C ASN E 254 22.37 37.17 16.33
N LYS E 255 22.44 35.84 16.44
CA LYS E 255 23.66 35.09 16.08
C LYS E 255 24.06 35.17 14.60
N ASP E 256 23.33 35.93 13.78
CA ASP E 256 23.83 36.47 12.52
C ASP E 256 24.92 37.52 12.71
N ASP E 257 25.15 37.99 13.94
CA ASP E 257 26.31 38.82 14.25
C ASP E 257 27.59 38.00 14.42
N GLU E 258 27.48 36.67 14.47
CA GLU E 258 28.64 35.82 14.68
C GLU E 258 29.59 35.80 13.49
N GLU E 259 29.09 36.08 12.29
CA GLU E 259 29.96 36.32 11.16
C GLU E 259 30.32 37.80 11.04
N LEU E 260 29.56 38.67 11.69
CA LEU E 260 29.84 40.10 11.66
C LEU E 260 31.03 40.46 12.54
N GLY F 21 26.45 -7.38 -6.25
CA GLY F 21 27.59 -6.81 -6.93
C GLY F 21 27.28 -6.42 -8.37
N ILE F 22 28.31 -6.28 -9.20
CA ILE F 22 28.06 -6.02 -10.61
C ILE F 22 27.60 -7.30 -11.31
N CYS F 23 27.96 -8.47 -10.80
CA CYS F 23 27.58 -9.70 -11.48
C CYS F 23 26.26 -10.21 -10.95
N GLY F 24 25.82 -9.69 -9.82
CA GLY F 24 24.45 -9.92 -9.42
C GLY F 24 23.48 -9.13 -10.26
N ILE F 25 23.85 -7.91 -10.66
CA ILE F 25 22.93 -7.11 -11.46
C ILE F 25 23.01 -7.51 -12.93
N MET F 26 24.15 -8.03 -13.39
CA MET F 26 24.21 -8.50 -14.76
C MET F 26 23.54 -9.86 -14.93
N ALA F 27 23.53 -10.68 -13.90
CA ALA F 27 22.74 -11.91 -14.00
C ALA F 27 21.27 -11.59 -13.99
N LEU F 28 20.87 -10.56 -13.26
CA LEU F 28 19.46 -10.18 -13.24
C LEU F 28 19.07 -9.46 -14.52
N ALA F 29 19.99 -8.70 -15.12
CA ALA F 29 19.66 -7.98 -16.34
C ALA F 29 19.64 -8.91 -17.55
N SER F 30 20.41 -9.99 -17.52
CA SER F 30 20.41 -10.93 -18.63
C SER F 30 19.12 -11.72 -18.68
N ALA F 31 18.61 -12.11 -17.52
CA ALA F 31 17.31 -12.75 -17.48
C ALA F 31 16.20 -11.75 -17.77
N GLN F 32 16.43 -10.47 -17.49
CA GLN F 32 15.38 -9.48 -17.70
C GLN F 32 15.35 -8.99 -19.15
N MET F 33 16.48 -8.97 -19.84
CA MET F 33 16.42 -8.68 -21.27
C MET F 33 15.78 -9.82 -22.03
N TYR F 34 15.89 -11.05 -21.55
CA TYR F 34 15.21 -12.13 -22.25
C TYR F 34 13.71 -12.01 -22.11
N SER F 35 13.24 -11.57 -20.95
CA SER F 35 11.80 -11.46 -20.76
C SER F 35 11.22 -10.31 -21.55
N SER F 36 11.97 -9.23 -21.75
CA SER F 36 11.41 -8.09 -22.48
C SER F 36 11.79 -8.09 -23.95
N PHE F 37 12.69 -8.96 -24.39
CA PHE F 37 12.91 -9.20 -25.80
C PHE F 37 11.68 -9.89 -26.37
N GLU F 38 11.23 -9.46 -27.52
CA GLU F 38 10.12 -10.16 -28.15
C GLU F 38 10.70 -10.92 -29.32
N PHE F 39 10.64 -12.23 -29.21
CA PHE F 39 11.25 -13.12 -30.18
C PHE F 39 10.47 -13.04 -31.47
N SER F 40 11.13 -12.71 -32.55
CA SER F 40 10.45 -12.48 -33.81
C SER F 40 11.06 -13.27 -34.93
N CYS F 41 11.11 -14.58 -34.77
CA CYS F 41 11.66 -15.57 -35.68
C CYS F 41 11.11 -15.41 -37.07
N PRO F 42 11.94 -15.23 -38.11
CA PRO F 42 11.41 -15.22 -39.47
C PRO F 42 10.97 -16.60 -39.84
N CYS F 43 10.25 -16.76 -40.93
CA CYS F 43 9.81 -18.10 -41.24
C CYS F 43 10.38 -18.56 -42.55
N MET F 44 11.55 -18.21 -42.81
CA MET F 44 12.15 -18.58 -44.05
C MET F 44 13.31 -19.51 -43.77
N PRO F 45 13.62 -20.43 -44.67
CA PRO F 45 14.65 -21.41 -44.36
C PRO F 45 16.07 -20.88 -44.35
N GLU F 46 16.39 -19.86 -45.14
CA GLU F 46 17.76 -19.36 -45.10
C GLU F 46 17.99 -18.36 -43.99
N TYR F 47 16.95 -17.85 -43.37
CA TYR F 47 17.11 -16.94 -42.27
C TYR F 47 16.60 -17.49 -40.97
N ASN F 48 16.19 -18.76 -40.92
CA ASN F 48 15.83 -19.35 -39.64
C ASN F 48 17.05 -19.66 -38.81
N TYR F 49 18.02 -20.34 -39.39
CA TYR F 49 19.16 -20.82 -38.64
C TYR F 49 19.99 -19.69 -38.09
N THR F 50 20.24 -18.65 -38.90
CA THR F 50 21.10 -17.57 -38.43
C THR F 50 20.39 -16.68 -37.46
N TYR F 51 19.06 -16.64 -37.48
CA TYR F 51 18.37 -15.90 -36.44
C TYR F 51 18.29 -16.69 -35.16
N GLY F 52 18.04 -17.99 -35.25
CA GLY F 52 17.84 -18.76 -34.04
C GLY F 52 19.13 -19.02 -33.29
N ILE F 53 20.16 -19.48 -34.00
CA ILE F 53 21.44 -19.75 -33.37
C ILE F 53 22.18 -18.45 -33.09
N GLY F 54 21.98 -17.44 -33.92
CA GLY F 54 22.60 -16.16 -33.67
C GLY F 54 22.07 -15.51 -32.41
N LEU F 55 20.85 -15.84 -32.03
CA LEU F 55 20.37 -15.26 -30.80
C LEU F 55 20.81 -16.07 -29.60
N LEU F 56 21.36 -17.26 -29.83
CA LEU F 56 21.94 -18.00 -28.73
C LEU F 56 23.35 -17.51 -28.46
N ILE F 57 24.06 -17.10 -29.49
CA ILE F 57 25.49 -16.84 -29.44
C ILE F 57 25.82 -15.36 -29.27
N ILE F 58 25.24 -14.47 -30.06
CA ILE F 58 25.62 -13.06 -30.08
C ILE F 58 25.21 -12.28 -28.82
N PRO F 59 24.15 -12.57 -28.10
CA PRO F 59 23.97 -11.88 -26.85
C PRO F 59 24.85 -12.42 -25.71
N PRO F 60 25.42 -13.61 -25.75
CA PRO F 60 26.54 -13.85 -24.85
C PRO F 60 27.80 -13.08 -25.15
N ILE F 61 28.17 -12.89 -26.41
CA ILE F 61 29.37 -12.12 -26.68
C ILE F 61 29.16 -10.65 -26.31
N TRP F 62 27.92 -10.19 -26.34
CA TRP F 62 27.67 -8.85 -25.84
C TRP F 62 27.72 -8.80 -24.34
N PHE F 63 27.16 -9.79 -23.66
CA PHE F 63 27.15 -9.74 -22.21
C PHE F 63 28.52 -10.06 -21.63
N PHE F 64 29.40 -10.61 -22.44
CA PHE F 64 30.77 -10.85 -21.99
C PHE F 64 31.60 -9.58 -22.12
N LEU F 65 31.53 -8.89 -23.25
CA LEU F 65 32.28 -7.65 -23.39
C LEU F 65 31.69 -6.54 -22.55
N LEU F 66 30.42 -6.66 -22.17
CA LEU F 66 29.88 -5.77 -21.16
C LEU F 66 30.46 -6.07 -19.80
N GLY F 67 30.90 -7.30 -19.59
CA GLY F 67 31.49 -7.64 -18.31
C GLY F 67 32.93 -7.22 -18.20
N PHE F 68 33.53 -6.83 -19.33
CA PHE F 68 34.84 -6.21 -19.28
C PHE F 68 34.75 -4.70 -19.13
N VAL F 69 33.82 -4.08 -19.85
CA VAL F 69 33.67 -2.63 -19.85
C VAL F 69 33.23 -2.14 -18.48
N LEU F 70 32.33 -2.84 -17.82
CA LEU F 70 31.87 -2.36 -16.54
C LEU F 70 32.74 -2.86 -15.40
N ASN F 71 33.92 -3.43 -15.69
CA ASN F 71 34.86 -3.85 -14.64
C ASN F 71 36.16 -3.07 -14.79
N ASN F 72 36.25 -1.98 -14.03
CA ASN F 72 37.28 -0.94 -14.13
C ASN F 72 38.70 -1.43 -13.89
N ASN F 73 38.87 -2.62 -13.32
CA ASN F 73 40.19 -3.19 -13.15
C ASN F 73 40.80 -3.66 -14.46
N VAL F 74 40.05 -3.65 -15.57
CA VAL F 74 40.66 -3.89 -16.87
C VAL F 74 41.35 -2.62 -17.36
N SER F 75 40.90 -1.44 -16.88
CA SER F 75 41.61 -0.21 -17.20
C SER F 75 42.94 -0.18 -16.48
N VAL F 76 42.97 -0.67 -15.24
CA VAL F 76 44.24 -0.87 -14.54
C VAL F 76 45.09 -1.91 -15.26
N LEU F 77 44.47 -3.01 -15.70
CA LEU F 77 45.17 -4.07 -16.43
C LEU F 77 45.71 -3.57 -17.76
N ALA F 78 45.01 -2.61 -18.37
CA ALA F 78 45.40 -2.07 -19.66
C ALA F 78 46.71 -1.32 -19.55
N GLU F 79 46.81 -0.41 -18.57
CA GLU F 79 48.02 0.39 -18.46
C GLU F 79 49.18 -0.39 -17.86
N GLU F 80 48.94 -1.53 -17.22
CA GLU F 80 50.07 -2.33 -16.77
C GLU F 80 50.69 -3.13 -17.91
N TRP F 81 49.90 -3.54 -18.89
CA TRP F 81 50.48 -4.24 -20.03
C TRP F 81 51.08 -3.26 -21.03
N LYS F 82 50.73 -1.97 -20.92
CA LYS F 82 51.25 -0.98 -21.86
C LYS F 82 52.71 -0.64 -21.61
N ARG F 83 53.13 -0.53 -20.35
CA ARG F 83 54.50 -0.11 -20.05
C ARG F 83 55.49 -1.23 -20.37
N PRO F 84 56.76 -0.89 -20.61
CA PRO F 84 57.80 -1.92 -20.65
C PRO F 84 58.11 -2.47 -19.26
N THR F 85 58.91 -3.52 -19.25
CA THR F 85 59.27 -4.16 -17.99
C THR F 85 60.27 -3.29 -17.22
N GLY F 86 60.36 -3.53 -15.92
CA GLY F 86 61.16 -2.68 -15.05
C GLY F 86 60.30 -1.66 -14.33
N ARG F 87 59.32 -1.11 -15.03
CA ARG F 87 58.33 -0.22 -14.44
C ARG F 87 57.10 -0.94 -13.95
N ARG F 88 56.88 -2.18 -14.42
CA ARG F 88 55.64 -2.91 -14.17
C ARG F 88 55.53 -3.30 -12.71
N THR F 89 54.34 -3.09 -12.14
CA THR F 89 54.11 -3.19 -10.71
C THR F 89 53.69 -4.58 -10.25
N LYS F 90 53.38 -5.48 -11.16
CA LYS F 90 52.99 -6.84 -10.81
C LYS F 90 53.95 -7.82 -11.47
N ASP F 91 53.89 -9.06 -11.02
CA ASP F 91 54.51 -10.13 -11.79
C ASP F 91 53.60 -10.50 -12.97
N PRO F 92 54.15 -11.12 -14.06
CA PRO F 92 53.26 -11.53 -15.16
C PRO F 92 52.33 -12.66 -14.77
N SER F 93 52.65 -13.37 -13.69
CA SER F 93 51.72 -14.30 -13.07
C SER F 93 50.72 -13.62 -12.14
N VAL F 94 50.87 -12.33 -11.90
CA VAL F 94 49.86 -11.57 -11.16
C VAL F 94 48.96 -10.79 -12.12
N LEU F 95 49.51 -10.35 -13.25
CA LEU F 95 48.67 -9.81 -14.31
C LEU F 95 47.79 -10.89 -14.91
N ARG F 96 48.31 -12.12 -15.00
CA ARG F 96 47.50 -13.24 -15.47
C ARG F 96 46.44 -13.63 -14.46
N TYR F 97 46.62 -13.31 -13.18
CA TYR F 97 45.56 -13.60 -12.23
C TYR F 97 44.43 -12.61 -12.36
N MET F 98 44.75 -11.35 -12.66
CA MET F 98 43.71 -10.34 -12.86
C MET F 98 42.87 -10.68 -14.08
N LEU F 99 43.51 -11.24 -15.10
CA LEU F 99 42.81 -11.73 -16.27
C LEU F 99 41.84 -12.84 -15.92
N CYS F 100 42.25 -13.79 -15.08
CA CYS F 100 41.41 -14.94 -14.80
C CYS F 100 40.27 -14.60 -13.85
N SER F 101 40.47 -13.66 -12.93
CA SER F 101 39.35 -13.34 -12.05
C SER F 101 38.34 -12.43 -12.73
N ILE F 102 38.78 -11.59 -13.66
CA ILE F 102 37.84 -10.73 -14.37
C ILE F 102 37.11 -11.53 -15.44
N THR F 103 37.72 -12.62 -15.91
CA THR F 103 37.02 -13.50 -16.84
C THR F 103 35.96 -14.30 -16.14
N GLN F 104 36.33 -15.07 -15.12
CA GLN F 104 35.35 -15.98 -14.50
C GLN F 104 34.38 -15.25 -13.59
N ARG F 105 34.49 -13.94 -13.47
CA ARG F 105 33.37 -13.18 -12.95
C ARG F 105 32.39 -12.86 -14.05
N SER F 106 32.90 -12.45 -15.21
CA SER F 106 32.06 -11.95 -16.30
C SER F 106 31.40 -13.03 -17.10
N LEU F 107 31.61 -14.31 -16.79
CA LEU F 107 30.95 -15.43 -17.44
C LEU F 107 29.69 -15.87 -16.74
N ILE F 108 29.01 -15.00 -16.01
CA ILE F 108 27.76 -15.41 -15.39
C ILE F 108 26.57 -14.88 -16.16
N ALA F 109 26.65 -13.64 -16.64
CA ALA F 109 25.57 -13.14 -17.48
C ALA F 109 25.51 -13.77 -18.87
N PRO F 110 26.60 -14.23 -19.50
CA PRO F 110 26.41 -15.14 -20.62
C PRO F 110 25.69 -16.40 -20.27
N ALA F 111 26.12 -17.08 -19.22
CA ALA F 111 25.61 -18.41 -18.96
C ALA F 111 24.24 -18.38 -18.33
N VAL F 112 23.78 -17.23 -17.85
CA VAL F 112 22.36 -17.12 -17.52
C VAL F 112 21.54 -16.89 -18.78
N TRP F 113 22.09 -16.21 -19.79
CA TRP F 113 21.34 -16.08 -21.03
C TRP F 113 21.26 -17.40 -21.78
N VAL F 114 22.35 -18.16 -21.84
CA VAL F 114 22.31 -19.39 -22.61
C VAL F 114 21.47 -20.43 -21.88
N SER F 115 21.35 -20.34 -20.57
CA SER F 115 20.51 -21.33 -19.90
C SER F 115 19.05 -20.96 -19.97
N VAL F 116 18.72 -19.67 -19.88
CA VAL F 116 17.34 -19.23 -19.97
C VAL F 116 16.82 -19.39 -21.38
N THR F 117 17.67 -19.17 -22.39
CA THR F 117 17.26 -19.40 -23.77
C THR F 117 17.06 -20.88 -24.06
N LEU F 118 17.83 -21.74 -23.41
CA LEU F 118 17.68 -23.15 -23.71
C LEU F 118 16.53 -23.77 -22.94
N MET F 119 16.20 -23.28 -21.75
CA MET F 119 15.01 -23.81 -21.08
C MET F 119 13.74 -23.34 -21.75
N ASP F 120 13.77 -22.20 -22.42
CA ASP F 120 12.56 -21.69 -23.02
C ASP F 120 12.32 -22.32 -24.37
N GLY F 121 13.38 -22.74 -25.04
CA GLY F 121 13.26 -23.52 -26.23
C GLY F 121 12.78 -22.80 -27.45
N LYS F 122 12.71 -21.46 -27.42
CA LYS F 122 12.27 -20.73 -28.58
C LYS F 122 13.36 -20.66 -29.63
N SER F 123 14.61 -20.70 -29.21
CA SER F 123 15.68 -20.57 -30.17
C SER F 123 16.05 -21.89 -30.82
N PHE F 124 15.89 -23.02 -30.13
CA PHE F 124 16.05 -24.28 -30.85
C PHE F 124 14.89 -24.52 -31.77
N LEU F 125 13.73 -23.99 -31.46
CA LEU F 125 12.57 -24.20 -32.31
C LEU F 125 12.68 -23.41 -33.60
N CYS F 126 13.21 -22.19 -33.52
CA CYS F 126 13.43 -21.42 -34.72
C CYS F 126 14.54 -22.02 -35.56
N ALA F 127 15.62 -22.45 -34.92
CA ALA F 127 16.81 -22.80 -35.67
C ALA F 127 16.70 -24.17 -36.30
N PHE F 128 16.02 -25.10 -35.64
CA PHE F 128 16.12 -26.51 -35.99
C PHE F 128 14.82 -27.08 -36.52
N SER F 129 13.82 -26.27 -36.81
CA SER F 129 12.58 -26.82 -37.30
C SER F 129 12.53 -26.97 -38.80
N ILE F 130 13.62 -26.73 -39.51
CA ILE F 130 13.70 -27.12 -40.91
C ILE F 130 14.38 -28.46 -41.05
N ASN F 131 14.78 -29.06 -39.92
CA ASN F 131 15.52 -30.31 -39.87
C ASN F 131 14.66 -31.47 -39.43
N LEU F 132 13.39 -31.20 -39.15
CA LEU F 132 12.50 -32.19 -38.58
C LEU F 132 12.15 -33.27 -39.59
N ASP F 133 11.65 -34.37 -39.07
CA ASP F 133 10.99 -35.40 -39.86
C ASP F 133 9.51 -35.27 -39.55
N ILE F 134 8.75 -34.75 -40.51
CA ILE F 134 7.36 -34.40 -40.22
C ILE F 134 6.47 -35.63 -40.22
N GLU F 135 7.02 -36.78 -40.61
CA GLU F 135 6.26 -38.02 -40.53
C GLU F 135 6.01 -38.43 -39.09
N LYS F 136 6.90 -38.06 -38.17
CA LYS F 136 6.84 -38.59 -36.82
C LYS F 136 5.75 -37.98 -35.97
N PHE F 137 5.16 -36.85 -36.37
CA PHE F 137 4.22 -36.15 -35.51
C PHE F 137 2.79 -36.14 -36.01
N GLY F 138 2.55 -36.38 -37.30
CA GLY F 138 1.19 -36.32 -37.77
C GLY F 138 0.97 -36.70 -39.23
N ASN F 139 0.15 -35.91 -39.90
CA ASN F 139 -0.30 -36.16 -41.26
C ASN F 139 0.85 -36.15 -42.26
N ALA F 140 1.17 -37.31 -42.81
CA ALA F 140 2.23 -37.38 -43.81
C ALA F 140 1.79 -36.79 -45.14
N SER F 141 0.47 -36.69 -45.37
CA SER F 141 -0.05 -36.13 -46.60
C SER F 141 -0.09 -34.61 -46.58
N LEU F 142 0.44 -33.96 -45.55
CA LEU F 142 0.67 -32.53 -45.61
C LEU F 142 1.74 -32.20 -46.64
N VAL F 143 2.77 -33.03 -46.73
CA VAL F 143 3.94 -32.72 -47.52
C VAL F 143 4.07 -33.56 -48.78
N ILE F 144 3.25 -34.59 -48.96
CA ILE F 144 3.32 -35.33 -50.21
C ILE F 144 2.57 -34.55 -51.27
N GLY F 145 3.31 -34.00 -52.23
CA GLY F 145 2.76 -33.10 -53.20
C GLY F 145 3.42 -31.74 -53.27
N MET F 146 4.48 -31.51 -52.49
CA MET F 146 5.25 -30.28 -52.64
C MET F 146 6.72 -30.59 -52.90
N THR F 147 7.36 -29.67 -53.61
CA THR F 147 8.77 -29.77 -53.97
C THR F 147 9.60 -29.52 -52.71
N GLU F 148 10.91 -29.80 -52.78
CA GLU F 148 11.78 -29.64 -51.63
C GLU F 148 11.95 -28.19 -51.24
N THR F 149 11.79 -27.26 -52.18
CA THR F 149 11.74 -25.86 -51.78
C THR F 149 10.48 -25.58 -50.98
N GLU F 150 9.34 -26.11 -51.43
CA GLU F 150 8.11 -25.87 -50.69
C GLU F 150 8.04 -26.73 -49.45
N LYS F 151 8.81 -27.83 -49.42
CA LYS F 151 8.91 -28.65 -48.22
C LYS F 151 9.56 -27.87 -47.09
N LEU F 152 10.67 -27.19 -47.38
CA LEU F 152 11.32 -26.37 -46.38
C LEU F 152 10.46 -25.20 -45.99
N LYS F 153 9.74 -24.60 -46.95
CA LYS F 153 8.92 -23.44 -46.63
C LYS F 153 7.71 -23.84 -45.81
N PHE F 154 7.29 -25.09 -45.89
CA PHE F 154 6.23 -25.58 -45.02
C PHE F 154 6.76 -25.78 -43.62
N LEU F 155 7.95 -26.37 -43.51
CA LEU F 155 8.48 -26.75 -42.20
C LEU F 155 8.97 -25.53 -41.46
N ALA F 156 9.48 -24.54 -42.17
CA ALA F 156 10.11 -23.38 -41.54
C ALA F 156 9.13 -22.49 -40.81
N ARG F 157 7.85 -22.57 -41.10
CA ARG F 157 6.86 -21.74 -40.45
C ARG F 157 6.33 -22.35 -39.16
N ILE F 158 6.86 -23.52 -38.75
CA ILE F 158 6.47 -24.12 -37.47
C ILE F 158 6.68 -23.21 -36.25
N PRO F 159 7.79 -22.46 -36.10
CA PRO F 159 7.86 -21.54 -34.96
C PRO F 159 6.84 -20.44 -35.00
N CYS F 160 6.51 -20.01 -36.22
CA CYS F 160 5.67 -18.84 -36.47
C CYS F 160 4.22 -19.27 -36.23
N LYS F 161 3.73 -18.90 -35.05
CA LYS F 161 2.49 -19.43 -34.51
C LYS F 161 1.27 -19.09 -35.35
N ASP F 162 1.25 -17.89 -35.92
CA ASP F 162 0.14 -17.39 -36.72
C ASP F 162 0.36 -17.51 -38.21
N LEU F 163 1.28 -18.33 -38.66
CA LEU F 163 1.45 -18.63 -40.07
C LEU F 163 1.29 -20.10 -40.38
N PHE F 164 1.11 -20.92 -39.35
CA PHE F 164 0.98 -22.35 -39.55
C PHE F 164 -0.45 -22.77 -39.27
N GLU F 165 -1.03 -23.50 -40.21
CA GLU F 165 -2.45 -23.81 -40.17
C GLU F 165 -2.78 -25.06 -39.38
N ASP F 166 -1.89 -26.05 -39.38
CA ASP F 166 -2.08 -27.28 -38.62
C ASP F 166 -1.74 -26.96 -37.18
N ASN F 167 -2.59 -27.38 -36.27
CA ASN F 167 -2.26 -27.16 -34.87
C ASN F 167 -1.89 -28.44 -34.16
N GLU F 168 -2.06 -29.59 -34.80
CA GLU F 168 -1.64 -30.84 -34.16
C GLU F 168 -0.17 -31.12 -34.42
N VAL F 169 0.30 -30.86 -35.63
CA VAL F 169 1.70 -31.12 -35.90
C VAL F 169 2.52 -29.92 -35.51
N ARG F 170 1.89 -28.79 -35.25
CA ARG F 170 2.62 -27.69 -34.65
C ARG F 170 2.84 -27.97 -33.18
N VAL F 171 1.81 -28.43 -32.48
CA VAL F 171 1.96 -28.65 -31.05
C VAL F 171 2.85 -29.84 -30.78
N ALA F 172 2.83 -30.83 -31.65
CA ALA F 172 3.69 -32.00 -31.45
C ALA F 172 5.15 -31.70 -31.76
N ALA F 173 5.42 -30.74 -32.65
CA ALA F 173 6.81 -30.46 -32.98
C ALA F 173 7.40 -29.39 -32.09
N THR F 174 6.62 -28.42 -31.64
CA THR F 174 7.20 -27.48 -30.70
C THR F 174 7.32 -28.07 -29.32
N ARG F 175 6.73 -29.23 -29.09
CA ARG F 175 6.90 -29.92 -27.81
C ARG F 175 8.14 -30.80 -27.84
N TYR F 176 8.44 -31.36 -28.99
CA TYR F 176 9.61 -32.20 -29.15
C TYR F 176 10.89 -31.39 -29.12
N ILE F 177 10.88 -30.18 -29.70
CA ILE F 177 12.11 -29.39 -29.71
C ILE F 177 12.20 -28.52 -28.48
N LYS F 178 11.10 -28.27 -27.78
CA LYS F 178 11.26 -27.67 -26.48
C LYS F 178 11.77 -28.68 -25.47
N CYS F 179 11.50 -29.97 -25.68
CA CYS F 179 12.10 -31.00 -24.84
C CYS F 179 13.59 -31.10 -25.04
N ILE F 180 14.04 -31.27 -26.29
CA ILE F 180 15.46 -31.44 -26.57
C ILE F 180 16.23 -30.18 -26.23
N SER F 181 15.57 -29.04 -26.28
CA SER F 181 16.21 -27.81 -25.82
C SER F 181 16.33 -27.78 -24.31
N GLN F 182 15.41 -28.42 -23.59
CA GLN F 182 15.55 -28.46 -22.15
C GLN F 182 16.51 -29.54 -21.70
N ALA F 183 16.70 -30.57 -22.52
CA ALA F 183 17.74 -31.53 -22.24
C ALA F 183 19.11 -30.91 -22.43
N CYS F 184 19.28 -30.08 -23.45
CA CYS F 184 20.56 -29.40 -23.65
C CYS F 184 20.71 -28.25 -22.68
N GLY F 185 19.63 -27.78 -22.10
CA GLY F 185 19.75 -26.73 -21.11
C GLY F 185 20.16 -27.25 -19.75
N TRP F 186 19.84 -28.52 -19.46
CA TRP F 186 20.29 -29.10 -18.19
C TRP F 186 21.68 -29.69 -18.32
N MET F 187 22.03 -30.24 -19.46
CA MET F 187 23.40 -30.70 -19.63
C MET F 187 24.37 -29.54 -19.81
N PHE F 188 23.87 -28.34 -20.09
CA PHE F 188 24.73 -27.17 -20.07
C PHE F 188 24.95 -26.69 -18.65
N LEU F 189 23.89 -26.65 -17.85
CA LEU F 189 24.03 -26.22 -16.46
C LEU F 189 24.83 -27.23 -15.65
N LEU F 190 24.91 -28.46 -16.12
CA LEU F 190 25.67 -29.47 -15.42
C LEU F 190 27.12 -29.45 -15.84
N MET F 191 27.42 -28.99 -17.04
CA MET F 191 28.82 -28.88 -17.41
C MET F 191 29.39 -27.50 -17.08
N MET F 192 28.53 -26.52 -16.85
CA MET F 192 28.99 -25.26 -16.30
C MET F 192 29.25 -25.38 -14.80
N THR F 193 28.37 -26.07 -14.06
CA THR F 193 28.58 -26.19 -12.64
C THR F 193 29.69 -27.17 -12.32
N PHE F 194 29.87 -28.20 -13.11
CA PHE F 194 30.99 -29.10 -12.86
C PHE F 194 32.31 -28.46 -13.28
N THR F 195 32.28 -27.48 -14.16
CA THR F 195 33.51 -26.73 -14.42
C THR F 195 33.84 -25.79 -13.28
N ALA F 196 32.86 -25.03 -12.78
CA ALA F 196 33.12 -24.08 -11.70
C ALA F 196 33.42 -24.80 -10.38
N PHE F 197 33.01 -26.06 -10.27
CA PHE F 197 33.40 -26.84 -9.11
C PHE F 197 34.83 -27.34 -9.26
N LEU F 198 35.30 -27.49 -10.49
CA LEU F 198 36.69 -27.88 -10.67
C LEU F 198 37.63 -26.70 -10.43
N ILE F 199 37.14 -25.47 -10.57
CA ILE F 199 38.04 -24.36 -10.27
C ILE F 199 37.94 -23.90 -8.82
N ARG F 200 36.90 -24.29 -8.08
CA ARG F 200 36.99 -24.17 -6.61
C ARG F 200 37.78 -25.31 -5.99
N ALA F 201 38.26 -26.26 -6.79
CA ALA F 201 39.14 -27.28 -6.26
C ALA F 201 40.56 -27.16 -6.79
N ILE F 202 40.80 -26.29 -7.79
CA ILE F 202 42.15 -26.16 -8.35
C ILE F 202 42.73 -24.75 -8.21
N ARG F 203 41.97 -23.73 -8.64
CA ARG F 203 42.46 -22.35 -8.82
C ARG F 203 43.00 -21.62 -7.58
N PRO F 204 42.59 -21.94 -6.33
CA PRO F 204 43.36 -21.43 -5.17
C PRO F 204 44.84 -21.80 -5.15
N CYS F 205 45.23 -22.93 -5.75
CA CYS F 205 46.64 -23.24 -5.94
C CYS F 205 47.25 -22.52 -7.14
N PHE F 206 46.42 -21.95 -8.00
CA PHE F 206 46.92 -21.13 -9.10
C PHE F 206 47.22 -19.72 -8.64
N THR F 207 46.39 -19.20 -7.71
CA THR F 207 46.62 -17.87 -7.18
C THR F 207 47.85 -17.83 -6.27
N GLN F 208 47.95 -18.82 -5.35
CA GLN F 208 49.09 -19.03 -4.45
C GLN F 208 49.37 -17.82 -3.56
N ALA F 209 48.31 -17.25 -2.98
CA ALA F 209 48.36 -16.11 -2.05
C ALA F 209 49.02 -14.88 -2.68
N SER F 210 48.81 -14.69 -3.98
CA SER F 210 49.23 -13.46 -4.64
C SER F 210 48.13 -12.41 -4.64
N TYR F 211 46.96 -12.74 -4.12
CA TYR F 211 45.84 -11.79 -4.09
C TYR F 211 46.11 -10.70 -3.06
N ARG F 212 47.02 -10.95 -2.12
CA ARG F 212 47.36 -9.95 -1.12
C ARG F 212 48.16 -8.82 -1.74
N GLN F 213 49.07 -9.13 -2.66
CA GLN F 213 49.78 -8.08 -3.39
C GLN F 213 48.84 -7.39 -4.36
N GLU F 214 47.81 -8.08 -4.84
CA GLU F 214 46.76 -7.43 -5.59
C GLU F 214 45.93 -6.52 -4.70
N ALA F 215 45.62 -6.97 -3.48
CA ALA F 215 44.80 -6.16 -2.59
C ALA F 215 45.60 -5.03 -1.97
N TYR F 216 46.92 -5.19 -1.88
CA TYR F 216 47.76 -4.07 -1.45
C TYR F 216 47.85 -3.01 -2.52
N TRP F 217 47.96 -3.43 -3.79
CA TRP F 217 47.94 -2.46 -4.89
C TRP F 217 46.56 -1.87 -5.08
N ALA F 218 45.52 -2.62 -4.72
CA ALA F 218 44.16 -2.09 -4.75
C ALA F 218 43.97 -0.98 -3.72
N GLN F 219 44.48 -1.20 -2.51
CA GLN F 219 44.38 -0.18 -1.48
C GLN F 219 45.34 0.97 -1.75
N TYR F 220 46.47 0.69 -2.41
CA TYR F 220 47.42 1.75 -2.73
C TYR F 220 46.86 2.70 -3.77
N ARG F 221 46.09 2.18 -4.73
CA ARG F 221 45.48 3.04 -5.72
C ARG F 221 44.36 3.86 -5.10
N ALA F 222 43.56 3.25 -4.23
CA ALA F 222 42.35 3.90 -3.74
C ALA F 222 42.68 5.06 -2.82
N ASN F 223 43.64 4.88 -1.91
CA ASN F 223 44.00 5.96 -1.00
C ASN F 223 44.84 7.02 -1.70
N GLU F 224 45.53 6.67 -2.80
CA GLU F 224 46.31 7.68 -3.51
C GLU F 224 45.40 8.66 -4.22
N ASP F 225 44.23 8.20 -4.68
CA ASP F 225 43.27 9.10 -5.27
C ASP F 225 42.58 9.94 -4.19
N GLN F 226 42.33 9.34 -3.02
CA GLN F 226 41.69 10.08 -1.95
C GLN F 226 42.63 11.09 -1.32
N LEU F 227 43.92 10.76 -1.22
CA LEU F 227 44.90 11.74 -0.74
C LEU F 227 45.12 12.83 -1.78
N PHE F 228 44.97 12.50 -3.06
CA PHE F 228 44.93 13.52 -4.10
C PHE F 228 43.69 14.39 -3.98
N GLN F 229 42.60 13.86 -3.42
CA GLN F 229 41.41 14.68 -3.24
C GLN F 229 41.62 15.74 -2.17
N ARG F 230 42.13 15.32 -1.01
CA ARG F 230 42.30 16.26 0.12
C ARG F 230 43.40 17.29 -0.18
N THR F 231 44.46 16.87 -0.88
CA THR F 231 45.55 17.78 -1.18
C THR F 231 45.16 18.79 -2.25
N ALA F 232 44.42 18.36 -3.28
CA ALA F 232 44.00 19.31 -4.31
C ALA F 232 42.91 20.23 -3.78
N GLU F 233 42.07 19.74 -2.87
CA GLU F 233 41.05 20.59 -2.27
C GLU F 233 41.68 21.62 -1.34
N VAL F 234 42.78 21.24 -0.67
CA VAL F 234 43.50 22.21 0.15
C VAL F 234 44.27 23.18 -0.74
N HIS F 235 44.80 22.69 -1.87
CA HIS F 235 45.41 23.59 -2.84
C HIS F 235 44.35 24.49 -3.48
N SER F 236 43.14 23.97 -3.62
CA SER F 236 42.01 24.79 -4.04
C SER F 236 41.64 25.86 -3.00
N ARG F 237 41.78 25.54 -1.72
CA ARG F 237 41.50 26.52 -0.68
C ARG F 237 42.48 27.68 -0.73
N VAL F 238 43.73 27.41 -1.11
CA VAL F 238 44.73 28.47 -1.21
C VAL F 238 44.40 29.41 -2.37
N LEU F 239 44.07 28.85 -3.53
CA LEU F 239 43.82 29.68 -4.70
C LEU F 239 42.47 30.39 -4.60
N ALA F 240 41.50 29.80 -3.89
CA ALA F 240 40.18 30.41 -3.78
C ALA F 240 40.19 31.61 -2.87
N ALA F 241 41.04 31.59 -1.83
CA ALA F 241 41.11 32.72 -0.91
C ALA F 241 41.76 33.93 -1.58
N ASN F 242 42.80 33.70 -2.39
CA ASN F 242 43.40 34.81 -3.13
C ASN F 242 42.46 35.33 -4.20
N ASN F 243 41.65 34.46 -4.79
CA ASN F 243 40.75 34.88 -5.85
C ASN F 243 39.54 35.62 -5.29
N VAL F 244 39.13 35.30 -4.07
CA VAL F 244 37.97 35.95 -3.48
C VAL F 244 38.33 37.36 -3.01
N ARG F 245 39.56 37.53 -2.52
CA ARG F 245 40.03 38.87 -2.12
C ARG F 245 40.15 39.77 -3.33
N ARG F 246 40.52 39.21 -4.48
CA ARG F 246 40.51 39.99 -5.71
C ARG F 246 39.10 40.13 -6.28
N PHE F 247 38.15 39.33 -5.79
CA PHE F 247 36.82 39.32 -6.39
C PHE F 247 35.99 40.55 -6.08
N PHE F 248 35.59 40.76 -4.82
CA PHE F 248 34.80 41.93 -4.48
C PHE F 248 35.63 42.91 -3.66
N GLY F 249 36.75 42.43 -3.12
CA GLY F 249 37.54 43.18 -2.17
C GLY F 249 37.47 42.57 -0.79
N PHE F 250 37.35 41.25 -0.70
CA PHE F 250 37.14 40.60 0.58
C PHE F 250 37.59 39.14 0.57
N VAL F 251 38.41 38.76 1.56
CA VAL F 251 38.81 37.37 1.76
C VAL F 251 38.12 36.86 3.02
N ALA F 252 37.43 35.73 2.92
CA ALA F 252 36.59 35.26 4.01
C ALA F 252 36.66 33.74 4.10
N LEU F 253 36.78 33.24 5.33
CA LEU F 253 36.92 31.81 5.60
C LEU F 253 36.19 31.43 6.89
N ASN F 254 35.25 30.52 6.75
CA ASN F 254 34.57 29.82 7.82
C ASN F 254 35.47 28.67 8.29
N LYS F 255 34.87 27.63 8.88
CA LYS F 255 35.60 26.41 9.24
C LYS F 255 36.17 25.61 8.05
N ASP F 256 36.02 26.12 6.82
CA ASP F 256 36.86 25.75 5.70
C ASP F 256 38.29 26.27 5.84
N ASP F 257 38.57 27.14 6.81
CA ASP F 257 39.93 27.49 7.18
C ASP F 257 40.62 26.43 8.04
N GLU F 258 39.87 25.44 8.53
CA GLU F 258 40.43 24.41 9.40
C GLU F 258 41.39 23.48 8.67
N GLU F 259 41.24 23.33 7.36
CA GLU F 259 42.26 22.66 6.57
C GLU F 259 43.30 23.63 6.06
N LEU F 260 42.99 24.93 6.06
CA LEU F 260 43.93 25.95 5.61
C LEU F 260 45.02 26.19 6.64
N GLY G 21 20.00 -18.92 5.88
CA GLY G 21 21.35 -19.24 5.45
C GLY G 21 21.44 -19.49 3.96
N ILE G 22 22.51 -20.17 3.53
CA ILE G 22 22.60 -20.53 2.11
C ILE G 22 21.66 -21.69 1.81
N CYS G 23 21.34 -22.52 2.79
CA CYS G 23 20.49 -23.67 2.52
C CYS G 23 19.04 -23.32 2.73
N GLY G 24 18.76 -22.21 3.38
CA GLY G 24 17.42 -21.68 3.36
C GLY G 24 17.07 -21.07 2.02
N ILE G 25 18.05 -20.43 1.36
CA ILE G 25 17.74 -19.82 0.08
C ILE G 25 17.79 -20.86 -1.04
N MET G 26 18.58 -21.93 -0.88
CA MET G 26 18.58 -22.98 -1.89
C MET G 26 17.35 -23.86 -1.77
N ALA G 27 16.80 -24.04 -0.57
CA ALA G 27 15.54 -24.77 -0.48
C ALA G 27 14.42 -23.94 -1.07
N LEU G 28 14.49 -22.62 -0.94
CA LEU G 28 13.46 -21.77 -1.52
C LEU G 28 13.64 -21.66 -3.03
N ALA G 29 14.87 -21.68 -3.51
CA ALA G 29 15.09 -21.57 -4.95
C ALA G 29 14.78 -22.86 -5.68
N SER G 30 14.91 -24.00 -5.02
CA SER G 30 14.59 -25.27 -5.65
C SER G 30 13.09 -25.43 -5.83
N ALA G 31 12.32 -24.99 -4.85
CA ALA G 31 10.87 -24.99 -5.01
C ALA G 31 10.43 -23.90 -5.98
N GLN G 32 11.23 -22.84 -6.13
CA GLN G 32 10.84 -21.75 -7.02
C GLN G 32 11.22 -22.03 -8.46
N MET G 33 12.30 -22.77 -8.70
CA MET G 33 12.56 -23.19 -10.07
C MET G 33 11.55 -24.21 -10.54
N TYR G 34 10.98 -25.01 -9.65
CA TYR G 34 9.96 -25.94 -10.09
C TYR G 34 8.70 -25.20 -10.50
N SER G 35 8.37 -24.12 -9.80
CA SER G 35 7.16 -23.39 -10.15
C SER G 35 7.32 -22.63 -11.45
N SER G 36 8.52 -22.15 -11.76
CA SER G 36 8.68 -21.38 -12.98
C SER G 36 9.19 -22.22 -14.15
N PHE G 37 9.59 -23.45 -13.92
CA PHE G 37 9.84 -24.39 -15.00
C PHE G 37 8.52 -24.74 -15.65
N GLU G 38 8.48 -24.76 -16.96
CA GLU G 38 7.26 -25.18 -17.63
C GLU G 38 7.53 -26.57 -18.18
N PHE G 39 6.83 -27.54 -17.63
CA PHE G 39 7.04 -28.93 -17.96
C PHE G 39 6.56 -29.17 -19.38
N SER G 40 7.43 -29.67 -20.22
CA SER G 40 7.11 -29.83 -21.63
C SER G 40 7.38 -31.22 -22.12
N CYS G 41 6.77 -32.20 -21.50
CA CYS G 41 6.88 -33.63 -21.75
C CYS G 41 6.66 -33.95 -23.21
N PRO G 42 7.58 -34.60 -23.92
CA PRO G 42 7.31 -35.03 -25.28
C PRO G 42 6.29 -36.14 -25.25
N CYS G 43 5.73 -36.50 -26.38
CA CYS G 43 4.73 -37.54 -26.32
C CYS G 43 5.17 -38.75 -27.11
N MET G 44 6.38 -39.04 -27.08
CA MET G 44 6.87 -40.15 -27.83
C MET G 44 7.38 -41.20 -26.87
N PRO G 45 7.30 -42.48 -27.22
CA PRO G 45 7.68 -43.51 -26.26
C PRO G 45 9.16 -43.62 -25.98
N GLU G 46 10.03 -43.30 -26.93
CA GLU G 46 11.45 -43.41 -26.62
C GLU G 46 12.00 -42.18 -25.94
N TYR G 47 11.28 -41.09 -25.92
CA TYR G 47 11.73 -39.90 -25.23
C TYR G 47 10.86 -39.53 -24.07
N ASN G 48 9.88 -40.36 -23.71
CA ASN G 48 9.12 -40.09 -22.50
C ASN G 48 9.91 -40.41 -21.26
N TYR G 49 10.50 -41.61 -21.20
CA TYR G 49 11.15 -42.07 -19.99
C TYR G 49 12.36 -41.21 -19.65
N THR G 50 13.17 -40.88 -20.64
CA THR G 50 14.39 -40.13 -20.35
C THR G 50 14.08 -38.68 -20.04
N TYR G 51 12.96 -38.16 -20.52
CA TYR G 51 12.60 -36.81 -20.10
C TYR G 51 11.98 -36.82 -18.72
N GLY G 52 11.14 -37.79 -18.42
CA GLY G 52 10.44 -37.76 -17.15
C GLY G 52 11.35 -38.11 -15.98
N ILE G 53 12.08 -39.19 -16.09
CA ILE G 53 12.98 -39.60 -15.03
C ILE G 53 14.22 -38.73 -15.00
N GLY G 54 14.66 -38.24 -16.16
CA GLY G 54 15.78 -37.33 -16.19
C GLY G 54 15.49 -36.03 -15.50
N LEU G 55 14.23 -35.64 -15.45
CA LEU G 55 13.93 -34.42 -14.74
C LEU G 55 13.77 -34.67 -13.25
N LEU G 56 13.69 -35.92 -12.85
CA LEU G 56 13.71 -36.23 -11.43
C LEU G 56 15.12 -36.25 -10.91
N ILE G 57 16.07 -36.69 -11.73
CA ILE G 57 17.42 -37.00 -11.30
C ILE G 57 18.40 -35.86 -11.57
N ILE G 58 18.43 -35.30 -12.78
CA ILE G 58 19.45 -34.34 -13.18
C ILE G 58 19.34 -32.98 -12.49
N PRO G 59 18.19 -32.45 -12.11
CA PRO G 59 18.22 -31.26 -11.31
C PRO G 59 18.57 -31.47 -9.84
N PRO G 60 18.48 -32.67 -9.26
CA PRO G 60 19.22 -32.87 -8.01
C PRO G 60 20.72 -32.88 -8.14
N ILE G 61 21.29 -33.45 -9.19
CA ILE G 61 22.74 -33.43 -9.31
C ILE G 61 23.22 -32.01 -9.58
N TRP G 62 22.38 -31.18 -10.19
CA TRP G 62 22.77 -29.79 -10.32
C TRP G 62 22.64 -29.06 -9.00
N PHE G 63 21.60 -29.31 -8.23
CA PHE G 63 21.43 -28.58 -6.98
C PHE G 63 22.38 -29.09 -5.91
N PHE G 64 22.98 -30.24 -6.14
CA PHE G 64 23.99 -30.75 -5.21
C PHE G 64 25.34 -30.12 -5.50
N LEU G 65 25.76 -30.08 -6.75
CA LEU G 65 27.03 -29.44 -7.09
C LEU G 65 26.95 -27.93 -6.94
N LEU G 66 25.75 -27.38 -6.98
CA LEU G 66 25.60 -25.98 -6.60
C LEU G 66 25.78 -25.80 -5.10
N GLY G 67 25.54 -26.86 -4.34
CA GLY G 67 25.72 -26.75 -2.90
C GLY G 67 27.15 -26.92 -2.49
N PHE G 68 28.00 -27.37 -3.41
CA PHE G 68 29.44 -27.35 -3.16
C PHE G 68 30.07 -26.04 -3.61
N VAL G 69 29.67 -25.54 -4.77
CA VAL G 69 30.25 -24.33 -5.33
C VAL G 69 29.93 -23.11 -4.45
N LEU G 70 28.73 -23.02 -3.93
CA LEU G 70 28.41 -21.86 -3.13
C LEU G 70 28.78 -22.05 -1.67
N ASN G 71 29.55 -23.09 -1.32
CA ASN G 71 30.03 -23.28 0.05
C ASN G 71 31.55 -23.24 0.07
N ASN G 72 32.07 -22.05 0.37
CA ASN G 72 33.47 -21.67 0.25
C ASN G 72 34.44 -22.49 1.10
N ASN G 73 33.92 -23.23 2.08
CA ASN G 73 34.76 -24.11 2.87
C ASN G 73 35.23 -25.34 2.09
N VAL G 74 34.72 -25.56 0.88
CA VAL G 74 35.30 -26.60 0.01
C VAL G 74 36.58 -26.08 -0.65
N SER G 75 36.70 -24.76 -0.79
CA SER G 75 37.95 -24.18 -1.27
C SER G 75 39.03 -24.33 -0.22
N VAL G 76 38.66 -24.16 1.05
CA VAL G 76 39.57 -24.48 2.15
C VAL G 76 39.89 -25.96 2.17
N LEU G 77 38.87 -26.80 1.97
CA LEU G 77 39.05 -28.26 1.96
C LEU G 77 39.92 -28.69 0.79
N ALA G 78 39.86 -27.95 -0.32
CA ALA G 78 40.63 -28.28 -1.51
C ALA G 78 42.11 -28.13 -1.26
N GLU G 79 42.52 -26.99 -0.69
CA GLU G 79 43.94 -26.76 -0.48
C GLU G 79 44.49 -27.54 0.70
N GLU G 80 43.63 -28.06 1.59
CA GLU G 80 44.17 -28.91 2.64
C GLU G 80 44.45 -30.32 2.14
N TRP G 81 43.69 -30.81 1.17
CA TRP G 81 43.99 -32.12 0.61
C TRP G 81 45.11 -32.04 -0.42
N LYS G 82 45.42 -30.84 -0.90
CA LYS G 82 46.48 -30.68 -1.90
C LYS G 82 47.87 -30.86 -1.33
N ARG G 83 48.14 -30.35 -0.12
CA ARG G 83 49.49 -30.39 0.43
C ARG G 83 49.83 -31.81 0.89
N PRO G 84 51.13 -32.14 0.96
CA PRO G 84 51.52 -33.37 1.64
C PRO G 84 51.35 -33.27 3.15
N THR G 85 51.53 -34.41 3.81
CA THR G 85 51.37 -34.47 5.26
C THR G 85 52.56 -33.79 5.95
N GLY G 86 52.36 -33.40 7.20
CA GLY G 86 53.36 -32.63 7.91
C GLY G 86 53.03 -31.15 7.90
N ARG G 87 52.53 -30.67 6.77
CA ARG G 87 52.05 -29.30 6.64
C ARG G 87 50.56 -29.18 6.92
N ARG G 88 49.83 -30.29 6.89
CA ARG G 88 48.37 -30.28 6.95
C ARG G 88 47.90 -29.86 8.33
N THR G 89 46.90 -28.97 8.36
CA THR G 89 46.48 -28.29 9.57
C THR G 89 45.38 -29.02 10.34
N LYS G 90 44.79 -30.05 9.77
CA LYS G 90 43.74 -30.82 10.42
C LYS G 90 44.17 -32.28 10.52
N ASP G 91 43.46 -33.03 11.34
CA ASP G 91 43.57 -34.48 11.25
C ASP G 91 42.75 -34.98 10.06
N PRO G 92 43.05 -36.19 9.50
CA PRO G 92 42.23 -36.69 8.40
C PRO G 92 40.81 -37.05 8.83
N SER G 93 40.61 -37.23 10.14
CA SER G 93 39.28 -37.33 10.71
C SER G 93 38.64 -35.97 10.95
N VAL G 94 39.36 -34.87 10.75
CA VAL G 94 38.77 -33.54 10.79
C VAL G 94 38.50 -33.02 9.37
N LEU G 95 39.33 -33.42 8.40
CA LEU G 95 38.99 -33.16 7.01
C LEU G 95 37.78 -33.97 6.58
N ARG G 96 37.63 -35.19 7.12
CA ARG G 96 36.45 -35.99 6.84
C ARG G 96 35.21 -35.42 7.52
N TYR G 97 35.37 -34.64 8.59
CA TYR G 97 34.19 -34.01 9.17
C TYR G 97 33.72 -32.85 8.33
N MET G 98 34.66 -32.11 7.71
CA MET G 98 34.27 -31.01 6.84
C MET G 98 33.53 -31.52 5.62
N LEU G 99 33.94 -32.70 5.14
CA LEU G 99 33.23 -33.38 4.07
C LEU G 99 31.81 -33.72 4.45
N CYS G 100 31.61 -34.24 5.66
CA CYS G 100 30.28 -34.70 6.04
C CYS G 100 29.34 -33.54 6.38
N SER G 101 29.85 -32.44 6.91
CA SER G 101 28.94 -31.34 7.19
C SER G 101 28.60 -30.55 5.94
N ILE G 102 29.50 -30.50 4.97
CA ILE G 102 29.20 -29.78 3.73
C ILE G 102 28.31 -30.64 2.84
N THR G 103 28.36 -31.97 3.03
CA THR G 103 27.46 -32.84 2.29
C THR G 103 26.04 -32.73 2.85
N GLN G 104 25.87 -33.01 4.14
CA GLN G 104 24.50 -33.06 4.69
C GLN G 104 23.91 -31.68 4.89
N ARG G 105 24.63 -30.62 4.56
CA ARG G 105 23.96 -29.35 4.39
C ARG G 105 23.41 -29.23 2.98
N SER G 106 24.20 -29.65 1.99
CA SER G 106 23.86 -29.45 0.59
C SER G 106 22.85 -30.43 0.05
N LEU G 107 22.37 -31.38 0.85
CA LEU G 107 21.34 -32.32 0.47
C LEU G 107 19.95 -31.86 0.83
N ILE G 108 19.69 -30.56 0.92
CA ILE G 108 18.34 -30.12 1.20
C ILE G 108 17.67 -29.60 -0.05
N ALA G 109 18.39 -28.88 -0.88
CA ALA G 109 17.82 -28.47 -2.15
C ALA G 109 17.63 -29.60 -3.16
N PRO G 110 18.42 -30.67 -3.19
CA PRO G 110 17.96 -31.85 -3.91
C PRO G 110 16.67 -32.41 -3.38
N ALA G 111 16.57 -32.62 -2.07
CA ALA G 111 15.45 -33.36 -1.55
C ALA G 111 14.21 -32.51 -1.46
N VAL G 112 14.31 -31.21 -1.60
CA VAL G 112 13.10 -30.42 -1.82
C VAL G 112 12.66 -30.51 -3.27
N TRP G 113 13.59 -30.64 -4.21
CA TRP G 113 13.17 -30.85 -5.60
C TRP G 113 12.55 -32.22 -5.79
N VAL G 114 13.12 -33.26 -5.22
CA VAL G 114 12.58 -34.59 -5.47
C VAL G 114 11.26 -34.77 -4.74
N SER G 115 11.04 -34.02 -3.66
CA SER G 115 9.74 -34.18 -2.99
C SER G 115 8.67 -33.35 -3.68
N VAL G 116 9.01 -32.16 -4.16
CA VAL G 116 8.04 -31.32 -4.85
C VAL G 116 7.69 -31.92 -6.20
N THR G 117 8.65 -32.54 -6.87
CA THR G 117 8.35 -33.22 -8.13
C THR G 117 7.51 -34.44 -7.93
N LEU G 118 7.66 -35.12 -6.79
CA LEU G 118 6.88 -36.32 -6.61
C LEU G 118 5.48 -36.01 -6.09
N MET G 119 5.29 -34.94 -5.33
CA MET G 119 3.93 -34.59 -4.95
C MET G 119 3.14 -34.06 -6.12
N ASP G 120 3.81 -33.47 -7.10
CA ASP G 120 3.09 -32.88 -8.21
C ASP G 120 2.75 -33.93 -9.24
N GLY G 121 3.53 -34.98 -9.32
CA GLY G 121 3.20 -36.12 -10.12
C GLY G 121 3.29 -35.93 -11.61
N LYS G 122 3.88 -34.82 -12.08
CA LYS G 122 4.00 -34.62 -13.51
C LYS G 122 5.10 -35.48 -14.09
N SER G 123 6.11 -35.79 -13.31
CA SER G 123 7.23 -36.55 -13.83
C SER G 123 6.97 -38.05 -13.80
N PHE G 124 6.20 -38.56 -12.85
CA PHE G 124 5.80 -39.96 -12.97
C PHE G 124 4.80 -40.14 -14.07
N LEU G 125 4.02 -39.12 -14.37
CA LEU G 125 3.02 -39.25 -15.42
C LEU G 125 3.66 -39.27 -16.79
N CYS G 126 4.71 -38.47 -16.99
CA CYS G 126 5.43 -38.50 -18.25
C CYS G 126 6.20 -39.80 -18.39
N ALA G 127 6.83 -40.25 -17.33
CA ALA G 127 7.78 -41.34 -17.46
C ALA G 127 7.10 -42.68 -17.56
N PHE G 128 5.97 -42.86 -16.87
CA PHE G 128 5.41 -44.17 -16.64
C PHE G 128 4.08 -44.39 -17.33
N SER G 129 3.65 -43.49 -18.20
CA SER G 129 2.36 -43.68 -18.84
C SER G 129 2.44 -44.49 -20.11
N ILE G 130 3.58 -45.05 -20.47
CA ILE G 130 3.63 -46.05 -21.51
C ILE G 130 3.58 -47.45 -20.93
N ASN G 131 3.50 -47.54 -19.60
CA ASN G 131 3.52 -48.79 -18.86
C ASN G 131 2.15 -49.18 -18.35
N LEU G 132 1.15 -48.36 -18.62
CA LEU G 132 -0.17 -48.53 -18.05
C LEU G 132 -0.88 -49.72 -18.66
N ASP G 133 -1.92 -50.17 -17.98
CA ASP G 133 -2.88 -51.10 -18.52
C ASP G 133 -4.14 -50.28 -18.78
N ILE G 134 -4.42 -50.04 -20.05
CA ILE G 134 -5.48 -49.09 -20.38
C ILE G 134 -6.85 -49.73 -20.23
N GLU G 135 -6.90 -51.03 -19.98
CA GLU G 135 -8.16 -51.70 -19.72
C GLU G 135 -8.76 -51.24 -18.40
N LYS G 136 -7.92 -50.86 -17.43
CA LYS G 136 -8.41 -50.61 -16.08
C LYS G 136 -9.15 -49.31 -15.92
N PHE G 137 -9.06 -48.39 -16.87
CA PHE G 137 -9.64 -47.07 -16.67
C PHE G 137 -10.80 -46.74 -17.59
N GLY G 138 -10.97 -47.45 -18.70
CA GLY G 138 -12.05 -47.11 -19.58
C GLY G 138 -12.24 -48.01 -20.79
N ASN G 139 -12.49 -47.37 -21.94
CA ASN G 139 -12.83 -48.04 -23.19
C ASN G 139 -11.71 -48.94 -23.68
N ALA G 140 -11.93 -50.25 -23.64
CA ALA G 140 -10.93 -51.19 -24.14
C ALA G 140 -10.85 -51.17 -25.66
N SER G 141 -11.92 -50.70 -26.33
CA SER G 141 -11.94 -50.62 -27.78
C SER G 141 -11.23 -49.39 -28.32
N LEU G 142 -10.59 -48.60 -27.47
CA LEU G 142 -9.67 -47.57 -27.96
C LEU G 142 -8.46 -48.21 -28.63
N VAL G 143 -7.97 -49.30 -28.07
CA VAL G 143 -6.71 -49.87 -28.49
C VAL G 143 -6.86 -51.18 -29.25
N ILE G 144 -8.04 -51.78 -29.30
CA ILE G 144 -8.18 -52.98 -30.10
C ILE G 144 -8.32 -52.56 -31.56
N GLY G 145 -7.29 -52.87 -32.35
CA GLY G 145 -7.21 -52.39 -33.71
C GLY G 145 -5.96 -51.61 -34.04
N MET G 146 -5.04 -51.45 -33.09
CA MET G 146 -3.76 -50.85 -33.40
C MET G 146 -2.60 -51.77 -33.04
N THR G 147 -1.50 -51.63 -33.78
CA THR G 147 -0.30 -52.40 -33.60
C THR G 147 0.39 -51.93 -32.31
N GLU G 148 1.39 -52.69 -31.85
CA GLU G 148 2.08 -52.36 -30.61
C GLU G 148 2.89 -51.09 -30.73
N THR G 149 3.32 -50.73 -31.94
CA THR G 149 3.91 -49.41 -32.11
C THR G 149 2.86 -48.33 -31.93
N GLU G 150 1.67 -48.53 -32.49
CA GLU G 150 0.64 -47.51 -32.35
C GLU G 150 0.00 -47.59 -30.98
N LYS G 151 0.12 -48.74 -30.31
CA LYS G 151 -0.34 -48.88 -28.93
C LYS G 151 0.46 -47.97 -28.01
N LEU G 152 1.79 -47.99 -28.14
CA LEU G 152 2.63 -47.12 -27.34
C LEU G 152 2.41 -45.67 -27.71
N LYS G 153 2.20 -45.38 -28.99
CA LYS G 153 2.02 -43.99 -29.40
C LYS G 153 0.68 -43.45 -28.94
N PHE G 154 -0.29 -44.33 -28.70
CA PHE G 154 -1.54 -43.89 -28.12
C PHE G 154 -1.36 -43.60 -26.64
N LEU G 155 -0.64 -44.48 -25.94
CA LEU G 155 -0.52 -44.37 -24.50
C LEU G 155 0.40 -43.23 -24.12
N ALA G 156 1.41 -42.97 -24.93
CA ALA G 156 2.44 -42.00 -24.59
C ALA G 156 1.94 -40.57 -24.59
N ARG G 157 0.83 -40.28 -25.23
CA ARG G 157 0.31 -38.94 -25.29
C ARG G 157 -0.61 -38.61 -24.12
N ILE G 158 -0.77 -39.55 -23.17
CA ILE G 158 -1.57 -39.27 -21.96
C ILE G 158 -1.09 -38.06 -21.15
N PRO G 159 0.21 -37.81 -20.93
CA PRO G 159 0.58 -36.58 -20.24
C PRO G 159 0.25 -35.33 -21.01
N CYS G 160 0.33 -35.43 -22.33
CA CYS G 160 0.20 -34.31 -23.24
C CYS G 160 -1.29 -33.98 -23.35
N LYS G 161 -1.68 -32.93 -22.63
CA LYS G 161 -3.08 -32.63 -22.36
C LYS G 161 -3.86 -32.30 -23.63
N ASP G 162 -3.22 -31.61 -24.56
CA ASP G 162 -3.83 -31.15 -25.80
C ASP G 162 -3.52 -32.03 -26.99
N LEU G 163 -3.07 -33.25 -26.79
CA LEU G 163 -2.89 -34.21 -27.86
C LEU G 163 -3.71 -35.47 -27.65
N PHE G 164 -4.39 -35.57 -26.52
CA PHE G 164 -5.18 -36.75 -26.21
C PHE G 164 -6.66 -36.40 -26.29
N GLU G 165 -7.40 -37.21 -27.04
CA GLU G 165 -8.78 -36.89 -27.37
C GLU G 165 -9.78 -37.39 -26.33
N ASP G 166 -9.49 -38.51 -25.69
CA ASP G 166 -10.35 -39.06 -24.64
C ASP G 166 -10.07 -38.26 -23.39
N ASN G 167 -11.14 -37.83 -22.72
CA ASN G 167 -10.92 -37.12 -21.47
C ASN G 167 -11.30 -37.96 -20.27
N GLU G 168 -11.94 -39.11 -20.47
CA GLU G 168 -12.26 -39.95 -19.32
C GLU G 168 -11.10 -40.87 -18.97
N VAL G 169 -10.41 -41.41 -19.97
CA VAL G 169 -9.30 -42.28 -19.65
C VAL G 169 -8.06 -41.46 -19.46
N ARG G 170 -8.08 -40.19 -19.86
CA ARG G 170 -6.99 -39.32 -19.48
C ARG G 170 -7.11 -38.94 -18.03
N VAL G 171 -8.31 -38.57 -17.59
CA VAL G 171 -8.47 -38.13 -16.21
C VAL G 171 -8.31 -39.30 -15.25
N ALA G 172 -8.72 -40.49 -15.67
CA ALA G 172 -8.57 -41.64 -14.80
C ALA G 172 -7.12 -42.11 -14.69
N ALA G 173 -6.31 -41.87 -15.72
CA ALA G 173 -4.93 -42.34 -15.65
C ALA G 173 -4.01 -41.29 -15.07
N THR G 174 -4.27 -40.01 -15.28
CA THR G 174 -3.42 -39.04 -14.60
C THR G 174 -3.78 -38.92 -13.14
N ARG G 175 -4.89 -39.50 -12.71
CA ARG G 175 -5.22 -39.51 -11.30
C ARG G 175 -4.59 -40.69 -10.61
N TYR G 176 -4.46 -41.80 -11.31
CA TYR G 176 -3.83 -42.99 -10.77
C TYR G 176 -2.34 -42.82 -10.61
N ILE G 177 -1.69 -42.13 -11.55
CA ILE G 177 -0.24 -41.97 -11.44
C ILE G 177 0.11 -40.74 -10.64
N LYS G 178 -0.80 -39.79 -10.49
CA LYS G 178 -0.53 -38.76 -9.52
C LYS G 178 -0.72 -39.28 -8.09
N CYS G 179 -1.55 -40.31 -7.91
CA CYS G 179 -1.64 -40.97 -6.61
C CYS G 179 -0.38 -41.71 -6.26
N ILE G 180 0.09 -42.60 -7.15
CA ILE G 180 1.27 -43.41 -6.86
C ILE G 180 2.50 -42.55 -6.76
N SER G 181 2.50 -41.41 -7.44
CA SER G 181 3.59 -40.47 -7.26
C SER G 181 3.53 -39.77 -5.92
N GLN G 182 2.33 -39.61 -5.36
CA GLN G 182 2.25 -39.00 -4.03
C GLN G 182 2.50 -40.02 -2.94
N ALA G 183 2.26 -41.29 -3.23
CA ALA G 183 2.66 -42.32 -2.29
C ALA G 183 4.16 -42.45 -2.22
N CYS G 184 4.84 -42.33 -3.36
CA CYS G 184 6.30 -42.37 -3.35
C CYS G 184 6.87 -41.06 -2.87
N GLY G 185 6.10 -39.99 -2.90
CA GLY G 185 6.59 -38.74 -2.37
C GLY G 185 6.53 -38.68 -0.86
N TRP G 186 5.60 -39.43 -0.25
CA TRP G 186 5.54 -39.46 1.21
C TRP G 186 6.46 -40.52 1.76
N MET G 187 6.65 -41.64 1.08
CA MET G 187 7.62 -42.61 1.55
C MET G 187 9.04 -42.13 1.29
N PHE G 188 9.23 -41.12 0.46
CA PHE G 188 10.55 -40.52 0.34
C PHE G 188 10.79 -39.55 1.48
N LEU G 189 9.81 -38.73 1.81
CA LEU G 189 9.96 -37.80 2.92
C LEU G 189 10.06 -38.51 4.25
N LEU G 190 9.58 -39.75 4.31
CA LEU G 190 9.66 -40.51 5.53
C LEU G 190 10.98 -41.25 5.64
N MET G 191 11.61 -41.56 4.51
CA MET G 191 12.92 -42.18 4.61
C MET G 191 14.03 -41.15 4.60
N MET G 192 13.75 -39.93 4.16
CA MET G 192 14.70 -38.85 4.35
C MET G 192 14.67 -38.34 5.79
N THR G 193 13.49 -38.21 6.38
CA THR G 193 13.43 -37.70 7.74
C THR G 193 13.87 -38.76 8.74
N PHE G 194 13.62 -40.04 8.47
CA PHE G 194 14.11 -41.05 9.39
C PHE G 194 15.61 -41.24 9.23
N THR G 195 16.18 -40.86 8.09
CA THR G 195 17.64 -40.86 8.00
C THR G 195 18.25 -39.71 8.77
N ALA G 196 17.71 -38.49 8.61
CA ALA G 196 18.27 -37.34 9.31
C ALA G 196 18.01 -37.40 10.81
N PHE G 197 17.02 -38.18 11.22
CA PHE G 197 16.83 -38.41 12.64
C PHE G 197 17.85 -39.43 13.16
N LEU G 198 18.33 -40.31 12.30
CA LEU G 198 19.36 -41.22 12.73
C LEU G 198 20.71 -40.55 12.83
N ILE G 199 20.92 -39.44 12.11
CA ILE G 199 22.20 -38.77 12.27
C ILE G 199 22.16 -37.67 13.33
N ARG G 200 20.97 -37.25 13.79
CA ARG G 200 20.93 -36.49 15.04
C ARG G 200 20.97 -37.40 16.26
N ALA G 201 21.03 -38.71 16.05
CA ALA G 201 21.22 -39.62 17.17
C ALA G 201 22.57 -40.32 17.14
N ILE G 202 23.33 -40.20 16.03
CA ILE G 202 24.63 -40.87 15.94
C ILE G 202 25.80 -39.90 15.74
N ARG G 203 25.70 -39.00 14.75
CA ARG G 203 26.81 -38.17 14.26
C ARG G 203 27.49 -37.22 15.27
N PRO G 204 26.82 -36.72 16.34
CA PRO G 204 27.59 -36.07 17.42
C PRO G 204 28.68 -36.92 18.06
N CYS G 205 28.55 -38.25 18.07
CA CYS G 205 29.63 -39.12 18.48
C CYS G 205 30.66 -39.36 17.38
N PHE G 206 30.33 -38.99 16.14
CA PHE G 206 31.30 -39.05 15.05
C PHE G 206 32.19 -37.82 15.05
N THR G 207 31.61 -36.66 15.40
CA THR G 207 32.41 -35.43 15.46
C THR G 207 33.35 -35.45 16.66
N GLN G 208 32.85 -35.84 17.84
CA GLN G 208 33.61 -36.01 19.08
C GLN G 208 34.35 -34.75 19.51
N ALA G 209 33.63 -33.61 19.46
CA ALA G 209 34.12 -32.29 19.88
C ALA G 209 35.38 -31.88 19.12
N SER G 210 35.44 -32.23 17.84
CA SER G 210 36.48 -31.74 16.96
C SER G 210 36.07 -30.48 16.22
N TYR G 211 34.81 -30.05 16.40
CA TYR G 211 34.31 -28.86 15.73
C TYR G 211 34.95 -27.60 16.31
N ARG G 212 35.50 -27.71 17.53
CA ARG G 212 36.16 -26.58 18.16
C ARG G 212 37.48 -26.27 17.48
N GLN G 213 38.22 -27.30 17.09
CA GLN G 213 39.44 -27.08 16.30
C GLN G 213 39.10 -26.62 14.89
N GLU G 214 37.93 -27.02 14.39
CA GLU G 214 37.43 -26.44 13.15
C GLU G 214 37.05 -24.98 13.33
N ALA G 215 36.41 -24.65 14.46
CA ALA G 215 35.98 -23.27 14.68
C ALA G 215 37.15 -22.38 15.07
N TYR G 216 38.20 -22.97 15.64
CA TYR G 216 39.42 -22.21 15.89
C TYR G 216 40.15 -21.90 14.60
N TRP G 217 40.20 -22.88 13.68
CA TRP G 217 40.79 -22.62 12.38
C TRP G 217 39.91 -21.71 11.53
N ALA G 218 38.60 -21.73 11.78
CA ALA G 218 37.68 -20.80 11.11
C ALA G 218 37.94 -19.38 11.56
N GLN G 219 38.12 -19.17 12.86
CA GLN G 219 38.41 -17.83 13.36
C GLN G 219 39.84 -17.41 13.03
N TYR G 220 40.75 -18.37 12.92
CA TYR G 220 42.14 -18.05 12.57
C TYR G 220 42.25 -17.57 11.15
N ARG G 221 41.44 -18.14 10.24
CA ARG G 221 41.46 -17.69 8.87
C ARG G 221 40.81 -16.31 8.74
N ALA G 222 39.71 -16.09 9.46
CA ALA G 222 38.94 -14.88 9.25
C ALA G 222 39.67 -13.64 9.76
N ASN G 223 40.30 -13.73 10.93
CA ASN G 223 41.03 -12.58 11.45
C ASN G 223 42.36 -12.39 10.74
N GLU G 224 42.91 -13.45 10.14
CA GLU G 224 44.17 -13.28 9.40
C GLU G 224 43.95 -12.48 8.13
N ASP G 225 42.78 -12.62 7.51
CA ASP G 225 42.46 -11.80 6.35
C ASP G 225 42.14 -10.38 6.77
N GLN G 226 41.49 -10.21 7.93
CA GLN G 226 41.16 -8.87 8.39
C GLN G 226 42.40 -8.12 8.88
N LEU G 227 43.33 -8.83 9.51
CA LEU G 227 44.60 -8.20 9.90
C LEU G 227 45.45 -7.91 8.67
N PHE G 228 45.32 -8.72 7.63
CA PHE G 228 45.91 -8.38 6.34
C PHE G 228 45.26 -7.16 5.72
N GLN G 229 43.99 -6.90 6.04
CA GLN G 229 43.33 -5.71 5.51
C GLN G 229 43.90 -4.45 6.14
N ARG G 230 43.99 -4.42 7.48
CA ARG G 230 44.46 -3.22 8.17
C ARG G 230 45.95 -2.96 7.91
N THR G 231 46.74 -4.02 7.80
CA THR G 231 48.17 -3.86 7.56
C THR G 231 48.46 -3.41 6.14
N ALA G 232 47.74 -3.96 5.14
CA ALA G 232 47.97 -3.52 3.78
C ALA G 232 47.41 -2.12 3.55
N GLU G 233 46.33 -1.77 4.24
CA GLU G 233 45.80 -0.42 4.13
C GLU G 233 46.73 0.60 4.77
N VAL G 234 47.41 0.19 5.86
CA VAL G 234 48.40 1.06 6.47
C VAL G 234 49.65 1.13 5.60
N HIS G 235 50.01 0.01 4.96
CA HIS G 235 51.09 0.03 3.99
C HIS G 235 50.70 0.85 2.76
N SER G 236 49.41 0.84 2.42
CA SER G 236 48.90 1.73 1.39
C SER G 236 48.97 3.19 1.80
N ARG G 237 48.77 3.50 3.08
CA ARG G 237 48.89 4.88 3.54
C ARG G 237 50.30 5.40 3.39
N VAL G 238 51.31 4.53 3.57
CA VAL G 238 52.69 4.94 3.44
C VAL G 238 53.01 5.27 1.98
N LEU G 239 52.60 4.40 1.06
CA LEU G 239 52.93 4.61 -0.34
C LEU G 239 52.10 5.75 -0.95
N ALA G 240 50.89 5.97 -0.44
CA ALA G 240 50.04 7.02 -1.01
C ALA G 240 50.51 8.40 -0.63
N ALA G 241 51.11 8.54 0.56
CA ALA G 241 51.61 9.85 0.98
C ALA G 241 52.84 10.25 0.18
N ASN G 242 53.73 9.29 -0.11
CA ASN G 242 54.88 9.58 -0.95
C ASN G 242 54.47 9.86 -2.39
N ASN G 243 53.41 9.19 -2.85
CA ASN G 243 52.97 9.38 -4.23
C ASN G 243 52.21 10.70 -4.40
N VAL G 244 51.55 11.16 -3.34
CA VAL G 244 50.80 12.41 -3.46
C VAL G 244 51.74 13.60 -3.42
N ARG G 245 52.83 13.51 -2.66
CA ARG G 245 53.84 14.57 -2.63
C ARG G 245 54.53 14.69 -3.97
N ARG G 246 54.72 13.56 -4.65
CA ARG G 246 55.24 13.59 -6.01
C ARG G 246 54.17 13.98 -7.02
N PHE G 247 52.89 13.94 -6.62
CA PHE G 247 51.81 14.16 -7.58
C PHE G 247 51.66 15.60 -8.02
N PHE G 248 51.26 16.51 -7.13
CA PHE G 248 51.11 17.90 -7.51
C PHE G 248 52.20 18.76 -6.88
N GLY G 249 52.86 18.20 -5.86
CA GLY G 249 53.80 18.94 -5.04
C GLY G 249 53.27 19.13 -3.63
N PHE G 250 52.51 18.17 -3.13
CA PHE G 250 51.85 18.33 -1.84
C PHE G 250 51.53 17.00 -1.18
N VAL G 251 51.93 16.84 0.09
CA VAL G 251 51.57 15.67 0.90
C VAL G 251 50.57 16.13 1.95
N ALA G 252 49.43 15.44 2.05
CA ALA G 252 48.34 15.91 2.89
C ALA G 252 47.64 14.72 3.53
N LEU G 253 47.35 14.85 4.83
CA LEU G 253 46.74 13.79 5.62
C LEU G 253 45.77 14.38 6.65
N ASN G 254 44.52 13.94 6.54
CA ASN G 254 43.46 14.15 7.51
C ASN G 254 43.62 13.11 8.62
N LYS G 255 42.52 12.79 9.32
CA LYS G 255 42.50 11.70 10.31
C LYS G 255 42.75 10.30 9.74
N ASP G 256 43.03 10.18 8.43
CA ASP G 256 43.71 9.04 7.86
C ASP G 256 45.18 8.97 8.27
N ASP G 257 45.73 10.01 8.90
CA ASP G 257 47.04 9.94 9.54
C ASP G 257 47.00 9.24 10.90
N GLU G 258 45.81 8.97 11.43
CA GLU G 258 45.68 8.35 12.75
C GLU G 258 46.14 6.90 12.77
N GLU G 259 46.10 6.22 11.62
CA GLU G 259 46.74 4.92 11.51
C GLU G 259 48.19 5.05 11.05
N LEU G 260 48.56 6.20 10.49
CA LEU G 260 49.92 6.44 10.04
C LEU G 260 50.85 6.71 11.21
N GLY H 21 7.28 -19.95 18.51
CA GLY H 21 8.34 -20.91 18.69
C GLY H 21 8.49 -21.83 17.50
N ILE H 22 9.13 -22.99 17.71
CA ILE H 22 9.20 -23.98 16.64
C ILE H 22 7.86 -24.68 16.47
N CYS H 23 7.06 -24.77 17.53
CA CYS H 23 5.80 -25.48 17.42
C CYS H 23 4.68 -24.55 17.01
N GLY H 24 4.92 -23.25 17.08
CA GLY H 24 4.02 -22.32 16.44
C GLY H 24 4.19 -22.34 14.93
N ILE H 25 5.41 -22.52 14.45
CA ILE H 25 5.61 -22.52 13.00
C ILE H 25 5.29 -23.89 12.42
N MET H 26 5.43 -24.96 13.20
CA MET H 26 5.03 -26.26 12.69
C MET H 26 3.52 -26.45 12.72
N ALA H 27 2.82 -25.81 13.64
CA ALA H 27 1.37 -25.87 13.56
C ALA H 27 0.88 -25.06 12.38
N LEU H 28 1.56 -23.97 12.05
CA LEU H 28 1.16 -23.18 10.91
C LEU H 28 1.55 -23.87 9.60
N ALA H 29 2.67 -24.59 9.60
CA ALA H 29 3.10 -25.26 8.37
C ALA H 29 2.28 -26.50 8.09
N SER H 30 1.76 -27.15 9.13
CA SER H 30 0.94 -28.33 8.91
C SER H 30 -0.41 -27.97 8.33
N ALA H 31 -0.99 -26.86 8.77
CA ALA H 31 -2.22 -26.38 8.16
C ALA H 31 -1.94 -25.82 6.78
N GLN H 32 -0.71 -25.35 6.53
CA GLN H 32 -0.41 -24.74 5.23
C GLN H 32 -0.04 -25.79 4.20
N MET H 33 0.56 -26.91 4.62
CA MET H 33 0.75 -27.99 3.65
C MET H 33 -0.56 -28.64 3.27
N TYR H 34 -1.56 -28.62 4.15
CA TYR H 34 -2.84 -29.18 3.76
C TYR H 34 -3.51 -28.31 2.72
N SER H 35 -3.36 -27.00 2.84
CA SER H 35 -4.00 -26.12 1.87
C SER H 35 -3.33 -26.18 0.51
N SER H 36 -2.02 -26.40 0.47
CA SER H 36 -1.35 -26.43 -0.82
C SER H 36 -1.18 -27.83 -1.38
N PHE H 37 -1.46 -28.87 -0.60
CA PHE H 37 -1.57 -30.22 -1.12
C PHE H 37 -2.80 -30.29 -2.01
N GLU H 38 -2.68 -30.91 -3.15
CA GLU H 38 -3.87 -31.09 -3.99
C GLU H 38 -4.24 -32.56 -3.88
N PHE H 39 -5.39 -32.80 -3.29
CA PHE H 39 -5.84 -34.15 -3.01
C PHE H 39 -6.20 -34.82 -4.31
N SER H 40 -5.59 -35.95 -4.58
CA SER H 40 -5.77 -36.61 -5.86
C SER H 40 -6.15 -38.06 -5.70
N CYS H 41 -7.24 -38.30 -5.01
CA CYS H 41 -7.82 -39.60 -4.69
C CYS H 41 -7.98 -40.46 -5.91
N PRO H 42 -7.41 -41.66 -6.00
CA PRO H 42 -7.70 -42.54 -7.13
C PRO H 42 -9.11 -43.02 -7.03
N CYS H 43 -9.65 -43.63 -8.07
CA CYS H 43 -11.02 -44.04 -7.98
C CYS H 43 -11.13 -45.54 -8.10
N MET H 44 -10.23 -46.21 -7.57
CA MET H 44 -10.26 -47.63 -7.66
C MET H 44 -10.45 -48.22 -6.28
N PRO H 45 -11.09 -49.37 -6.16
CA PRO H 45 -11.40 -49.88 -4.82
C PRO H 45 -10.20 -50.41 -4.05
N GLU H 46 -9.18 -50.94 -4.70
CA GLU H 46 -8.04 -51.42 -3.93
C GLU H 46 -7.06 -50.33 -3.58
N TYR H 47 -7.14 -49.18 -4.21
CA TYR H 47 -6.26 -48.08 -3.89
C TYR H 47 -6.98 -46.91 -3.28
N ASN H 48 -8.28 -47.02 -2.99
CA ASN H 48 -8.94 -45.95 -2.28
C ASN H 48 -8.57 -45.93 -0.82
N TYR H 49 -8.66 -47.07 -0.15
CA TYR H 49 -8.48 -47.12 1.29
C TYR H 49 -7.06 -46.75 1.68
N THR H 50 -6.06 -47.25 0.95
CA THR H 50 -4.69 -46.99 1.35
C THR H 50 -4.28 -45.58 0.99
N TYR H 51 -4.93 -44.95 0.02
CA TYR H 51 -4.63 -43.55 -0.23
C TYR H 51 -5.34 -42.67 0.79
N GLY H 52 -6.58 -42.98 1.12
CA GLY H 52 -7.32 -42.09 1.99
C GLY H 52 -6.86 -42.15 3.43
N ILE H 53 -6.74 -43.36 3.97
CA ILE H 53 -6.30 -43.53 5.34
C ILE H 53 -4.80 -43.30 5.45
N GLY H 54 -4.05 -43.61 4.41
CA GLY H 54 -2.63 -43.34 4.43
C GLY H 54 -2.33 -41.87 4.47
N LEU H 55 -3.23 -41.05 3.96
CA LEU H 55 -2.97 -39.63 4.03
C LEU H 55 -3.42 -39.07 5.38
N LEU H 56 -4.15 -39.85 6.15
CA LEU H 56 -4.47 -39.43 7.51
C LEU H 56 -3.33 -39.75 8.45
N ILE H 57 -2.62 -40.84 8.19
CA ILE H 57 -1.66 -41.40 9.12
C ILE H 57 -0.22 -41.00 8.79
N ILE H 58 0.23 -41.14 7.55
CA ILE H 58 1.63 -40.96 7.20
C ILE H 58 2.11 -39.50 7.27
N PRO H 59 1.33 -38.46 7.03
CA PRO H 59 1.84 -37.15 7.31
C PRO H 59 1.86 -36.77 8.79
N PRO H 60 1.13 -37.41 9.70
CA PRO H 60 1.51 -37.26 11.10
C PRO H 60 2.81 -37.90 11.49
N ILE H 61 3.16 -39.07 10.96
CA ILE H 61 4.43 -39.66 11.32
C ILE H 61 5.58 -38.85 10.74
N TRP H 62 5.34 -38.15 9.64
CA TRP H 62 6.36 -37.25 9.16
C TRP H 62 6.45 -36.01 10.01
N PHE H 63 5.33 -35.45 10.42
CA PHE H 63 5.38 -34.21 11.19
C PHE H 63 5.82 -34.48 12.62
N PHE H 64 5.80 -35.73 13.04
CA PHE H 64 6.31 -36.08 14.36
C PHE H 64 7.82 -36.24 14.33
N LEU H 65 8.36 -36.95 13.35
CA LEU H 65 9.81 -37.09 13.25
C LEU H 65 10.47 -35.80 12.81
N LEU H 66 9.71 -34.91 12.19
CA LEU H 66 10.21 -33.56 11.96
C LEU H 66 10.27 -32.79 13.27
N GLY H 67 9.45 -33.18 14.23
CA GLY H 67 9.48 -32.48 15.51
C GLY H 67 10.59 -32.97 16.40
N PHE H 68 11.21 -34.08 16.03
CA PHE H 68 12.42 -34.50 16.73
C PHE H 68 13.66 -33.92 16.08
N VAL H 69 13.71 -33.91 14.75
CA VAL H 69 14.88 -33.43 14.01
C VAL H 69 15.09 -31.93 14.24
N LEU H 70 14.02 -31.16 14.26
CA LEU H 70 14.23 -29.73 14.44
C LEU H 70 14.26 -29.34 15.92
N ASN H 71 14.37 -30.30 16.84
CA ASN H 71 14.53 -29.99 18.26
C ASN H 71 15.86 -30.53 18.76
N ASN H 72 16.85 -29.63 18.77
CA ASN H 72 18.26 -29.92 18.99
C ASN H 72 18.59 -30.55 20.35
N ASN H 73 17.67 -30.48 21.29
CA ASN H 73 17.87 -31.13 22.58
C ASN H 73 17.76 -32.65 22.49
N VAL H 74 17.37 -33.20 21.34
CA VAL H 74 17.46 -34.65 21.15
C VAL H 74 18.90 -35.04 20.81
N SER H 75 19.68 -34.10 20.25
CA SER H 75 21.09 -34.36 20.04
C SER H 75 21.82 -34.39 21.36
N VAL H 76 21.43 -33.52 22.29
CA VAL H 76 21.92 -33.60 23.66
C VAL H 76 21.47 -34.90 24.32
N LEU H 77 20.20 -35.26 24.11
CA LEU H 77 19.64 -36.50 24.68
C LEU H 77 20.33 -37.73 24.11
N ALA H 78 20.77 -37.63 22.85
CA ALA H 78 21.43 -38.75 22.18
C ALA H 78 22.76 -39.08 22.83
N GLU H 79 23.59 -38.07 23.06
CA GLU H 79 24.90 -38.33 23.62
C GLU H 79 24.85 -38.60 25.11
N GLU H 80 23.75 -38.27 25.79
CA GLU H 80 23.66 -38.66 27.20
C GLU H 80 23.27 -40.12 27.35
N TRP H 81 22.50 -40.67 26.43
CA TRP H 81 22.19 -42.09 26.51
C TRP H 81 23.33 -42.95 25.96
N LYS H 82 24.25 -42.33 25.20
CA LYS H 82 25.35 -43.09 24.62
C LYS H 82 26.39 -43.49 25.65
N ARG H 83 26.73 -42.62 26.60
CA ARG H 83 27.81 -42.91 27.54
C ARG H 83 27.35 -43.95 28.56
N PRO H 84 28.29 -44.67 29.17
CA PRO H 84 27.95 -45.49 30.34
C PRO H 84 27.66 -44.64 31.57
N THR H 85 27.18 -45.30 32.61
CA THR H 85 26.83 -44.60 33.84
C THR H 85 28.10 -44.20 34.59
N GLY H 86 27.97 -43.22 35.48
CA GLY H 86 29.12 -42.65 36.16
C GLY H 86 29.56 -41.36 35.51
N ARG H 87 29.50 -41.31 34.18
CA ARG H 87 29.78 -40.11 33.41
C ARG H 87 28.52 -39.30 33.13
N ARG H 88 27.35 -39.93 33.25
CA ARG H 88 26.08 -39.32 32.83
C ARG H 88 25.71 -38.16 33.73
N THR H 89 25.29 -37.07 33.11
CA THR H 89 25.10 -35.79 33.79
C THR H 89 23.70 -35.59 34.35
N LYS H 90 22.76 -36.45 34.03
CA LYS H 90 21.40 -36.35 34.54
C LYS H 90 21.04 -37.63 35.29
N ASP H 91 19.96 -37.57 36.03
CA ASP H 91 19.35 -38.80 36.51
C ASP H 91 18.55 -39.44 35.38
N PRO H 92 18.28 -40.79 35.43
CA PRO H 92 17.47 -41.39 34.37
C PRO H 92 16.02 -40.93 34.42
N SER H 93 15.59 -40.39 35.56
CA SER H 93 14.33 -39.68 35.66
C SER H 93 14.40 -38.24 35.16
N VAL H 94 15.59 -37.74 34.84
CA VAL H 94 15.72 -36.44 34.20
C VAL H 94 15.92 -36.59 32.68
N LEU H 95 16.56 -37.68 32.26
CA LEU H 95 16.57 -37.99 30.84
C LEU H 95 15.18 -38.38 30.36
N ARG H 96 14.39 -39.04 31.21
CA ARG H 96 13.02 -39.35 30.87
C ARG H 96 12.14 -38.10 30.84
N TYR H 97 12.53 -37.05 31.55
CA TYR H 97 11.74 -35.82 31.45
C TYR H 97 12.01 -35.12 30.14
N MET H 98 13.25 -35.17 29.65
CA MET H 98 13.57 -34.55 28.37
C MET H 98 12.83 -35.26 27.24
N LEU H 99 12.67 -36.57 27.37
CA LEU H 99 11.86 -37.35 26.45
C LEU H 99 10.41 -36.89 26.43
N CYS H 100 9.84 -36.65 27.61
CA CYS H 100 8.42 -36.33 27.67
C CYS H 100 8.13 -34.91 27.25
N SER H 101 9.05 -33.98 27.48
CA SER H 101 8.76 -32.61 27.04
C SER H 101 9.01 -32.45 25.55
N ILE H 102 9.94 -33.21 24.97
CA ILE H 102 10.18 -33.11 23.54
C ILE H 102 9.10 -33.86 22.78
N THR H 103 8.47 -34.85 23.43
CA THR H 103 7.35 -35.54 22.80
C THR H 103 6.12 -34.65 22.79
N GLN H 104 5.67 -34.19 23.96
CA GLN H 104 4.40 -33.46 24.00
C GLN H 104 4.54 -32.04 23.50
N ARG H 105 5.72 -31.64 23.06
CA ARG H 105 5.79 -30.45 22.23
C ARG H 105 5.53 -30.81 20.79
N SER H 106 6.14 -31.91 20.33
CA SER H 106 6.12 -32.27 18.91
C SER H 106 4.83 -32.92 18.47
N LEU H 107 3.86 -33.11 19.35
CA LEU H 107 2.55 -33.65 19.01
C LEU H 107 1.53 -32.58 18.71
N ILE H 108 1.94 -31.41 18.24
CA ILE H 108 0.94 -30.39 17.88
C ILE H 108 0.78 -30.33 16.38
N ALA H 109 1.86 -30.42 15.63
CA ALA H 109 1.72 -30.47 14.19
C ALA H 109 1.14 -31.76 13.64
N PRO H 110 1.30 -32.94 14.26
CA PRO H 110 0.41 -34.05 13.91
C PRO H 110 -1.04 -33.74 14.15
N ALA H 111 -1.39 -33.26 15.33
CA ALA H 111 -2.79 -33.17 15.69
C ALA H 111 -3.46 -31.97 15.06
N VAL H 112 -2.71 -31.04 14.49
CA VAL H 112 -3.34 -30.06 13.63
C VAL H 112 -3.59 -30.64 12.25
N TRP H 113 -2.74 -31.56 11.78
CA TRP H 113 -3.02 -32.20 10.50
C TRP H 113 -4.21 -33.14 10.61
N VAL H 114 -4.30 -33.93 11.68
CA VAL H 114 -5.39 -34.89 11.77
C VAL H 114 -6.70 -34.18 12.03
N SER H 115 -6.66 -33.00 12.63
CA SER H 115 -7.94 -32.31 12.84
C SER H 115 -8.37 -31.57 11.60
N VAL H 116 -7.44 -30.97 10.86
CA VAL H 116 -7.77 -30.26 9.63
C VAL H 116 -8.20 -31.24 8.55
N THR H 117 -7.60 -32.42 8.50
CA THR H 117 -8.02 -33.43 7.55
C THR H 117 -9.39 -33.99 7.90
N LEU H 118 -9.73 -34.04 9.17
CA LEU H 118 -11.00 -34.62 9.51
C LEU H 118 -12.12 -33.60 9.39
N MET H 119 -11.86 -32.31 9.61
CA MET H 119 -12.91 -31.34 9.37
C MET H 119 -13.18 -31.16 7.90
N ASP H 120 -12.21 -31.40 7.05
CA ASP H 120 -12.40 -31.19 5.63
C ASP H 120 -13.08 -32.38 4.99
N GLY H 121 -12.91 -33.55 5.56
CA GLY H 121 -13.66 -34.70 5.16
C GLY H 121 -13.29 -35.29 3.82
N LYS H 122 -12.19 -34.86 3.22
CA LYS H 122 -11.81 -35.41 1.93
C LYS H 122 -11.21 -36.78 2.08
N SER H 123 -10.58 -37.06 3.22
CA SER H 123 -9.93 -38.33 3.39
C SER H 123 -10.88 -39.41 3.87
N PHE H 124 -11.91 -39.07 4.64
CA PHE H 124 -12.93 -40.09 4.90
C PHE H 124 -13.75 -40.37 3.68
N LEU H 125 -13.89 -39.40 2.80
CA LEU H 125 -14.69 -39.61 1.60
C LEU H 125 -13.96 -40.53 0.62
N CYS H 126 -12.65 -40.38 0.50
CA CYS H 126 -11.88 -41.27 -0.35
C CYS H 126 -11.84 -42.67 0.24
N ALA H 127 -11.65 -42.77 1.54
CA ALA H 127 -11.35 -44.06 2.13
C ALA H 127 -12.57 -44.91 2.30
N PHE H 128 -13.71 -44.30 2.59
CA PHE H 128 -14.88 -45.03 3.08
C PHE H 128 -16.05 -45.00 2.12
N SER H 129 -15.86 -44.53 0.89
CA SER H 129 -16.99 -44.50 -0.02
C SER H 129 -17.16 -45.76 -0.82
N ILE H 130 -16.40 -46.82 -0.55
CA ILE H 130 -16.72 -48.12 -1.09
C ILE H 130 -17.52 -48.94 -0.10
N ASN H 131 -17.81 -48.35 1.07
CA ASN H 131 -18.48 -49.02 2.17
C ASN H 131 -19.92 -48.55 2.31
N LEU H 132 -20.36 -47.64 1.46
CA LEU H 132 -21.65 -47.00 1.57
C LEU H 132 -22.77 -47.97 1.23
N ASP H 133 -23.96 -47.60 1.65
CA ASP H 133 -25.19 -48.24 1.20
C ASP H 133 -25.84 -47.23 0.26
N ILE H 134 -25.81 -47.52 -1.04
CA ILE H 134 -26.21 -46.52 -2.01
C ILE H 134 -27.73 -46.43 -2.10
N GLU H 135 -28.44 -47.34 -1.43
CA GLU H 135 -29.88 -47.25 -1.38
C GLU H 135 -30.35 -46.05 -0.58
N LYS H 136 -29.56 -45.60 0.40
CA LYS H 136 -30.02 -44.59 1.34
C LYS H 136 -30.04 -43.19 0.76
N PHE H 137 -29.40 -42.93 -0.37
CA PHE H 137 -29.27 -41.57 -0.86
C PHE H 137 -30.01 -41.30 -2.16
N GLY H 138 -30.36 -42.31 -2.93
CA GLY H 138 -31.02 -42.05 -4.18
C GLY H 138 -31.47 -43.26 -4.98
N ASN H 139 -31.23 -43.20 -6.29
CA ASN H 139 -31.70 -44.19 -7.24
C ASN H 139 -31.10 -45.57 -6.99
N ALA H 140 -31.95 -46.51 -6.55
CA ALA H 140 -31.48 -47.87 -6.32
C ALA H 140 -31.22 -48.60 -7.64
N SER H 141 -31.82 -48.13 -8.74
CA SER H 141 -31.62 -48.74 -10.04
C SER H 141 -30.34 -48.29 -10.72
N LEU H 142 -29.51 -47.50 -10.05
CA LEU H 142 -28.15 -47.27 -10.55
C LEU H 142 -27.33 -48.55 -10.51
N VAL H 143 -27.51 -49.35 -9.47
CA VAL H 143 -26.65 -50.49 -9.22
C VAL H 143 -27.33 -51.83 -9.45
N ILE H 144 -28.64 -51.87 -9.68
CA ILE H 144 -29.25 -53.15 -9.99
C ILE H 144 -28.98 -53.45 -11.46
N GLY H 145 -28.14 -54.45 -11.71
CA GLY H 145 -27.67 -54.75 -13.04
C GLY H 145 -26.17 -54.76 -13.19
N MET H 146 -25.41 -54.54 -12.12
CA MET H 146 -23.97 -54.69 -12.19
C MET H 146 -23.47 -55.71 -11.16
N THR H 147 -22.36 -56.36 -11.49
CA THR H 147 -21.73 -57.35 -10.66
C THR H 147 -21.06 -56.64 -9.48
N GLU H 148 -20.63 -57.41 -8.47
CA GLU H 148 -20.03 -56.82 -7.29
C GLU H 148 -18.69 -56.18 -7.58
N THR H 149 -17.99 -56.63 -8.63
CA THR H 149 -16.81 -55.88 -9.05
C THR H 149 -17.21 -54.54 -9.63
N GLU H 150 -18.27 -54.51 -10.44
CA GLU H 150 -18.68 -53.24 -11.01
C GLU H 150 -19.44 -52.41 -10.00
N LYS H 151 -19.98 -53.06 -8.96
CA LYS H 151 -20.61 -52.34 -7.86
C LYS H 151 -19.59 -51.49 -7.12
N LEU H 152 -18.44 -52.08 -6.79
CA LEU H 152 -17.39 -51.34 -6.13
C LEU H 152 -16.82 -50.27 -7.04
N LYS H 153 -16.70 -50.56 -8.34
CA LYS H 153 -16.13 -49.57 -9.25
C LYS H 153 -17.07 -48.42 -9.49
N PHE H 154 -18.37 -48.64 -9.28
CA PHE H 154 -19.32 -47.53 -9.33
C PHE H 154 -19.20 -46.67 -8.09
N LEU H 155 -19.09 -47.32 -6.93
CA LEU H 155 -19.11 -46.60 -5.66
C LEU H 155 -17.81 -45.87 -5.44
N ALA H 156 -16.71 -46.43 -5.92
CA ALA H 156 -15.39 -45.89 -5.62
C ALA H 156 -15.12 -44.57 -6.29
N ARG H 157 -15.86 -44.21 -7.33
CA ARG H 157 -15.64 -42.97 -8.04
C ARG H 157 -16.42 -41.82 -7.43
N ILE H 158 -17.14 -42.05 -6.32
CA ILE H 158 -17.84 -40.95 -5.62
C ILE H 158 -16.94 -39.79 -5.18
N PRO H 159 -15.72 -39.99 -4.65
CA PRO H 159 -14.88 -38.82 -4.37
C PRO H 159 -14.46 -38.07 -5.60
N CYS H 160 -14.28 -38.80 -6.70
CA CYS H 160 -13.73 -38.29 -7.93
C CYS H 160 -14.83 -37.51 -8.64
N LYS H 161 -14.75 -36.19 -8.50
CA LYS H 161 -15.85 -35.29 -8.85
C LYS H 161 -16.20 -35.31 -10.33
N ASP H 162 -15.19 -35.44 -11.19
CA ASP H 162 -15.34 -35.43 -12.63
C ASP H 162 -15.36 -36.82 -13.25
N LEU H 163 -15.59 -37.86 -12.49
CA LEU H 163 -15.78 -39.20 -13.02
C LEU H 163 -17.12 -39.79 -12.66
N PHE H 164 -17.90 -39.08 -11.85
CA PHE H 164 -19.20 -39.57 -11.43
C PHE H 164 -20.29 -38.76 -12.11
N GLU H 165 -21.24 -39.45 -12.72
CA GLU H 165 -22.23 -38.84 -13.57
C GLU H 165 -23.46 -38.37 -12.82
N ASP H 166 -23.84 -39.07 -11.75
CA ASP H 166 -24.99 -38.68 -10.93
C ASP H 166 -24.51 -37.56 -10.03
N ASN H 167 -25.30 -36.51 -9.94
CA ASN H 167 -24.92 -35.44 -9.04
C ASN H 167 -25.82 -35.38 -7.81
N GLU H 168 -26.90 -36.15 -7.79
CA GLU H 168 -27.73 -36.16 -6.59
C GLU H 168 -27.22 -37.16 -5.57
N VAL H 169 -26.77 -38.33 -6.02
CA VAL H 169 -26.27 -39.31 -5.06
C VAL H 169 -24.81 -39.04 -4.79
N ARG H 170 -24.17 -38.21 -5.59
CA ARG H 170 -22.85 -37.75 -5.21
C ARG H 170 -22.95 -36.71 -4.13
N VAL H 171 -23.86 -35.76 -4.27
CA VAL H 171 -23.95 -34.70 -3.28
C VAL H 171 -24.50 -35.24 -1.97
N ALA H 172 -25.38 -36.22 -2.04
CA ALA H 172 -25.93 -36.79 -0.81
C ALA H 172 -24.92 -37.66 -0.08
N ALA H 173 -23.98 -38.27 -0.79
CA ALA H 173 -23.02 -39.13 -0.12
C ALA H 173 -21.79 -38.38 0.32
N THR H 174 -21.36 -37.37 -0.40
CA THR H 174 -20.24 -36.60 0.12
C THR H 174 -20.67 -35.68 1.23
N ARG H 175 -21.96 -35.51 1.45
CA ARG H 175 -22.43 -34.73 2.58
C ARG H 175 -22.56 -35.58 3.82
N TYR H 176 -22.89 -36.85 3.64
CA TYR H 176 -23.01 -37.78 4.75
C TYR H 176 -21.65 -38.14 5.31
N ILE H 177 -20.63 -38.29 4.47
CA ILE H 177 -19.33 -38.66 4.98
C ILE H 177 -18.52 -37.43 5.35
N LYS H 178 -18.86 -36.26 4.84
CA LYS H 178 -18.24 -35.09 5.41
C LYS H 178 -18.83 -34.77 6.78
N CYS H 179 -20.08 -35.17 7.04
CA CYS H 179 -20.64 -35.05 8.38
C CYS H 179 -19.95 -35.96 9.37
N ILE H 180 -19.88 -37.27 9.06
CA ILE H 180 -19.29 -38.23 9.99
C ILE H 180 -17.81 -37.97 10.17
N SER H 181 -17.17 -37.38 9.17
CA SER H 181 -15.79 -36.95 9.35
C SER H 181 -15.68 -35.75 10.25
N GLN H 182 -16.70 -34.89 10.29
CA GLN H 182 -16.63 -33.76 11.20
C GLN H 182 -17.05 -34.16 12.60
N ALA H 183 -17.85 -35.21 12.73
CA ALA H 183 -18.13 -35.74 14.05
C ALA H 183 -16.90 -36.39 14.64
N CYS H 184 -16.11 -37.09 13.83
CA CYS H 184 -14.87 -37.67 14.33
C CYS H 184 -13.79 -36.63 14.47
N GLY H 185 -13.94 -35.50 13.82
CA GLY H 185 -12.97 -34.44 13.99
C GLY H 185 -13.18 -33.66 15.27
N TRP H 186 -14.42 -33.61 15.76
CA TRP H 186 -14.67 -32.93 17.03
C TRP H 186 -14.46 -33.86 18.20
N MET H 187 -14.77 -35.14 18.06
CA MET H 187 -14.45 -36.06 19.14
C MET H 187 -12.96 -36.35 19.21
N PHE H 188 -12.20 -36.02 18.18
CA PHE H 188 -10.75 -36.09 18.29
C PHE H 188 -10.21 -34.88 19.01
N LEU H 189 -10.71 -33.69 18.70
CA LEU H 189 -10.25 -32.49 19.38
C LEU H 189 -10.68 -32.47 20.83
N LEU H 190 -11.71 -33.25 21.17
CA LEU H 190 -12.17 -33.30 22.54
C LEU H 190 -11.40 -34.35 23.32
N MET H 191 -10.87 -35.36 22.66
CA MET H 191 -10.06 -36.32 23.41
C MET H 191 -8.59 -35.93 23.38
N MET H 192 -8.19 -35.06 22.48
CA MET H 192 -6.86 -34.48 22.57
C MET H 192 -6.80 -33.38 23.62
N THR H 193 -7.83 -32.54 23.71
CA THR H 193 -7.81 -31.47 24.70
C THR H 193 -8.07 -32.02 26.10
N PHE H 194 -8.88 -33.05 26.24
CA PHE H 194 -9.06 -33.63 27.56
C PHE H 194 -7.84 -34.43 27.98
N THR H 195 -7.03 -34.88 27.05
CA THR H 195 -5.75 -35.48 27.45
C THR H 195 -4.76 -34.43 27.90
N ALA H 196 -4.61 -33.33 27.14
CA ALA H 196 -3.65 -32.30 27.52
C ALA H 196 -4.09 -31.54 28.77
N PHE H 197 -5.38 -31.59 29.09
CA PHE H 197 -5.83 -31.04 30.36
C PHE H 197 -5.51 -31.99 31.51
N LEU H 198 -5.42 -33.28 31.22
CA LEU H 198 -5.03 -34.21 32.28
C LEU H 198 -3.55 -34.13 32.56
N ILE H 199 -2.74 -33.68 31.60
CA ILE H 199 -1.31 -33.56 31.91
C ILE H 199 -0.95 -32.17 32.44
N ARG H 200 -1.82 -31.16 32.30
CA ARG H 200 -1.65 -29.94 33.11
C ARG H 200 -2.20 -30.13 34.51
N ALA H 201 -2.78 -31.28 34.82
CA ALA H 201 -3.19 -31.55 36.19
C ALA H 201 -2.36 -32.64 36.85
N ILE H 202 -1.51 -33.35 36.09
CA ILE H 202 -0.70 -34.43 36.68
C ILE H 202 0.80 -34.20 36.54
N ARG H 203 1.27 -33.91 35.32
CA ARG H 203 2.71 -33.91 34.96
C ARG H 203 3.63 -32.94 35.72
N PRO H 204 3.16 -31.78 36.26
CA PRO H 204 4.01 -31.05 37.22
C PRO H 204 4.46 -31.84 38.45
N CYS H 205 3.68 -32.84 38.89
CA CYS H 205 4.15 -33.77 39.92
C CYS H 205 5.06 -34.86 39.37
N PHE H 206 5.11 -35.02 38.05
CA PHE H 206 6.05 -35.95 37.44
C PHE H 206 7.42 -35.31 37.29
N THR H 207 7.45 -34.01 37.00
CA THR H 207 8.72 -33.30 36.86
C THR H 207 9.40 -33.12 38.22
N GLN H 208 8.62 -32.68 39.23
CA GLN H 208 9.04 -32.53 40.63
C GLN H 208 10.23 -31.60 40.79
N ALA H 209 10.18 -30.45 40.11
CA ALA H 209 11.20 -29.39 40.17
C ALA H 209 12.58 -29.89 39.76
N SER H 210 12.62 -30.81 38.79
CA SER H 210 13.87 -31.22 38.18
C SER H 210 14.22 -30.41 36.95
N TYR H 211 13.32 -29.50 36.55
CA TYR H 211 13.56 -28.69 35.37
C TYR H 211 14.65 -27.66 35.64
N ARG H 212 14.92 -27.38 36.92
CA ARG H 212 15.96 -26.43 37.28
C ARG H 212 17.34 -27.02 37.01
N GLN H 213 17.53 -28.31 37.28
CA GLN H 213 18.78 -28.96 36.92
C GLN H 213 18.88 -29.13 35.40
N GLU H 214 17.74 -29.23 34.73
CA GLU H 214 17.75 -29.17 33.27
C GLU H 214 18.11 -27.78 32.78
N ALA H 215 17.58 -26.74 33.44
CA ALA H 215 17.86 -25.37 33.00
C ALA H 215 19.25 -24.93 33.41
N TYR H 216 19.80 -25.54 34.46
CA TYR H 216 21.20 -25.27 34.81
C TYR H 216 22.14 -25.92 33.81
N TRP H 217 21.82 -27.14 33.37
CA TRP H 217 22.62 -27.78 32.33
C TRP H 217 22.40 -27.11 30.98
N ALA H 218 21.22 -26.51 30.77
CA ALA H 218 20.98 -25.75 29.56
C ALA H 218 21.84 -24.50 29.52
N GLN H 219 21.94 -23.79 30.64
CA GLN H 219 22.78 -22.59 30.70
C GLN H 219 24.25 -22.96 30.72
N TYR H 220 24.59 -24.14 31.27
CA TYR H 220 25.99 -24.58 31.31
C TYR H 220 26.50 -24.90 29.92
N ARG H 221 25.63 -25.48 29.08
CA ARG H 221 26.04 -25.77 27.72
C ARG H 221 26.17 -24.49 26.91
N ALA H 222 25.25 -23.55 27.09
CA ALA H 222 25.19 -22.38 26.21
C ALA H 222 26.36 -21.44 26.45
N ASN H 223 26.72 -21.21 27.72
CA ASN H 223 27.85 -20.33 28.00
C ASN H 223 29.17 -21.02 27.75
N GLU H 224 29.21 -22.36 27.79
CA GLU H 224 30.47 -23.05 27.50
C GLU H 224 30.83 -22.93 26.02
N ASP H 225 29.82 -22.88 25.15
CA ASP H 225 30.10 -22.65 23.74
C ASP H 225 30.46 -21.19 23.49
N GLN H 226 29.84 -20.27 24.22
CA GLN H 226 30.16 -18.86 24.04
C GLN H 226 31.52 -18.51 24.61
N LEU H 227 31.91 -19.14 25.72
CA LEU H 227 33.26 -18.95 26.25
C LEU H 227 34.29 -19.62 25.35
N PHE H 228 33.91 -20.71 24.69
CA PHE H 228 34.75 -21.27 23.64
C PHE H 228 34.86 -20.32 22.44
N GLN H 229 33.85 -19.49 22.21
CA GLN H 229 33.93 -18.53 21.11
C GLN H 229 34.96 -17.46 21.40
N ARG H 230 34.89 -16.85 22.58
CA ARG H 230 35.80 -15.74 22.91
C ARG H 230 37.24 -16.22 23.08
N THR H 231 37.41 -17.43 23.62
CA THR H 231 38.76 -17.96 23.83
C THR H 231 39.40 -18.38 22.52
N ALA H 232 38.64 -19.01 21.61
CA ALA H 232 39.22 -19.39 20.34
C ALA H 232 39.46 -18.18 19.45
N GLU H 233 38.61 -17.15 19.57
CA GLU H 233 38.82 -15.93 18.81
C GLU H 233 40.04 -15.17 19.32
N VAL H 234 40.30 -15.24 20.63
CA VAL H 234 41.51 -14.64 21.18
C VAL H 234 42.72 -15.47 20.81
N HIS H 235 42.57 -16.81 20.76
CA HIS H 235 43.63 -17.67 20.27
C HIS H 235 43.84 -17.44 18.77
N SER H 236 42.78 -17.11 18.05
CA SER H 236 42.89 -16.69 16.67
C SER H 236 43.62 -15.37 16.53
N ARG H 237 43.44 -14.44 17.47
CA ARG H 237 44.15 -13.17 17.42
C ARG H 237 45.65 -13.38 17.57
N VAL H 238 46.07 -14.36 18.36
CA VAL H 238 47.48 -14.64 18.56
C VAL H 238 48.10 -15.19 17.27
N LEU H 239 47.43 -16.15 16.64
CA LEU H 239 47.99 -16.76 15.45
C LEU H 239 47.91 -15.83 14.23
N ALA H 240 46.91 -14.94 14.21
CA ALA H 240 46.75 -14.06 13.06
C ALA H 240 47.80 -12.96 13.04
N ALA H 241 48.23 -12.51 14.23
CA ALA H 241 49.25 -11.47 14.29
C ALA H 241 50.61 -12.00 13.85
N ASN H 242 50.94 -13.24 14.24
CA ASN H 242 52.19 -13.85 13.78
C ASN H 242 52.14 -14.14 12.28
N ASN H 243 50.96 -14.48 11.77
CA ASN H 243 50.84 -14.81 10.35
C ASN H 243 50.86 -13.56 9.48
N VAL H 244 50.38 -12.43 10.01
CA VAL H 244 50.35 -11.20 9.23
C VAL H 244 51.75 -10.60 9.14
N ARG H 245 52.55 -10.74 10.20
CA ARG H 245 53.93 -10.26 10.17
C ARG H 245 54.76 -11.07 9.19
N ARG H 246 54.45 -12.36 9.06
CA ARG H 246 55.09 -13.17 8.03
C ARG H 246 54.48 -12.93 6.66
N PHE H 247 53.30 -12.28 6.60
CA PHE H 247 52.59 -12.15 5.33
C PHE H 247 53.22 -11.14 4.37
N PHE H 248 53.22 -9.85 4.70
CA PHE H 248 53.81 -8.87 3.81
C PHE H 248 55.09 -8.31 4.43
N GLY H 249 55.27 -8.53 5.73
CA GLY H 249 56.34 -7.92 6.49
C GLY H 249 55.80 -6.90 7.47
N PHE H 250 54.60 -7.13 8.01
CA PHE H 250 53.96 -6.14 8.87
C PHE H 250 52.95 -6.77 9.81
N VAL H 251 53.05 -6.45 11.11
CA VAL H 251 52.07 -6.85 12.11
C VAL H 251 51.31 -5.62 12.54
N ALA H 252 49.98 -5.68 12.49
CA ALA H 252 49.15 -4.51 12.72
C ALA H 252 47.89 -4.88 13.47
N LEU H 253 47.55 -4.05 14.46
CA LEU H 253 46.40 -4.28 15.33
C LEU H 253 45.72 -2.97 15.70
N ASN H 254 44.44 -2.89 15.35
CA ASN H 254 43.51 -1.86 15.78
C ASN H 254 43.00 -2.22 17.17
N LYS H 255 41.81 -1.72 17.53
CA LYS H 255 41.14 -2.12 18.78
C LYS H 255 40.74 -3.60 18.87
N ASP H 256 41.07 -4.41 17.86
CA ASP H 256 41.19 -5.85 17.99
C ASP H 256 42.37 -6.28 18.86
N ASP H 257 43.27 -5.37 19.22
CA ASP H 257 44.28 -5.62 20.24
C ASP H 257 43.74 -5.52 21.66
N GLU H 258 42.52 -5.03 21.83
CA GLU H 258 41.94 -4.86 23.16
C GLU H 258 41.63 -6.18 23.85
N GLU H 259 41.40 -7.24 23.08
CA GLU H 259 41.34 -8.57 23.65
C GLU H 259 42.71 -9.23 23.68
N LEU H 260 43.66 -8.72 22.90
CA LEU H 260 45.00 -9.26 22.87
C LEU H 260 45.80 -8.87 24.11
N GLY I 21 -5.76 -9.94 25.71
CA GLY I 21 -5.34 -11.03 26.57
C GLY I 21 -5.52 -12.38 25.91
N ILE I 22 -5.57 -13.44 26.72
CA ILE I 22 -5.85 -14.75 26.15
C ILE I 22 -7.33 -14.89 25.83
N CYS I 23 -8.20 -14.14 26.52
CA CYS I 23 -9.62 -14.28 26.26
C CYS I 23 -10.07 -13.31 25.20
N GLY I 24 -9.25 -12.33 24.88
CA GLY I 24 -9.49 -11.55 23.69
C GLY I 24 -9.17 -12.34 22.44
N ILE I 25 -8.14 -13.18 22.48
CA ILE I 25 -7.79 -13.93 21.29
C ILE I 25 -8.67 -15.17 21.16
N MET I 26 -9.17 -15.71 22.27
CA MET I 26 -10.08 -16.84 22.16
C MET I 26 -11.48 -16.40 21.75
N ALA I 27 -11.89 -15.19 22.11
CA ALA I 27 -13.15 -14.71 21.57
C ALA I 27 -13.04 -14.43 20.10
N LEU I 28 -11.87 -13.99 19.65
CA LEU I 28 -11.69 -13.75 18.22
C LEU I 28 -11.52 -15.05 17.46
N ALA I 29 -10.91 -16.06 18.08
CA ALA I 29 -10.72 -17.32 17.39
C ALA I 29 -12.00 -18.14 17.32
N SER I 30 -12.90 -17.97 18.29
CA SER I 30 -14.16 -18.69 18.26
C SER I 30 -15.07 -18.16 17.17
N ALA I 31 -15.08 -16.85 16.97
CA ALA I 31 -15.83 -16.29 15.86
C ALA I 31 -15.15 -16.59 14.54
N GLN I 32 -13.82 -16.81 14.56
CA GLN I 32 -13.11 -17.06 13.31
C GLN I 32 -13.17 -18.52 12.91
N MET I 33 -13.25 -19.44 13.86
CA MET I 33 -13.49 -20.82 13.47
C MET I 33 -14.89 -21.02 12.94
N TYR I 34 -15.85 -20.21 13.37
CA TYR I 34 -17.19 -20.35 12.82
C TYR I 34 -17.21 -19.88 11.37
N SER I 35 -16.45 -18.84 11.05
CA SER I 35 -16.46 -18.35 9.69
C SER I 35 -15.74 -19.30 8.74
N SER I 36 -14.72 -20.00 9.21
CA SER I 36 -14.00 -20.88 8.32
C SER I 36 -14.46 -22.32 8.39
N PHE I 37 -15.31 -22.67 9.35
CA PHE I 37 -16.00 -23.95 9.34
C PHE I 37 -16.99 -23.95 8.19
N GLU I 38 -17.05 -25.03 7.45
CA GLU I 38 -18.05 -25.12 6.40
C GLU I 38 -19.11 -26.09 6.89
N PHE I 39 -20.30 -25.56 7.12
CA PHE I 39 -21.38 -26.33 7.69
C PHE I 39 -21.85 -27.34 6.68
N SER I 40 -21.85 -28.60 7.05
CA SER I 40 -22.16 -29.65 6.11
C SER I 40 -23.22 -30.58 6.64
N CYS I 41 -24.37 -30.04 6.98
CA CYS I 41 -25.54 -30.70 7.54
C CYS I 41 -25.95 -31.89 6.71
N PRO I 42 -26.03 -33.10 7.26
CA PRO I 42 -26.57 -34.23 6.50
C PRO I 42 -28.04 -34.02 6.29
N CYS I 43 -28.66 -34.79 5.42
CA CYS I 43 -30.06 -34.55 5.19
C CYS I 43 -30.88 -35.75 5.60
N MET I 44 -30.50 -36.39 6.59
CA MET I 44 -31.20 -37.56 7.02
C MET I 44 -31.83 -37.29 8.37
N PRO I 45 -32.97 -37.90 8.68
CA PRO I 45 -33.64 -37.56 9.93
C PRO I 45 -32.97 -38.08 11.19
N GLU I 46 -32.26 -39.19 11.14
CA GLU I 46 -31.61 -39.65 12.36
C GLU I 46 -30.27 -39.01 12.60
N TYR I 47 -29.70 -38.35 11.62
CA TYR I 47 -28.45 -37.66 11.79
C TYR I 47 -28.57 -36.17 11.66
N ASN I 48 -29.77 -35.63 11.52
CA ASN I 48 -29.92 -34.18 11.54
C ASN I 48 -29.76 -33.62 12.93
N TYR I 49 -30.48 -34.18 13.90
CA TYR I 49 -30.52 -33.62 15.23
C TYR I 49 -29.17 -33.67 15.91
N THR I 50 -28.47 -34.79 15.78
CA THR I 50 -27.20 -34.93 16.48
C THR I 50 -26.11 -34.13 15.81
N TYR I 51 -26.25 -33.84 14.52
CA TYR I 51 -25.28 -32.95 13.90
C TYR I 51 -25.58 -31.51 14.23
N GLY I 52 -26.84 -31.13 14.23
CA GLY I 52 -27.16 -29.72 14.43
C GLY I 52 -26.97 -29.28 15.85
N ILE I 53 -27.53 -30.02 16.80
CA ILE I 53 -27.39 -29.68 18.20
C ILE I 53 -26.00 -30.02 18.71
N GLY I 54 -25.38 -31.05 18.16
CA GLY I 54 -24.02 -31.37 18.55
C GLY I 54 -23.04 -30.29 18.15
N LEU I 55 -23.37 -29.54 17.12
CA LEU I 55 -22.45 -28.47 16.76
C LEU I 55 -22.73 -27.22 17.58
N LEU I 56 -23.84 -27.20 18.30
CA LEU I 56 -24.08 -26.10 19.23
C LEU I 56 -23.36 -26.35 20.53
N ILE I 57 -23.26 -27.61 20.94
CA ILE I 57 -22.82 -27.99 22.27
C ILE I 57 -21.34 -28.38 22.31
N ILE I 58 -20.87 -29.24 21.43
CA ILE I 58 -19.51 -29.80 21.51
C ILE I 58 -18.40 -28.80 21.21
N PRO I 59 -18.54 -27.78 20.38
CA PRO I 59 -17.49 -26.80 20.31
C PRO I 59 -17.48 -25.81 21.48
N PRO I 60 -18.53 -25.61 22.26
CA PRO I 60 -18.30 -24.98 23.56
C PRO I 60 -17.54 -25.80 24.56
N ILE I 61 -17.75 -27.11 24.62
CA ILE I 61 -16.98 -27.91 25.58
C ILE I 61 -15.52 -27.97 25.15
N TRP I 62 -15.25 -27.85 23.86
CA TRP I 62 -13.86 -27.75 23.45
C TRP I 62 -13.29 -26.40 23.77
N PHE I 63 -14.03 -25.32 23.57
CA PHE I 63 -13.48 -24.00 23.81
C PHE I 63 -13.41 -23.71 25.31
N PHE I 64 -14.08 -24.50 26.11
CA PHE I 64 -13.98 -24.35 27.56
C PHE I 64 -12.75 -25.07 28.08
N LEU I 65 -12.51 -26.30 27.66
CA LEU I 65 -11.32 -27.02 28.11
C LEU I 65 -10.06 -26.44 27.47
N LEU I 66 -10.21 -25.74 26.36
CA LEU I 66 -9.09 -24.96 25.84
C LEU I 66 -8.82 -23.75 26.72
N GLY I 67 -9.84 -23.30 27.44
CA GLY I 67 -9.63 -22.16 28.31
C GLY I 67 -9.02 -22.55 29.64
N PHE I 68 -8.98 -23.85 29.92
CA PHE I 68 -8.22 -24.33 31.06
C PHE I 68 -6.78 -24.64 30.70
N VAL I 69 -6.58 -25.27 29.54
CA VAL I 69 -5.25 -25.68 29.12
C VAL I 69 -4.36 -24.47 28.85
N LEU I 70 -4.90 -23.43 28.24
CA LEU I 70 -4.05 -22.29 27.96
C LEU I 70 -4.01 -21.30 29.12
N ASN I 71 -4.50 -21.67 30.30
CA ASN I 71 -4.39 -20.81 31.48
C ASN I 71 -3.57 -21.52 32.55
N ASN I 72 -2.27 -21.19 32.56
CA ASN I 72 -1.22 -21.86 33.33
C ASN I 72 -1.41 -21.84 34.84
N ASN I 73 -2.30 -20.98 35.34
CA ASN I 73 -2.60 -20.97 36.76
C ASN I 73 -3.43 -22.18 37.20
N VAL I 74 -3.90 -23.01 36.27
CA VAL I 74 -4.50 -24.29 36.65
C VAL I 74 -3.41 -25.31 36.96
N SER I 75 -2.21 -25.13 36.39
CA SER I 75 -1.09 -25.97 36.76
C SER I 75 -0.63 -25.65 38.17
N VAL I 76 -0.66 -24.37 38.54
CA VAL I 76 -0.44 -23.98 39.92
C VAL I 76 -1.55 -24.53 40.82
N LEU I 77 -2.81 -24.43 40.36
CA LEU I 77 -3.96 -24.93 41.11
C LEU I 77 -3.89 -26.44 41.27
N ALA I 78 -3.30 -27.12 40.28
CA ALA I 78 -3.22 -28.58 40.32
C ALA I 78 -2.31 -29.05 41.44
N GLU I 79 -1.12 -28.45 41.55
CA GLU I 79 -0.18 -28.90 42.56
C GLU I 79 -0.54 -28.39 43.95
N GLU I 80 -1.42 -27.39 44.07
CA GLU I 80 -1.85 -27.01 45.40
C GLU I 80 -2.93 -27.94 45.94
N TRP I 81 -3.75 -28.52 45.07
CA TRP I 81 -4.73 -29.49 45.56
C TRP I 81 -4.09 -30.87 45.74
N LYS I 82 -2.90 -31.08 45.17
CA LYS I 82 -2.25 -32.38 45.29
C LYS I 82 -1.67 -32.62 46.68
N ARG I 83 -1.07 -31.60 47.31
CA ARG I 83 -0.40 -31.80 48.59
C ARG I 83 -1.43 -31.98 49.70
N PRO I 84 -1.04 -32.63 50.81
CA PRO I 84 -1.89 -32.60 52.01
C PRO I 84 -1.87 -31.23 52.68
N THR I 85 -2.74 -31.08 53.67
CA THR I 85 -2.85 -29.82 54.38
C THR I 85 -1.65 -29.63 55.31
N GLY I 86 -1.39 -28.39 55.69
CA GLY I 86 -0.21 -28.05 56.46
C GLY I 86 0.89 -27.50 55.57
N ARG I 87 1.02 -28.07 54.38
CA ARG I 87 1.94 -27.57 53.37
C ARG I 87 1.29 -26.58 52.41
N ARG I 88 -0.05 -26.58 52.36
CA ARG I 88 -0.79 -25.81 51.36
C ARG I 88 -0.65 -24.32 51.61
N THR I 89 -0.41 -23.57 50.53
CA THR I 89 -0.03 -22.18 50.61
C THR I 89 -1.20 -21.21 50.56
N LYS I 90 -2.40 -21.68 50.28
CA LYS I 90 -3.60 -20.84 50.24
C LYS I 90 -4.62 -21.37 51.24
N ASP I 91 -5.62 -20.56 51.52
CA ASP I 91 -6.80 -21.09 52.18
C ASP I 91 -7.67 -21.83 51.16
N PRO I 92 -8.56 -22.76 51.59
CA PRO I 92 -9.43 -23.43 50.62
C PRO I 92 -10.47 -22.48 50.02
N SER I 93 -10.71 -21.35 50.67
CA SER I 93 -11.47 -20.25 50.09
C SER I 93 -10.63 -19.38 49.17
N VAL I 94 -9.32 -19.59 49.10
CA VAL I 94 -8.49 -18.91 48.11
C VAL I 94 -8.21 -19.81 46.91
N LEU I 95 -8.14 -21.12 47.14
CA LEU I 95 -8.11 -22.05 46.02
C LEU I 95 -9.44 -22.05 45.28
N ARG I 96 -10.55 -21.87 46.00
CA ARG I 96 -11.84 -21.75 45.36
C ARG I 96 -11.98 -20.44 44.60
N TYR I 97 -11.22 -19.41 44.96
CA TYR I 97 -11.29 -18.19 44.19
C TYR I 97 -10.54 -18.34 42.87
N MET I 98 -9.44 -19.10 42.88
CA MET I 98 -8.71 -19.33 41.64
C MET I 98 -9.55 -20.13 40.66
N LEU I 99 -10.35 -21.06 41.19
CA LEU I 99 -11.31 -21.80 40.40
C LEU I 99 -12.34 -20.89 39.75
N CYS I 100 -12.86 -19.93 40.50
CA CYS I 100 -13.94 -19.10 39.97
C CYS I 100 -13.43 -18.06 39.00
N SER I 101 -12.22 -17.55 39.17
CA SER I 101 -11.74 -16.57 38.19
C SER I 101 -11.26 -17.23 36.92
N ILE I 102 -10.76 -18.46 36.99
CA ILE I 102 -10.32 -19.15 35.78
C ILE I 102 -11.53 -19.69 35.03
N THR I 103 -12.64 -19.94 35.75
CA THR I 103 -13.87 -20.35 35.08
C THR I 103 -14.49 -19.18 34.35
N GLN I 104 -14.81 -18.10 35.06
CA GLN I 104 -15.55 -17.01 34.42
C GLN I 104 -14.67 -16.16 33.51
N ARG I 105 -13.40 -16.49 33.38
CA ARG I 105 -12.66 -15.96 32.25
C ARG I 105 -12.86 -16.84 31.03
N SER I 106 -12.83 -18.16 31.22
CA SER I 106 -12.85 -19.10 30.11
C SER I 106 -14.22 -19.33 29.53
N LEU I 107 -15.27 -18.70 30.05
CA LEU I 107 -16.62 -18.78 29.52
C LEU I 107 -16.93 -17.70 28.53
N ILE I 108 -15.96 -17.12 27.84
CA ILE I 108 -16.27 -16.12 26.83
C ILE I 108 -16.20 -16.71 25.45
N ALA I 109 -15.21 -17.54 25.18
CA ALA I 109 -15.18 -18.21 23.88
C ALA I 109 -16.25 -19.27 23.69
N PRO I 110 -16.76 -19.98 24.70
CA PRO I 110 -18.02 -20.68 24.50
C PRO I 110 -19.16 -19.77 24.12
N ALA I 111 -19.37 -18.70 24.86
CA ALA I 111 -20.58 -17.92 24.68
C ALA I 111 -20.49 -17.02 23.48
N VAL I 112 -19.32 -16.83 22.91
CA VAL I 112 -19.28 -16.21 21.58
C VAL I 112 -19.60 -17.23 20.50
N TRP I 113 -19.26 -18.50 20.71
CA TRP I 113 -19.67 -19.51 19.73
C TRP I 113 -21.17 -19.75 19.78
N VAL I 114 -21.76 -19.83 20.96
CA VAL I 114 -23.17 -20.14 21.02
C VAL I 114 -24.00 -18.95 20.56
N SER I 115 -23.46 -17.74 20.68
CA SER I 115 -24.25 -16.61 20.20
C SER I 115 -24.11 -16.44 18.70
N VAL I 116 -22.92 -16.67 18.15
CA VAL I 116 -22.72 -16.55 16.71
C VAL I 116 -23.42 -17.67 15.98
N THR I 117 -23.47 -18.86 16.56
CA THR I 117 -24.22 -19.96 15.95
C THR I 117 -25.71 -19.71 16.00
N LEU I 118 -26.19 -19.03 17.03
CA LEU I 118 -27.62 -18.84 17.11
C LEU I 118 -28.07 -17.65 16.27
N MET I 119 -27.24 -16.63 16.09
CA MET I 119 -27.64 -15.56 15.18
C MET I 119 -27.61 -16.01 13.74
N ASP I 120 -26.77 -16.98 13.41
CA ASP I 120 -26.66 -17.40 12.03
C ASP I 120 -27.74 -18.39 11.67
N GLY I 121 -28.25 -19.11 12.65
CA GLY I 121 -29.40 -19.94 12.46
C GLY I 121 -29.21 -21.17 11.62
N LYS I 122 -27.97 -21.54 11.30
CA LYS I 122 -27.75 -22.73 10.50
C LYS I 122 -27.93 -23.98 11.33
N SER I 123 -27.66 -23.90 12.62
CA SER I 123 -27.75 -25.07 13.45
C SER I 123 -29.15 -25.35 13.94
N PHE I 124 -29.97 -24.32 14.14
CA PHE I 124 -31.38 -24.62 14.41
C PHE I 124 -32.08 -25.10 13.17
N LEU I 125 -31.61 -24.70 12.01
CA LEU I 125 -32.26 -25.12 10.78
C LEU I 125 -31.96 -26.57 10.48
N CYS I 126 -30.74 -27.02 10.76
CA CYS I 126 -30.40 -28.43 10.58
C CYS I 126 -31.13 -29.27 11.62
N ALA I 127 -31.17 -28.82 12.86
CA ALA I 127 -31.61 -29.68 13.93
C ALA I 127 -33.11 -29.82 13.98
N PHE I 128 -33.83 -28.75 13.64
CA PHE I 128 -35.25 -28.65 13.95
C PHE I 128 -36.13 -28.64 12.72
N SER I 129 -35.59 -28.92 11.54
CA SER I 129 -36.43 -28.88 10.35
C SER I 129 -37.10 -30.20 10.06
N ILE I 130 -37.00 -31.20 10.92
CA ILE I 130 -37.84 -32.37 10.81
C ILE I 130 -39.05 -32.25 11.71
N ASN I 131 -39.16 -31.12 12.42
CA ASN I 131 -40.20 -30.87 13.40
C ASN I 131 -41.24 -29.89 12.88
N LEU I 132 -41.06 -29.40 11.66
CA LEU I 132 -41.88 -28.35 11.12
C LEU I 132 -43.27 -28.84 10.80
N ASP I 133 -44.18 -27.90 10.64
CA ASP I 133 -45.49 -28.14 10.07
C ASP I 133 -45.44 -27.54 8.67
N ILE I 134 -45.40 -28.38 7.65
CA ILE I 134 -45.14 -27.89 6.31
C ILE I 134 -46.39 -27.28 5.70
N GLU I 135 -47.53 -27.42 6.38
CA GLU I 135 -48.74 -26.77 5.91
C GLU I 135 -48.65 -25.26 6.03
N LYS I 136 -47.87 -24.75 6.98
CA LYS I 136 -47.90 -23.33 7.29
C LYS I 136 -47.17 -22.47 6.28
N PHE I 137 -46.34 -23.05 5.41
CA PHE I 137 -45.50 -22.25 4.53
C PHE I 137 -45.84 -22.36 3.06
N GLY I 138 -46.55 -23.40 2.64
CA GLY I 138 -46.83 -23.52 1.23
C GLY I 138 -47.71 -24.68 0.81
N ASN I 139 -47.32 -25.35 -0.27
CA ASN I 139 -48.08 -26.40 -0.91
C ASN I 139 -48.28 -27.61 0.01
N ALA I 140 -49.52 -27.83 0.44
CA ALA I 140 -49.81 -28.98 1.29
C ALA I 140 -49.77 -30.28 0.49
N SER I 141 -49.93 -30.19 -0.84
CA SER I 141 -49.90 -31.37 -1.69
C SER I 141 -48.49 -31.82 -2.03
N LEU I 142 -47.46 -31.20 -1.45
CA LEU I 142 -46.12 -31.76 -1.52
C LEU I 142 -46.05 -33.08 -0.76
N VAL I 143 -46.72 -33.15 0.38
CA VAL I 143 -46.56 -34.28 1.29
C VAL I 143 -47.77 -35.19 1.34
N ILE I 144 -48.89 -34.83 0.73
CA ILE I 144 -50.01 -35.76 0.71
C ILE I 144 -49.75 -36.79 -0.37
N GLY I 145 -49.48 -38.02 0.04
CA GLY I 145 -49.06 -39.06 -0.85
C GLY I 145 -47.74 -39.72 -0.49
N MET I 146 -47.12 -39.33 0.62
CA MET I 146 -45.93 -40.04 1.08
C MET I 146 -46.13 -40.56 2.51
N THR I 147 -45.45 -41.65 2.82
CA THR I 147 -45.49 -42.29 4.11
C THR I 147 -44.72 -41.43 5.11
N GLU I 148 -44.84 -41.73 6.40
CA GLU I 148 -44.18 -40.94 7.43
C GLU I 148 -42.67 -41.08 7.38
N THR I 149 -42.16 -42.19 6.85
CA THR I 149 -40.72 -42.25 6.61
C THR I 149 -40.34 -41.30 5.48
N GLU I 150 -41.14 -41.25 4.41
CA GLU I 150 -40.80 -40.35 3.32
C GLU I 150 -41.18 -38.92 3.66
N LYS I 151 -42.09 -38.74 4.62
CA LYS I 151 -42.42 -37.42 5.12
C LYS I 151 -41.22 -36.78 5.80
N LEU I 152 -40.56 -37.54 6.69
CA LEU I 152 -39.36 -37.04 7.34
C LEU I 152 -38.24 -36.83 6.34
N LYS I 153 -38.11 -37.72 5.36
CA LYS I 153 -37.03 -37.59 4.39
C LYS I 153 -37.25 -36.42 3.46
N PHE I 154 -38.50 -36.01 3.30
CA PHE I 154 -38.77 -34.79 2.54
C PHE I 154 -38.41 -33.56 3.36
N LEU I 155 -38.77 -33.57 4.64
CA LEU I 155 -38.59 -32.39 5.48
C LEU I 155 -37.14 -32.20 5.84
N ALA I 156 -36.41 -33.30 5.99
CA ALA I 156 -35.04 -33.24 6.49
C ALA I 156 -34.08 -32.60 5.51
N ARG I 157 -34.41 -32.53 4.24
CA ARG I 157 -33.53 -31.95 3.25
C ARG I 157 -33.71 -30.45 3.10
N ILE I 158 -34.58 -29.84 3.92
CA ILE I 158 -34.73 -28.37 3.91
C ILE I 158 -33.44 -27.59 4.17
N PRO I 159 -32.56 -27.97 5.11
CA PRO I 159 -31.30 -27.22 5.21
C PRO I 159 -30.42 -27.36 4.00
N CYS I 160 -30.48 -28.53 3.36
CA CYS I 160 -29.59 -28.91 2.28
C CYS I 160 -30.08 -28.21 1.03
N LYS I 161 -29.39 -27.12 0.70
CA LYS I 161 -29.84 -26.15 -0.29
C LYS I 161 -29.97 -26.73 -1.69
N ASP I 162 -29.07 -27.63 -2.06
CA ASP I 162 -29.01 -28.24 -3.37
C ASP I 162 -29.63 -29.62 -3.43
N LEU I 163 -30.43 -30.01 -2.46
CA LEU I 163 -31.18 -31.24 -2.51
C LEU I 163 -32.67 -31.03 -2.42
N PHE I 164 -33.10 -29.79 -2.23
CA PHE I 164 -34.51 -29.49 -2.11
C PHE I 164 -34.97 -28.74 -3.35
N GLU I 165 -36.06 -29.23 -3.94
CA GLU I 165 -36.50 -28.75 -5.24
C GLU I 165 -37.43 -27.55 -5.15
N ASP I 166 -38.24 -27.46 -4.10
CA ASP I 166 -39.13 -26.33 -3.89
C ASP I 166 -38.29 -25.19 -3.35
N ASN I 167 -38.47 -24.01 -3.91
CA ASN I 167 -37.73 -22.89 -3.38
C ASN I 167 -38.63 -21.92 -2.62
N GLU I 168 -39.94 -22.11 -2.68
CA GLU I 168 -40.81 -21.24 -1.91
C GLU I 168 -40.99 -21.74 -0.49
N VAL I 169 -41.12 -23.05 -0.32
CA VAL I 169 -41.28 -23.57 1.03
C VAL I 169 -39.92 -23.78 1.65
N ARG I 170 -38.86 -23.75 0.86
CA ARG I 170 -37.55 -23.71 1.47
C ARG I 170 -37.26 -22.35 2.01
N VAL I 171 -37.56 -21.30 1.24
CA VAL I 171 -37.25 -19.95 1.71
C VAL I 171 -38.15 -19.56 2.86
N ALA I 172 -39.38 -20.04 2.86
CA ALA I 172 -40.28 -19.70 3.96
C ALA I 172 -39.93 -20.44 5.24
N ALA I 173 -39.33 -21.61 5.15
CA ALA I 173 -39.01 -22.35 6.36
C ALA I 173 -37.63 -22.03 6.89
N THR I 174 -36.67 -21.72 6.02
CA THR I 174 -35.39 -21.29 6.58
C THR I 174 -35.44 -19.88 7.07
N ARG I 175 -36.52 -19.15 6.79
CA ARG I 175 -36.67 -17.81 7.33
C ARG I 175 -37.35 -17.87 8.68
N TYR I 176 -38.24 -18.82 8.87
CA TYR I 176 -38.93 -19.00 10.14
C TYR I 176 -38.01 -19.54 11.20
N ILE I 177 -37.09 -20.44 10.85
CA ILE I 177 -36.21 -21.00 11.87
C ILE I 177 -34.96 -20.16 12.01
N LYS I 178 -34.62 -19.33 11.04
CA LYS I 178 -33.58 -18.37 11.31
C LYS I 178 -34.10 -17.25 12.20
N CYS I 179 -35.40 -16.97 12.16
CA CYS I 179 -36.00 -16.03 13.11
C CYS I 179 -35.98 -16.55 14.52
N ILE I 180 -36.52 -17.75 14.74
CA ILE I 180 -36.59 -18.31 16.09
C ILE I 180 -35.21 -18.58 16.65
N SER I 181 -34.25 -18.83 15.77
CA SER I 181 -32.87 -18.94 16.23
C SER I 181 -32.30 -17.60 16.62
N GLN I 182 -32.76 -16.51 16.01
CA GLN I 182 -32.27 -15.21 16.43
C GLN I 182 -33.00 -14.70 17.65
N ALA I 183 -34.21 -15.17 17.88
CA ALA I 183 -34.87 -14.87 19.13
C ALA I 183 -34.20 -15.57 20.29
N CYS I 184 -33.77 -16.81 20.09
CA CYS I 184 -33.05 -17.52 21.14
C CYS I 184 -31.62 -17.04 21.24
N GLY I 185 -31.11 -16.38 20.22
CA GLY I 185 -29.77 -15.83 20.31
C GLY I 185 -29.74 -14.53 21.07
N TRP I 186 -30.85 -13.78 21.08
CA TRP I 186 -30.89 -12.55 21.86
C TRP I 186 -31.30 -12.83 23.29
N MET I 187 -32.18 -13.79 23.53
CA MET I 187 -32.49 -14.13 24.90
C MET I 187 -31.36 -14.90 25.56
N PHE I 188 -30.41 -15.41 24.80
CA PHE I 188 -29.21 -15.97 25.39
C PHE I 188 -28.24 -14.88 25.77
N LEU I 189 -28.05 -13.89 24.90
CA LEU I 189 -27.15 -12.79 25.21
C LEU I 189 -27.70 -11.93 26.33
N LEU I 190 -29.00 -11.99 26.57
CA LEU I 190 -29.59 -11.22 27.63
C LEU I 190 -29.54 -11.98 28.95
N MET I 191 -29.50 -13.29 28.91
CA MET I 191 -29.35 -14.01 30.17
C MET I 191 -27.89 -14.27 30.49
N MET I 192 -27.01 -14.17 29.52
CA MET I 192 -25.58 -14.17 29.82
C MET I 192 -25.14 -12.82 30.38
N THR I 193 -25.62 -11.72 29.81
CA THR I 193 -25.21 -10.41 30.30
C THR I 193 -25.86 -10.09 31.63
N PHE I 194 -27.09 -10.54 31.86
CA PHE I 194 -27.68 -10.30 33.16
C PHE I 194 -27.08 -11.21 34.22
N THR I 195 -26.48 -12.32 33.83
CA THR I 195 -25.73 -13.10 34.81
C THR I 195 -24.41 -12.43 35.16
N ALA I 196 -23.65 -11.97 34.16
CA ALA I 196 -22.36 -11.34 34.43
C ALA I 196 -22.53 -9.99 35.11
N PHE I 197 -23.70 -9.39 34.99
CA PHE I 197 -23.98 -8.17 35.74
C PHE I 197 -24.31 -8.50 37.18
N LEU I 198 -24.83 -9.70 37.43
CA LEU I 198 -25.08 -10.09 38.81
C LEU I 198 -23.80 -10.46 39.52
N ILE I 199 -22.76 -10.86 38.79
CA ILE I 199 -21.51 -11.16 39.48
C ILE I 199 -20.59 -9.95 39.57
N ARG I 200 -20.82 -8.88 38.79
CA ARG I 200 -20.18 -7.61 39.12
C ARG I 200 -20.92 -6.87 40.23
N ALA I 201 -22.02 -7.43 40.73
CA ALA I 201 -22.68 -6.84 41.89
C ALA I 201 -22.57 -7.72 43.13
N ILE I 202 -22.10 -8.96 42.99
CA ILE I 202 -22.00 -9.84 44.16
C ILE I 202 -20.57 -10.30 44.45
N ARG I 203 -19.87 -10.83 43.44
CA ARG I 203 -18.59 -11.54 43.60
C ARG I 203 -17.41 -10.77 44.21
N PRO I 204 -17.31 -9.43 44.11
CA PRO I 204 -16.35 -8.71 44.98
C PRO I 204 -16.49 -8.94 46.48
N CYS I 205 -17.71 -9.23 46.97
CA CYS I 205 -17.89 -9.66 48.35
C CYS I 205 -17.57 -11.13 48.56
N PHE I 206 -17.44 -11.91 47.49
CA PHE I 206 -17.00 -13.29 47.60
C PHE I 206 -15.49 -13.38 47.68
N THR I 207 -14.79 -12.49 46.97
CA THR I 207 -13.33 -12.49 47.02
C THR I 207 -12.83 -11.95 48.36
N GLN I 208 -13.41 -10.83 48.83
CA GLN I 208 -13.15 -10.21 50.14
C GLN I 208 -11.68 -9.86 50.34
N ALA I 209 -11.08 -9.23 49.31
CA ALA I 209 -9.69 -8.76 49.32
C ALA I 209 -8.69 -9.88 49.59
N SER I 210 -8.99 -11.08 49.09
CA SER I 210 -8.03 -12.18 49.12
C SER I 210 -7.19 -12.24 47.86
N TYR I 211 -7.47 -11.37 46.90
CA TYR I 211 -6.71 -11.37 45.64
C TYR I 211 -5.30 -10.83 45.87
N ARG I 212 -5.10 -10.11 46.98
CA ARG I 212 -3.77 -9.59 47.30
C ARG I 212 -2.83 -10.71 47.72
N GLN I 213 -3.34 -11.68 48.48
CA GLN I 213 -2.54 -12.85 48.82
C GLN I 213 -2.34 -13.74 47.59
N GLU I 214 -3.29 -13.70 46.66
CA GLU I 214 -3.08 -14.33 45.37
C GLU I 214 -2.01 -13.61 44.55
N ALA I 215 -2.04 -12.27 44.58
CA ALA I 215 -1.09 -11.49 43.80
C ALA I 215 0.28 -11.48 44.45
N TYR I 216 0.33 -11.67 45.78
CA TYR I 216 1.62 -11.84 46.45
C TYR I 216 2.24 -13.19 46.11
N TRP I 217 1.41 -14.23 46.06
CA TRP I 217 1.93 -15.54 45.64
C TRP I 217 2.23 -15.56 44.15
N ALA I 218 1.53 -14.74 43.38
CA ALA I 218 1.85 -14.59 41.95
C ALA I 218 3.21 -13.96 41.76
N GLN I 219 3.50 -12.91 42.52
CA GLN I 219 4.81 -12.25 42.41
C GLN I 219 5.89 -13.09 43.05
N TYR I 220 5.54 -13.89 44.06
CA TYR I 220 6.53 -14.76 44.71
C TYR I 220 6.98 -15.87 43.79
N ARG I 221 6.06 -16.39 42.96
CA ARG I 221 6.45 -17.42 42.01
C ARG I 221 7.28 -16.84 40.89
N ALA I 222 6.91 -15.64 40.41
CA ALA I 222 7.55 -15.11 39.21
C ALA I 222 8.99 -14.70 39.47
N ASN I 223 9.25 -14.05 40.61
CA ASN I 223 10.62 -13.65 40.91
C ASN I 223 11.46 -14.83 41.37
N GLU I 224 10.84 -15.89 41.90
CA GLU I 224 11.62 -17.06 42.30
C GLU I 224 12.17 -17.80 41.10
N ASP I 225 11.43 -17.79 39.99
CA ASP I 225 11.96 -18.37 38.76
C ASP I 225 13.01 -17.47 38.14
N GLN I 226 12.84 -16.15 38.25
CA GLN I 226 13.83 -15.24 37.68
C GLN I 226 15.10 -15.22 38.51
N LEU I 227 14.99 -15.33 39.83
CA LEU I 227 16.19 -15.44 40.66
C LEU I 227 16.86 -16.80 40.46
N PHE I 228 16.09 -17.83 40.14
CA PHE I 228 16.67 -19.09 39.69
C PHE I 228 17.36 -18.95 38.36
N GLN I 229 16.93 -18.01 37.52
CA GLN I 229 17.61 -17.80 36.24
C GLN I 229 18.99 -17.20 36.45
N ARG I 230 19.08 -16.13 37.23
CA ARG I 230 20.36 -15.44 37.43
C ARG I 230 21.35 -16.30 38.22
N THR I 231 20.85 -17.07 39.19
CA THR I 231 21.72 -17.90 40.00
C THR I 231 22.24 -19.11 39.22
N ALA I 232 21.38 -19.75 38.40
CA ALA I 232 21.86 -20.87 37.60
C ALA I 232 22.76 -20.41 36.48
N GLU I 233 22.51 -19.21 35.94
CA GLU I 233 23.39 -18.68 34.91
C GLU I 233 24.75 -18.31 35.49
N VAL I 234 24.78 -17.84 36.74
CA VAL I 234 26.04 -17.57 37.40
C VAL I 234 26.73 -18.88 37.77
N HIS I 235 25.95 -19.89 38.16
CA HIS I 235 26.51 -21.22 38.39
C HIS I 235 26.99 -21.83 37.07
N SER I 236 26.31 -21.48 35.97
CA SER I 236 26.79 -21.85 34.65
C SER I 236 28.09 -21.15 34.28
N ARG I 237 28.27 -19.90 34.72
CA ARG I 237 29.51 -19.19 34.45
C ARG I 237 30.69 -19.85 35.15
N VAL I 238 30.46 -20.42 36.34
CA VAL I 238 31.53 -21.09 37.07
C VAL I 238 31.95 -22.36 36.34
N LEU I 239 30.98 -23.17 35.92
CA LEU I 239 31.32 -24.44 35.28
C LEU I 239 31.85 -24.24 33.86
N ALA I 240 31.43 -23.16 33.19
CA ALA I 240 31.87 -22.94 31.82
C ALA I 240 33.30 -22.47 31.76
N ALA I 241 33.75 -21.72 32.77
CA ALA I 241 35.14 -21.26 32.79
C ALA I 241 36.10 -22.41 33.04
N ASN I 242 35.73 -23.33 33.93
CA ASN I 242 36.57 -24.50 34.16
C ASN I 242 36.57 -25.43 32.95
N ASN I 243 35.45 -25.49 32.23
CA ASN I 243 35.37 -26.37 31.07
C ASN I 243 36.10 -25.79 29.87
N VAL I 244 36.17 -24.47 29.77
CA VAL I 244 36.84 -23.85 28.64
C VAL I 244 38.35 -23.95 28.80
N ARG I 245 38.84 -23.86 30.04
CA ARG I 245 40.27 -24.02 30.30
C ARG I 245 40.71 -25.45 30.00
N ARG I 246 39.83 -26.41 30.25
CA ARG I 246 40.12 -27.79 29.85
C ARG I 246 39.88 -28.00 28.36
N PHE I 247 39.19 -27.07 27.69
CA PHE I 247 38.80 -27.29 26.30
C PHE I 247 39.96 -27.18 25.31
N PHE I 248 40.53 -26.00 25.14
CA PHE I 248 41.64 -25.86 24.20
C PHE I 248 42.95 -25.62 24.96
N GLY I 249 42.83 -25.25 26.23
CA GLY I 249 43.96 -24.81 27.03
C GLY I 249 43.87 -23.33 27.35
N PHE I 250 42.66 -22.81 27.51
CA PHE I 250 42.48 -21.38 27.69
C PHE I 250 41.18 -21.03 28.41
N VAL I 251 41.27 -20.22 29.46
CA VAL I 251 40.10 -19.69 30.16
C VAL I 251 39.99 -18.21 29.83
N ALA I 252 38.81 -17.78 29.39
CA ALA I 252 38.65 -16.43 28.88
C ALA I 252 37.29 -15.88 29.26
N LEU I 253 37.27 -14.62 29.72
CA LEU I 253 36.07 -13.97 30.19
C LEU I 253 36.07 -12.48 29.81
N ASN I 254 35.06 -12.10 29.05
CA ASN I 254 34.70 -10.72 28.75
C ASN I 254 33.91 -10.16 29.93
N LYS I 255 33.08 -9.13 29.68
CA LYS I 255 32.16 -8.61 30.69
C LYS I 255 31.07 -9.59 31.17
N ASP I 256 31.09 -10.83 30.69
CA ASP I 256 30.47 -11.96 31.36
C ASP I 256 31.16 -12.34 32.66
N ASP I 257 32.35 -11.79 32.94
CA ASP I 257 32.98 -11.91 34.25
C ASP I 257 32.38 -10.96 35.28
N GLU I 258 31.53 -10.01 34.85
CA GLU I 258 30.96 -9.02 35.76
C GLU I 258 29.96 -9.63 36.73
N GLU I 259 29.34 -10.75 36.37
CA GLU I 259 28.56 -11.52 37.33
C GLU I 259 29.42 -12.55 38.04
N LEU I 260 30.58 -12.88 37.49
CA LEU I 260 31.48 -13.84 38.10
C LEU I 260 32.21 -13.24 39.30
#